data_2JG1
#
_entry.id   2JG1
#
_cell.length_a   95.200
_cell.length_b   97.090
_cell.length_c   154.470
_cell.angle_alpha   90.00
_cell.angle_beta   90.00
_cell.angle_gamma   90.00
#
_symmetry.space_group_name_H-M   'P 21 21 21'
#
loop_
_entity.id
_entity.type
_entity.pdbx_description
1 polymer 'TAGATOSE-6-PHOSPHATE KINASE'
2 non-polymer 'MAGNESIUM ION'
3 non-polymer 'PHOSPHOAMINOPHOSPHONIC ACID-ADENYLATE ESTER'
4 non-polymer 6-O-phosphono-beta-D-tagatofuranose
5 water water
#
_entity_poly.entity_id   1
_entity_poly.type   'polypeptide(L)'
_entity_poly.pdbx_seq_one_letter_code
;(MSE)GSSHHHHHHSSGLVPRGSH(MSE)ILTLTLNPSVDISYPLTALKLDDVNRVQEVSKTAGGKGLNVTRVLAQVGEP
VLASGFIGGELGQFIAKKLDHADIKHAFYNIKGETRNCIAILHEGQQTEILEQGPEIDNQEAAGFIKHFEQ(MSE)
(MSE)EKVEAVAISGSLPKGLNQDYYAQIIERCQNKGVPVILDCSGATLQTVLENPYKPTVIKPNISELYQLLNQPLDES
LESLKQAVSQPLFEGIEWIIVSLGAQGAFAKHNHTFYRVNIPTISVLNPVGSGDSTVAGITSAILNHENDHDLLKKANTL
G(MSE)LNAQEAQTGYVNLNNYDDLFNQIEVLEV
;
_entity_poly.pdbx_strand_id   A,B,C,D
#
loop_
_chem_comp.id
_chem_comp.type
_chem_comp.name
_chem_comp.formula
ANP non-polymer 'PHOSPHOAMINOPHOSPHONIC ACID-ADENYLATE ESTER' 'C10 H17 N6 O12 P3'
MG non-polymer 'MAGNESIUM ION' 'Mg 2'
TA6 D-saccharide, beta linking 6-O-phosphono-beta-D-tagatofuranose 'C6 H13 O9 P'
#
# COMPACT_ATOMS: atom_id res chain seq x y z
N GLY A 13 23.20 -36.99 -33.44
CA GLY A 13 21.79 -36.65 -33.12
C GLY A 13 21.16 -35.79 -34.20
N LEU A 14 20.11 -36.30 -34.83
CA LEU A 14 19.38 -35.55 -35.85
C LEU A 14 18.24 -34.74 -35.24
N VAL A 15 18.01 -33.56 -35.80
CA VAL A 15 16.82 -32.78 -35.47
C VAL A 15 15.58 -33.53 -36.00
N PRO A 16 14.57 -33.76 -35.13
CA PRO A 16 13.38 -34.54 -35.50
C PRO A 16 12.46 -33.84 -36.51
N ARG A 17 11.73 -34.63 -37.30
CA ARG A 17 10.86 -34.12 -38.36
C ARG A 17 9.42 -34.61 -38.27
N GLY A 18 9.04 -35.19 -37.13
CA GLY A 18 7.69 -35.75 -37.00
C GLY A 18 6.72 -34.90 -36.22
N SER A 19 5.90 -35.54 -35.40
CA SER A 19 4.88 -34.85 -34.62
C SER A 19 5.11 -34.92 -33.12
N HIS A 20 6.26 -35.43 -32.67
CA HIS A 20 6.50 -35.62 -31.23
C HIS A 20 6.83 -34.31 -30.52
N MSE A 21 5.80 -33.54 -30.22
CA MSE A 21 5.95 -32.17 -29.69
C MSE A 21 4.66 -31.73 -29.02
O MSE A 21 3.57 -32.11 -29.46
CB MSE A 21 6.31 -31.17 -30.80
CG MSE A 21 6.81 -29.76 -30.31
SE MSE A 21 7.56 -28.75 -31.77
CE MSE A 21 9.25 -29.74 -31.95
N ILE A 22 4.80 -30.93 -27.97
CA ILE A 22 3.68 -30.29 -27.30
C ILE A 22 3.51 -28.85 -27.79
N LEU A 23 2.28 -28.47 -28.09
CA LEU A 23 1.95 -27.08 -28.39
C LEU A 23 1.28 -26.45 -27.17
N THR A 24 1.79 -25.31 -26.70
CA THR A 24 1.07 -24.58 -25.65
C THR A 24 0.38 -23.35 -26.23
N LEU A 25 -0.75 -22.96 -25.64
CA LEU A 25 -1.48 -21.76 -26.05
C LEU A 25 -1.56 -20.71 -24.94
N THR A 26 -1.15 -19.49 -25.26
CA THR A 26 -1.29 -18.31 -24.39
C THR A 26 -1.96 -17.25 -25.26
N LEU A 27 -3.28 -17.21 -25.25
CA LEU A 27 -3.99 -16.27 -26.13
C LEU A 27 -3.94 -14.83 -25.61
N ASN A 28 -3.68 -14.64 -24.32
CA ASN A 28 -3.59 -13.28 -23.74
C ASN A 28 -2.34 -13.17 -22.87
N PRO A 29 -1.14 -13.16 -23.51
CA PRO A 29 0.10 -12.97 -22.76
C PRO A 29 0.22 -11.53 -22.25
N SER A 30 1.16 -11.29 -21.33
CA SER A 30 1.37 -9.96 -20.80
C SER A 30 2.85 -9.71 -20.55
N VAL A 31 3.25 -8.44 -20.60
CA VAL A 31 4.57 -8.04 -20.11
C VAL A 31 4.34 -7.61 -18.66
N ASP A 32 4.77 -8.47 -17.74
CA ASP A 32 4.53 -8.29 -16.31
C ASP A 32 5.65 -7.46 -15.74
N ILE A 33 5.29 -6.37 -15.06
CA ILE A 33 6.27 -5.50 -14.42
C ILE A 33 6.10 -5.64 -12.91
N SER A 34 7.19 -5.99 -12.23
CA SER A 34 7.19 -6.12 -10.79
C SER A 34 8.02 -5.01 -10.13
N TYR A 35 7.35 -4.25 -9.24
CA TYR A 35 7.94 -3.11 -8.54
C TYR A 35 8.06 -3.39 -7.03
N PRO A 36 9.26 -3.81 -6.58
CA PRO A 36 9.46 -3.99 -5.14
C PRO A 36 9.79 -2.65 -4.48
N LEU A 37 8.94 -2.22 -3.57
CA LEU A 37 9.09 -0.91 -2.93
C LEU A 37 9.16 -1.06 -1.41
N THR A 38 10.01 -0.25 -0.79
CA THR A 38 10.12 -0.18 0.66
C THR A 38 8.79 0.34 1.24
N ALA A 39 8.25 1.38 0.62
CA ALA A 39 6.93 1.89 0.97
C ALA A 39 6.28 2.45 -0.27
N LEU A 40 4.97 2.21 -0.43
CA LEU A 40 4.19 2.86 -1.49
C LEU A 40 3.60 4.18 -0.98
N LYS A 41 4.18 5.29 -1.41
CA LYS A 41 3.70 6.61 -1.01
C LYS A 41 2.64 7.05 -1.99
N LEU A 42 1.39 7.05 -1.52
CA LEU A 42 0.26 7.47 -2.35
C LEU A 42 0.25 8.97 -2.51
N ASP A 43 -0.26 9.41 -3.67
CA ASP A 43 -0.26 10.82 -4.08
C ASP A 43 1.14 11.43 -4.04
N ASP A 44 2.13 10.60 -4.33
CA ASP A 44 3.55 11.01 -4.34
C ASP A 44 4.31 10.22 -5.39
N VAL A 45 5.56 10.62 -5.61
CA VAL A 45 6.48 9.93 -6.50
C VAL A 45 7.22 8.82 -5.77
N ASN A 46 7.26 7.64 -6.39
CA ASN A 46 7.97 6.50 -5.84
C ASN A 46 9.06 6.10 -6.82
N ARG A 47 10.31 6.25 -6.40
CA ARG A 47 11.43 5.97 -7.29
C ARG A 47 11.93 4.55 -7.11
N VAL A 48 12.14 3.84 -8.21
CA VAL A 48 12.57 2.44 -8.17
C VAL A 48 13.82 2.22 -9.03
N GLN A 49 14.69 1.33 -8.56
CA GLN A 49 15.91 0.94 -9.28
C GLN A 49 15.85 -0.49 -9.81
N GLU A 50 15.27 -1.40 -9.03
CA GLU A 50 15.31 -2.83 -9.37
C GLU A 50 13.97 -3.39 -9.88
N VAL A 51 13.53 -2.92 -11.04
CA VAL A 51 12.35 -3.45 -11.72
C VAL A 51 12.66 -4.79 -12.39
N SER A 52 11.73 -5.74 -12.31
CA SER A 52 11.77 -6.99 -13.07
C SER A 52 10.64 -6.99 -14.11
N LYS A 53 10.98 -7.21 -15.37
CA LYS A 53 9.96 -7.26 -16.45
C LYS A 53 10.05 -8.63 -17.14
N THR A 54 8.92 -9.34 -17.19
CA THR A 54 8.93 -10.75 -17.60
C THR A 54 7.85 -11.07 -18.62
N ALA A 55 8.02 -12.18 -19.35
CA ALA A 55 7.02 -12.67 -20.27
C ALA A 55 5.96 -13.40 -19.46
N GLY A 56 4.78 -12.80 -19.34
CA GLY A 56 3.75 -13.34 -18.47
C GLY A 56 2.64 -14.08 -19.19
N GLY A 57 2.01 -14.98 -18.46
CA GLY A 57 0.93 -15.78 -18.99
C GLY A 57 1.01 -17.19 -18.44
N LYS A 58 -0.14 -17.70 -18.03
CA LYS A 58 -0.27 -19.08 -17.56
C LYS A 58 0.32 -20.09 -18.54
N GLY A 59 0.01 -19.96 -19.83
CA GLY A 59 0.55 -20.87 -20.85
C GLY A 59 2.06 -20.77 -20.99
N LEU A 60 2.58 -19.58 -20.69
CA LEU A 60 4.03 -19.37 -20.73
C LEU A 60 4.77 -20.01 -19.54
N ASN A 61 4.13 -20.01 -18.37
CA ASN A 61 4.61 -20.77 -17.23
C ASN A 61 4.67 -22.28 -17.56
N VAL A 62 3.60 -22.80 -18.15
CA VAL A 62 3.54 -24.20 -18.59
C VAL A 62 4.70 -24.48 -19.54
N THR A 63 4.86 -23.60 -20.55
CA THR A 63 5.95 -23.70 -21.51
C THR A 63 7.33 -23.78 -20.86
N ARG A 64 7.61 -22.86 -19.93
CA ARG A 64 8.92 -22.77 -19.29
C ARG A 64 9.26 -24.03 -18.47
N VAL A 65 8.27 -24.59 -17.78
CA VAL A 65 8.40 -25.83 -17.00
C VAL A 65 8.63 -27.06 -17.93
N LEU A 66 7.88 -27.13 -19.02
CA LEU A 66 8.12 -28.15 -20.04
C LEU A 66 9.55 -28.11 -20.58
N ALA A 67 10.04 -26.90 -20.86
CA ALA A 67 11.40 -26.73 -21.37
C ALA A 67 12.44 -27.22 -20.36
N GLN A 68 12.21 -26.93 -19.08
CA GLN A 68 13.04 -27.44 -17.97
C GLN A 68 13.04 -28.96 -17.86
N VAL A 69 11.86 -29.56 -17.99
CA VAL A 69 11.70 -31.03 -18.01
C VAL A 69 12.42 -31.65 -19.21
N GLY A 70 12.56 -30.89 -20.29
CA GLY A 70 13.20 -31.38 -21.51
C GLY A 70 12.25 -31.92 -22.57
N GLU A 71 10.98 -31.55 -22.50
CA GLU A 71 10.02 -31.98 -23.51
C GLU A 71 10.09 -31.05 -24.72
N PRO A 72 9.95 -31.59 -25.94
CA PRO A 72 9.85 -30.73 -27.12
C PRO A 72 8.55 -29.93 -27.05
N VAL A 73 8.66 -28.62 -27.21
CA VAL A 73 7.52 -27.74 -26.98
C VAL A 73 7.62 -26.55 -27.91
N LEU A 74 6.45 -26.07 -28.35
CA LEU A 74 6.33 -24.86 -29.15
C LEU A 74 5.25 -23.99 -28.54
N ALA A 75 5.56 -22.70 -28.35
CA ALA A 75 4.60 -21.75 -27.79
C ALA A 75 3.86 -21.02 -28.90
N SER A 76 2.53 -20.94 -28.78
CA SER A 76 1.77 -20.07 -29.68
C SER A 76 0.70 -19.30 -28.89
N GLY A 77 -0.08 -18.51 -29.63
CA GLY A 77 -1.06 -17.59 -29.05
C GLY A 77 -1.05 -16.33 -29.90
N PHE A 78 -1.48 -15.22 -29.31
CA PHE A 78 -1.50 -13.92 -30.00
C PHE A 78 -0.44 -12.98 -29.41
N ILE A 79 0.32 -12.29 -30.26
CA ILE A 79 1.18 -11.18 -29.82
C ILE A 79 0.99 -9.95 -30.70
N GLY A 80 1.17 -8.78 -30.12
CA GLY A 80 1.00 -7.53 -30.85
C GLY A 80 1.98 -6.47 -30.43
N GLY A 81 2.54 -5.75 -31.40
CA GLY A 81 3.36 -4.57 -31.15
C GLY A 81 4.70 -4.86 -30.49
N GLU A 82 5.30 -3.82 -29.94
CA GLU A 82 6.62 -3.93 -29.31
C GLU A 82 6.61 -4.82 -28.05
N LEU A 83 5.51 -4.79 -27.29
CA LEU A 83 5.39 -5.67 -26.12
C LEU A 83 5.30 -7.14 -26.54
N GLY A 84 4.64 -7.41 -27.66
CA GLY A 84 4.68 -8.77 -28.25
C GLY A 84 6.09 -9.20 -28.63
N GLN A 85 6.85 -8.27 -29.22
CA GLN A 85 8.25 -8.51 -29.55
C GLN A 85 9.12 -8.77 -28.32
N PHE A 86 8.83 -8.09 -27.21
CA PHE A 86 9.52 -8.31 -25.95
C PHE A 86 9.34 -9.78 -25.50
N ILE A 87 8.09 -10.26 -25.53
CA ILE A 87 7.79 -11.67 -25.23
C ILE A 87 8.57 -12.67 -26.10
N ALA A 88 8.54 -12.47 -27.42
CA ALA A 88 9.30 -13.31 -28.36
C ALA A 88 10.79 -13.38 -27.99
N LYS A 89 11.35 -12.23 -27.65
CA LYS A 89 12.75 -12.06 -27.25
CA LYS A 89 12.76 -12.12 -27.29
C LYS A 89 13.09 -12.83 -25.98
N LYS A 90 12.18 -12.77 -25.01
CA LYS A 90 12.39 -13.50 -23.75
C LYS A 90 12.41 -15.00 -24.04
N LEU A 91 11.52 -15.45 -24.93
CA LEU A 91 11.50 -16.86 -25.32
C LEU A 91 12.77 -17.26 -26.11
N ASP A 92 13.20 -16.41 -27.05
CA ASP A 92 14.46 -16.61 -27.76
C ASP A 92 15.67 -16.76 -26.82
N HIS A 93 15.74 -15.92 -25.79
CA HIS A 93 16.85 -15.98 -24.81
C HIS A 93 16.89 -17.32 -24.08
N ALA A 94 15.72 -17.92 -23.89
CA ALA A 94 15.57 -19.18 -23.20
C ALA A 94 15.66 -20.39 -24.13
N ASP A 95 15.82 -20.12 -25.42
CA ASP A 95 15.86 -21.13 -26.48
C ASP A 95 14.56 -21.92 -26.58
N ILE A 96 13.45 -21.24 -26.35
CA ILE A 96 12.13 -21.83 -26.50
C ILE A 96 11.54 -21.43 -27.85
N LYS A 97 11.12 -22.45 -28.62
CA LYS A 97 10.55 -22.18 -29.92
CA LYS A 97 10.51 -22.27 -29.94
C LYS A 97 9.13 -21.65 -29.81
N HIS A 98 8.79 -20.74 -30.71
CA HIS A 98 7.45 -20.14 -30.72
C HIS A 98 6.97 -19.86 -32.13
N ALA A 99 5.65 -19.88 -32.31
CA ALA A 99 5.02 -19.50 -33.56
C ALA A 99 3.70 -18.77 -33.25
N PHE A 100 3.81 -17.58 -32.66
CA PHE A 100 2.65 -16.76 -32.34
C PHE A 100 2.00 -16.17 -33.60
N TYR A 101 0.71 -15.85 -33.51
CA TYR A 101 0.01 -15.13 -34.59
C TYR A 101 0.05 -13.62 -34.27
N ASN A 102 0.47 -12.82 -35.25
CA ASN A 102 0.66 -11.39 -35.05
C ASN A 102 -0.64 -10.64 -35.25
N ILE A 103 -0.96 -9.78 -34.29
CA ILE A 103 -2.20 -9.01 -34.36
C ILE A 103 -1.89 -7.52 -34.50
N LYS A 104 -2.88 -6.75 -34.90
CA LYS A 104 -2.71 -5.31 -35.07
C LYS A 104 -2.74 -4.57 -33.74
N GLY A 105 -3.37 -5.16 -32.73
CA GLY A 105 -3.41 -4.58 -31.39
C GLY A 105 -2.09 -4.78 -30.68
N GLU A 106 -2.00 -4.26 -29.46
CA GLU A 106 -0.75 -4.34 -28.69
C GLU A 106 -0.93 -5.30 -27.50
N THR A 107 0.04 -6.18 -27.31
CA THR A 107 0.13 -7.01 -26.13
C THR A 107 0.11 -6.09 -24.89
N ARG A 108 -0.58 -6.56 -23.84
CA ARG A 108 -0.82 -5.79 -22.59
C ARG A 108 0.36 -5.83 -21.61
N ASN A 109 0.38 -4.87 -20.67
CA ASN A 109 1.20 -4.96 -19.47
C ASN A 109 0.34 -5.42 -18.32
N CYS A 110 0.97 -5.98 -17.30
CA CYS A 110 0.34 -6.09 -15.97
C CYS A 110 1.36 -5.62 -14.94
N ILE A 111 0.88 -4.99 -13.88
CA ILE A 111 1.73 -4.37 -12.86
C ILE A 111 1.54 -5.10 -11.53
N ALA A 112 2.64 -5.45 -10.86
CA ALA A 112 2.58 -5.89 -9.46
C ALA A 112 3.47 -4.99 -8.62
N ILE A 113 2.89 -4.37 -7.61
CA ILE A 113 3.64 -3.54 -6.65
C ILE A 113 3.80 -4.33 -5.36
N LEU A 114 5.06 -4.62 -5.01
CA LEU A 114 5.35 -5.43 -3.83
C LEU A 114 5.82 -4.49 -2.73
N HIS A 115 4.97 -4.26 -1.73
CA HIS A 115 5.23 -3.20 -0.76
C HIS A 115 4.62 -3.52 0.60
N GLU A 116 5.43 -3.45 1.66
CA GLU A 116 4.88 -3.49 3.02
C GLU A 116 4.04 -4.76 3.27
N GLY A 117 4.52 -5.89 2.75
CA GLY A 117 3.83 -7.18 2.91
C GLY A 117 2.61 -7.35 2.02
N GLN A 118 2.39 -6.38 1.12
CA GLN A 118 1.25 -6.39 0.23
C GLN A 118 1.67 -6.64 -1.21
N GLN A 119 0.72 -7.12 -2.00
CA GLN A 119 0.87 -7.24 -3.45
C GLN A 119 -0.28 -6.51 -4.15
N THR A 120 -0.02 -5.30 -4.65
CA THR A 120 -1.05 -4.48 -5.26
C THR A 120 -0.89 -4.61 -6.77
N GLU A 121 -1.94 -5.07 -7.45
CA GLU A 121 -1.85 -5.38 -8.87
C GLU A 121 -2.80 -4.57 -9.73
N ILE A 122 -2.33 -4.25 -10.92
CA ILE A 122 -3.12 -3.59 -11.95
C ILE A 122 -3.09 -4.46 -13.19
N LEU A 123 -4.25 -5.00 -13.56
CA LEU A 123 -4.32 -5.94 -14.69
C LEU A 123 -5.08 -5.31 -15.85
N GLU A 124 -4.40 -5.19 -16.99
CA GLU A 124 -5.00 -4.61 -18.20
C GLU A 124 -5.83 -5.65 -18.93
N GLN A 125 -6.96 -5.21 -19.46
CA GLN A 125 -7.84 -6.04 -20.29
C GLN A 125 -7.09 -6.59 -21.52
N GLY A 126 -6.24 -5.77 -22.14
CA GLY A 126 -5.46 -6.22 -23.30
C GLY A 126 -6.13 -5.90 -24.62
N PRO A 127 -5.58 -6.42 -25.73
CA PRO A 127 -6.04 -6.09 -27.08
C PRO A 127 -7.36 -6.77 -27.46
N GLU A 128 -8.05 -6.19 -28.42
CA GLU A 128 -9.21 -6.83 -29.01
C GLU A 128 -8.74 -7.56 -30.27
N ILE A 129 -9.18 -8.81 -30.42
CA ILE A 129 -8.88 -9.60 -31.61
C ILE A 129 -9.99 -9.37 -32.62
N ASP A 130 -9.63 -8.97 -33.83
CA ASP A 130 -10.64 -8.75 -34.85
C ASP A 130 -11.00 -10.08 -35.56
N ASN A 131 -12.01 -10.02 -36.44
CA ASN A 131 -12.53 -11.23 -37.06
C ASN A 131 -11.53 -11.92 -37.98
N GLN A 132 -10.75 -11.14 -38.73
CA GLN A 132 -9.71 -11.68 -39.62
C GLN A 132 -8.61 -12.41 -38.83
N GLU A 133 -8.22 -11.83 -37.69
CA GLU A 133 -7.19 -12.41 -36.85
C GLU A 133 -7.69 -13.70 -36.16
N ALA A 134 -8.94 -13.68 -35.72
CA ALA A 134 -9.56 -14.84 -35.10
C ALA A 134 -9.59 -16.00 -36.09
N ALA A 135 -10.04 -15.73 -37.32
CA ALA A 135 -10.05 -16.71 -38.41
C ALA A 135 -8.64 -17.18 -38.81
N GLY A 136 -7.72 -16.24 -38.92
CA GLY A 136 -6.33 -16.56 -39.28
C GLY A 136 -5.67 -17.48 -38.29
N PHE A 137 -5.91 -17.26 -37.00
CA PHE A 137 -5.30 -18.10 -35.97
C PHE A 137 -5.76 -19.55 -36.06
N ILE A 138 -7.06 -19.73 -36.30
CA ILE A 138 -7.64 -21.05 -36.44
C ILE A 138 -6.97 -21.79 -37.59
N LYS A 139 -6.72 -21.08 -38.70
CA LYS A 139 -6.04 -21.69 -39.85
CA LYS A 139 -6.04 -21.69 -39.85
C LYS A 139 -4.58 -22.05 -39.53
N HIS A 140 -3.87 -21.13 -38.87
CA HIS A 140 -2.52 -21.34 -38.35
C HIS A 140 -2.46 -22.57 -37.41
N PHE A 141 -3.43 -22.67 -36.51
CA PHE A 141 -3.55 -23.78 -35.57
C PHE A 141 -3.80 -25.11 -36.29
N GLU A 142 -4.70 -25.09 -37.28
CA GLU A 142 -4.92 -26.26 -38.13
C GLU A 142 -3.62 -26.81 -38.73
N GLN A 143 -2.82 -25.92 -39.30
CA GLN A 143 -1.56 -26.29 -39.94
C GLN A 143 -0.51 -26.85 -38.97
N MSE A 144 -0.64 -26.50 -37.69
CA MSE A 144 0.30 -26.97 -36.67
CA MSE A 144 0.28 -26.96 -36.66
C MSE A 144 -0.03 -28.38 -36.18
O MSE A 144 0.82 -29.04 -35.59
CB MSE A 144 0.33 -26.00 -35.48
CB MSE A 144 0.29 -26.00 -35.45
CG MSE A 144 0.80 -24.62 -35.88
CG MSE A 144 1.04 -24.69 -35.69
SE MSE A 144 1.81 -23.66 -34.53
SE MSE A 144 1.24 -23.54 -34.10
CE MSE A 144 3.27 -23.18 -35.75
CE MSE A 144 -0.61 -23.04 -33.79
N MSE A 145 -1.26 -28.84 -36.44
CA MSE A 145 -1.75 -30.16 -36.00
C MSE A 145 -0.93 -31.37 -36.42
O MSE A 145 -0.86 -32.36 -35.69
CB MSE A 145 -3.22 -30.38 -36.38
CG MSE A 145 -4.25 -29.58 -35.59
SE MSE A 145 -4.06 -29.73 -33.66
CE MSE A 145 -2.64 -28.43 -33.33
N GLU A 146 -0.32 -31.30 -37.61
CA GLU A 146 0.46 -32.43 -38.12
C GLU A 146 1.84 -32.53 -37.48
N LYS A 147 2.25 -31.46 -36.79
CA LYS A 147 3.56 -31.42 -36.12
C LYS A 147 3.49 -31.58 -34.59
N VAL A 148 2.30 -31.82 -34.03
CA VAL A 148 2.20 -31.93 -32.57
C VAL A 148 1.36 -33.13 -32.12
N GLU A 149 1.58 -33.59 -30.90
CA GLU A 149 0.87 -34.74 -30.31
C GLU A 149 0.09 -34.43 -29.03
N ALA A 150 0.22 -33.19 -28.52
CA ALA A 150 -0.54 -32.78 -27.33
C ALA A 150 -0.66 -31.25 -27.31
N VAL A 151 -1.81 -30.74 -26.87
CA VAL A 151 -2.01 -29.27 -26.79
C VAL A 151 -2.39 -28.89 -25.37
N ALA A 152 -1.61 -28.00 -24.75
CA ALA A 152 -1.97 -27.43 -23.46
C ALA A 152 -2.52 -25.99 -23.58
N ILE A 153 -3.73 -25.79 -23.08
CA ILE A 153 -4.41 -24.49 -23.16
C ILE A 153 -4.65 -23.94 -21.77
N SER A 154 -4.12 -22.75 -21.49
CA SER A 154 -4.25 -22.10 -20.19
C SER A 154 -4.77 -20.67 -20.33
N GLY A 155 -5.58 -20.25 -19.36
CA GLY A 155 -6.05 -18.86 -19.30
C GLY A 155 -7.32 -18.55 -20.05
N SER A 156 -7.85 -17.36 -19.81
CA SER A 156 -9.09 -16.91 -20.44
C SER A 156 -8.83 -16.29 -21.81
N LEU A 157 -9.91 -16.10 -22.56
CA LEU A 157 -9.84 -15.53 -23.90
C LEU A 157 -9.66 -14.02 -23.83
N PRO A 158 -8.84 -13.45 -24.72
CA PRO A 158 -8.82 -11.99 -24.86
C PRO A 158 -10.15 -11.45 -25.43
N LYS A 159 -10.37 -10.14 -25.29
CA LYS A 159 -11.56 -9.50 -25.84
C LYS A 159 -11.70 -9.67 -27.35
N GLY A 160 -12.94 -9.77 -27.82
CA GLY A 160 -13.24 -9.78 -29.25
C GLY A 160 -13.47 -11.15 -29.86
N LEU A 161 -13.06 -12.19 -29.14
CA LEU A 161 -13.22 -13.55 -29.62
C LEU A 161 -14.63 -14.03 -29.31
N ASN A 162 -15.20 -14.83 -30.21
CA ASN A 162 -16.43 -15.52 -29.90
C ASN A 162 -16.29 -16.39 -28.65
N GLN A 163 -17.40 -16.55 -27.94
CA GLN A 163 -17.49 -17.31 -26.71
C GLN A 163 -17.04 -18.76 -26.90
N ASP A 164 -17.25 -19.26 -28.11
CA ASP A 164 -16.96 -20.64 -28.47
C ASP A 164 -15.52 -20.88 -28.95
N TYR A 165 -14.63 -19.91 -28.79
CA TYR A 165 -13.32 -20.02 -29.46
C TYR A 165 -12.49 -21.23 -29.03
N TYR A 166 -12.46 -21.51 -27.73
CA TYR A 166 -11.77 -22.69 -27.23
C TYR A 166 -12.45 -23.98 -27.72
N ALA A 167 -13.79 -23.94 -27.79
CA ALA A 167 -14.55 -25.06 -28.34
C ALA A 167 -14.15 -25.35 -29.78
N GLN A 168 -14.01 -24.29 -30.57
CA GLN A 168 -13.53 -24.37 -31.97
C GLN A 168 -12.11 -24.95 -32.06
N ILE A 169 -11.23 -24.53 -31.16
CA ILE A 169 -9.84 -25.03 -31.11
C ILE A 169 -9.83 -26.52 -30.75
N ILE A 170 -10.58 -26.90 -29.71
CA ILE A 170 -10.66 -28.29 -29.26
C ILE A 170 -11.23 -29.23 -30.34
N GLU A 171 -12.19 -28.72 -31.10
CA GLU A 171 -12.71 -29.42 -32.30
C GLU A 171 -11.61 -29.74 -33.31
N ARG A 172 -10.73 -28.79 -33.60
CA ARG A 172 -9.59 -28.99 -34.50
C ARG A 172 -8.64 -30.07 -33.98
N CYS A 173 -8.46 -30.12 -32.66
CA CYS A 173 -7.63 -31.14 -32.04
C CYS A 173 -8.27 -32.52 -32.15
N GLN A 174 -9.53 -32.61 -31.75
CA GLN A 174 -10.32 -33.83 -31.80
C GLN A 174 -10.38 -34.42 -33.22
N ASN A 175 -10.45 -33.54 -34.23
CA ASN A 175 -10.45 -33.93 -35.64
C ASN A 175 -9.15 -34.60 -36.13
N LYS A 176 -8.05 -34.38 -35.40
CA LYS A 176 -6.75 -34.96 -35.78
C LYS A 176 -6.20 -35.93 -34.72
N GLY A 177 -7.01 -36.25 -33.72
CA GLY A 177 -6.63 -37.19 -32.67
C GLY A 177 -5.61 -36.67 -31.68
N VAL A 178 -5.56 -35.34 -31.51
CA VAL A 178 -4.59 -34.69 -30.62
C VAL A 178 -5.25 -34.36 -29.27
N PRO A 179 -4.71 -34.94 -28.17
CA PRO A 179 -5.28 -34.70 -26.83
C PRO A 179 -5.04 -33.26 -26.35
N VAL A 180 -6.06 -32.70 -25.70
CA VAL A 180 -6.03 -31.35 -25.14
C VAL A 180 -6.04 -31.42 -23.63
N ILE A 181 -5.05 -30.78 -23.02
CA ILE A 181 -5.03 -30.54 -21.58
C ILE A 181 -5.47 -29.08 -21.34
N LEU A 182 -6.58 -28.91 -20.61
CA LEU A 182 -7.21 -27.60 -20.47
C LEU A 182 -7.21 -27.06 -19.05
N ASP A 183 -6.71 -25.84 -18.87
CA ASP A 183 -6.67 -25.21 -17.56
C ASP A 183 -7.27 -23.80 -17.65
N CYS A 184 -8.60 -23.75 -17.59
CA CYS A 184 -9.33 -22.48 -17.43
C CYS A 184 -10.36 -22.57 -16.31
N SER A 185 -11.01 -21.45 -16.02
CA SER A 185 -11.97 -21.43 -14.90
C SER A 185 -13.23 -20.66 -15.23
N GLY A 186 -14.19 -20.73 -14.31
CA GLY A 186 -15.43 -19.98 -14.40
C GLY A 186 -16.19 -20.24 -15.68
N ALA A 187 -16.74 -19.16 -16.25
CA ALA A 187 -17.54 -19.25 -17.46
C ALA A 187 -16.76 -19.77 -18.65
N THR A 188 -15.45 -19.53 -18.68
CA THR A 188 -14.62 -20.02 -19.78
C THR A 188 -14.66 -21.55 -19.80
N LEU A 189 -14.45 -22.17 -18.65
CA LEU A 189 -14.51 -23.62 -18.53
C LEU A 189 -15.91 -24.15 -18.80
N GLN A 190 -16.91 -23.46 -18.26
CA GLN A 190 -18.33 -23.83 -18.40
CA GLN A 190 -18.33 -23.84 -18.41
C GLN A 190 -18.75 -23.98 -19.87
N THR A 191 -18.35 -23.01 -20.69
CA THR A 191 -18.64 -23.00 -22.11
C THR A 191 -18.03 -24.22 -22.83
N VAL A 192 -16.86 -24.64 -22.37
CA VAL A 192 -16.22 -25.82 -22.96
C VAL A 192 -17.00 -27.10 -22.60
N LEU A 193 -17.37 -27.23 -21.33
CA LEU A 193 -18.00 -28.43 -20.78
C LEU A 193 -19.34 -28.76 -21.44
N GLU A 194 -20.07 -27.70 -21.80
CA GLU A 194 -21.36 -27.79 -22.47
C GLU A 194 -21.26 -28.04 -23.96
N ASN A 195 -20.06 -27.91 -24.53
CA ASN A 195 -19.88 -28.14 -25.95
C ASN A 195 -19.53 -29.59 -26.23
N PRO A 196 -19.91 -30.11 -27.41
CA PRO A 196 -19.68 -31.53 -27.70
C PRO A 196 -18.21 -31.97 -27.80
N TYR A 197 -17.31 -31.04 -28.13
CA TYR A 197 -15.89 -31.36 -28.31
C TYR A 197 -15.09 -31.21 -27.03
N LYS A 198 -14.51 -32.33 -26.58
CA LYS A 198 -14.03 -32.45 -25.21
C LYS A 198 -12.51 -32.37 -25.05
N PRO A 199 -12.06 -31.67 -23.98
CA PRO A 199 -10.66 -31.81 -23.58
C PRO A 199 -10.42 -33.21 -23.00
N THR A 200 -9.16 -33.66 -23.07
CA THR A 200 -8.76 -34.96 -22.54
C THR A 200 -8.55 -34.83 -21.05
N VAL A 201 -7.99 -33.70 -20.63
CA VAL A 201 -7.71 -33.42 -19.24
C VAL A 201 -8.24 -32.02 -18.88
N ILE A 202 -8.92 -31.91 -17.75
CA ILE A 202 -9.11 -30.62 -17.10
C ILE A 202 -8.44 -30.64 -15.73
N LYS A 203 -7.92 -29.48 -15.33
CA LYS A 203 -7.21 -29.36 -14.06
C LYS A 203 -7.70 -28.17 -13.22
N PRO A 204 -8.93 -28.26 -12.67
CA PRO A 204 -9.31 -27.22 -11.72
C PRO A 204 -8.64 -27.46 -10.37
N ASN A 205 -8.43 -26.40 -9.59
CA ASN A 205 -8.25 -26.57 -8.16
C ASN A 205 -9.63 -26.76 -7.55
N ILE A 206 -9.69 -27.16 -6.28
CA ILE A 206 -10.96 -27.46 -5.62
C ILE A 206 -11.91 -26.24 -5.55
N SER A 207 -11.33 -25.06 -5.35
CA SER A 207 -12.05 -23.80 -5.41
C SER A 207 -12.77 -23.61 -6.76
N GLU A 208 -12.04 -23.86 -7.85
CA GLU A 208 -12.59 -23.72 -9.21
C GLU A 208 -13.63 -24.77 -9.56
N LEU A 209 -13.49 -25.96 -8.95
CA LEU A 209 -14.41 -27.07 -9.18
C LEU A 209 -15.82 -26.76 -8.67
N TYR A 210 -15.89 -26.17 -7.48
CA TYR A 210 -17.17 -25.99 -6.80
C TYR A 210 -17.92 -24.73 -7.22
N GLN A 211 -17.19 -23.63 -7.43
CA GLN A 211 -17.81 -22.40 -7.93
C GLN A 211 -18.35 -22.57 -9.35
N LEU A 212 -17.80 -23.54 -10.07
CA LEU A 212 -18.30 -23.95 -11.38
C LEU A 212 -19.61 -24.72 -11.24
N LEU A 213 -19.77 -25.40 -10.10
CA LEU A 213 -20.97 -26.19 -9.81
C LEU A 213 -22.04 -25.37 -9.07
N ASN A 214 -21.70 -24.12 -8.76
CA ASN A 214 -22.55 -23.22 -7.97
C ASN A 214 -23.07 -23.89 -6.69
N GLN A 215 -22.19 -24.68 -6.07
CA GLN A 215 -22.43 -25.32 -4.78
C GLN A 215 -21.22 -25.09 -3.86
N PRO A 216 -21.41 -25.21 -2.52
CA PRO A 216 -20.35 -24.86 -1.57
C PRO A 216 -19.16 -25.84 -1.55
N LEU A 217 -17.97 -25.30 -1.26
CA LEU A 217 -16.72 -26.05 -1.19
C LEU A 217 -16.74 -27.12 -0.09
N ASP A 218 -16.51 -28.37 -0.49
CA ASP A 218 -16.48 -29.49 0.45
C ASP A 218 -15.26 -30.38 0.20
N GLU A 219 -14.42 -30.50 1.23
CA GLU A 219 -13.14 -31.22 1.12
C GLU A 219 -13.25 -32.75 1.32
N SER A 220 -14.47 -33.24 1.51
CA SER A 220 -14.69 -34.67 1.74
C SER A 220 -14.61 -35.48 0.45
N LEU A 221 -14.15 -36.72 0.55
CA LEU A 221 -13.96 -37.59 -0.62
C LEU A 221 -15.26 -37.93 -1.33
N GLU A 222 -16.31 -38.15 -0.54
CA GLU A 222 -17.62 -38.55 -1.06
C GLU A 222 -18.27 -37.44 -1.88
N SER A 223 -18.14 -36.20 -1.40
CA SER A 223 -18.65 -35.02 -2.07
C SER A 223 -17.89 -34.79 -3.37
N LEU A 224 -16.55 -34.94 -3.31
CA LEU A 224 -15.68 -34.84 -4.47
C LEU A 224 -16.03 -35.82 -5.58
N LYS A 225 -16.29 -37.08 -5.21
CA LYS A 225 -16.70 -38.13 -6.15
C LYS A 225 -17.96 -37.75 -6.92
N GLN A 226 -18.95 -37.26 -6.18
CA GLN A 226 -20.22 -36.83 -6.75
C GLN A 226 -20.01 -35.65 -7.70
N ALA A 227 -19.23 -34.67 -7.23
CA ALA A 227 -18.90 -33.46 -7.99
C ALA A 227 -18.37 -33.78 -9.39
N VAL A 228 -17.25 -34.51 -9.45
CA VAL A 228 -16.60 -34.86 -10.72
C VAL A 228 -17.38 -35.84 -11.58
N SER A 229 -18.42 -36.47 -10.99
CA SER A 229 -19.24 -37.47 -11.68
C SER A 229 -20.48 -36.89 -12.35
N GLN A 230 -20.77 -35.61 -12.04
CA GLN A 230 -21.92 -34.91 -12.62
C GLN A 230 -21.89 -34.88 -14.17
N PRO A 231 -23.08 -34.81 -14.81
CA PRO A 231 -23.15 -34.82 -16.28
C PRO A 231 -22.52 -33.61 -16.96
N LEU A 232 -22.12 -32.61 -16.18
CA LEU A 232 -21.37 -31.46 -16.67
C LEU A 232 -20.03 -31.93 -17.22
N PHE A 233 -19.45 -32.93 -16.55
CA PHE A 233 -18.08 -33.39 -16.83
C PHE A 233 -18.00 -34.66 -17.66
N GLU A 234 -19.12 -35.04 -18.28
CA GLU A 234 -19.17 -36.24 -19.12
C GLU A 234 -18.26 -36.11 -20.34
N GLY A 235 -17.71 -37.24 -20.80
CA GLY A 235 -16.85 -37.28 -21.98
C GLY A 235 -15.43 -36.79 -21.73
N ILE A 236 -15.11 -36.49 -20.48
CA ILE A 236 -13.76 -36.03 -20.11
C ILE A 236 -12.99 -37.17 -19.44
N GLU A 237 -11.91 -37.61 -20.09
CA GLU A 237 -11.12 -38.75 -19.65
C GLU A 237 -10.47 -38.53 -18.28
N TRP A 238 -9.76 -37.42 -18.10
CA TRP A 238 -9.12 -37.08 -16.84
C TRP A 238 -9.72 -35.82 -16.24
N ILE A 239 -10.18 -35.91 -15.00
CA ILE A 239 -10.51 -34.74 -14.21
C ILE A 239 -9.56 -34.73 -13.03
N ILE A 240 -8.60 -33.80 -13.05
CA ILE A 240 -7.59 -33.74 -11.99
C ILE A 240 -7.80 -32.50 -11.15
N VAL A 241 -8.33 -32.70 -9.95
CA VAL A 241 -8.61 -31.63 -9.01
C VAL A 241 -7.43 -31.46 -8.07
N SER A 242 -6.68 -30.37 -8.21
CA SER A 242 -5.53 -30.10 -7.36
C SER A 242 -5.96 -29.45 -6.04
N LEU A 243 -5.28 -29.80 -4.96
CA LEU A 243 -5.73 -29.41 -3.62
C LEU A 243 -4.64 -28.72 -2.83
N GLY A 244 -3.84 -27.92 -3.51
CA GLY A 244 -2.68 -27.29 -2.88
C GLY A 244 -1.91 -28.30 -2.03
N ALA A 245 -1.72 -27.98 -0.75
CA ALA A 245 -0.92 -28.81 0.17
C ALA A 245 -1.46 -30.22 0.41
N GLN A 246 -2.74 -30.45 0.14
CA GLN A 246 -3.36 -31.76 0.34
C GLN A 246 -3.18 -32.72 -0.85
N GLY A 247 -2.50 -32.26 -1.89
CA GLY A 247 -2.19 -33.08 -3.06
C GLY A 247 -3.21 -32.98 -4.17
N ALA A 248 -3.80 -34.10 -4.52
CA ALA A 248 -4.77 -34.14 -5.61
C ALA A 248 -5.87 -35.19 -5.40
N PHE A 249 -7.01 -34.94 -6.03
CA PHE A 249 -8.04 -35.94 -6.17
C PHE A 249 -8.30 -36.01 -7.65
N ALA A 250 -8.41 -37.21 -8.20
CA ALA A 250 -8.54 -37.38 -9.64
C ALA A 250 -9.54 -38.44 -10.04
N LYS A 251 -10.13 -38.26 -11.22
CA LYS A 251 -10.97 -39.26 -11.85
C LYS A 251 -10.45 -39.57 -13.26
N HIS A 252 -10.10 -40.84 -13.50
CA HIS A 252 -9.75 -41.31 -14.84
C HIS A 252 -10.78 -42.33 -15.32
N ASN A 253 -11.47 -41.98 -16.40
CA ASN A 253 -12.65 -42.72 -16.87
C ASN A 253 -13.62 -43.06 -15.73
N HIS A 254 -13.50 -44.26 -15.15
CA HIS A 254 -14.39 -44.68 -14.07
C HIS A 254 -13.64 -45.07 -12.80
N THR A 255 -12.43 -44.52 -12.63
CA THR A 255 -11.56 -44.82 -11.50
C THR A 255 -11.25 -43.54 -10.72
N PHE A 256 -11.21 -43.65 -9.39
CA PHE A 256 -10.91 -42.50 -8.54
C PHE A 256 -9.57 -42.65 -7.86
N TYR A 257 -8.76 -41.62 -7.92
CA TYR A 257 -7.48 -41.62 -7.23
C TYR A 257 -7.44 -40.52 -6.19
N ARG A 258 -6.78 -40.82 -5.09
CA ARG A 258 -6.44 -39.81 -4.11
C ARG A 258 -4.92 -39.76 -4.09
N VAL A 259 -4.36 -38.56 -4.18
CA VAL A 259 -2.92 -38.41 -4.31
C VAL A 259 -2.40 -37.67 -3.07
N ASN A 260 -1.77 -38.43 -2.18
CA ASN A 260 -1.22 -37.89 -0.95
C ASN A 260 0.23 -37.51 -1.14
N ILE A 261 0.60 -36.36 -0.60
CA ILE A 261 1.93 -35.79 -0.81
C ILE A 261 2.55 -35.36 0.53
N PRO A 262 3.88 -35.48 0.66
CA PRO A 262 4.60 -35.04 1.87
C PRO A 262 4.57 -33.53 2.12
N THR A 263 4.73 -33.14 3.38
CA THR A 263 4.80 -31.72 3.74
C THR A 263 6.20 -31.16 3.44
N ILE A 264 6.23 -29.99 2.80
CA ILE A 264 7.49 -29.36 2.36
C ILE A 264 7.57 -27.88 2.73
N SER A 265 8.74 -27.28 2.54
CA SER A 265 8.94 -25.86 2.79
C SER A 265 8.52 -24.99 1.60
N VAL A 266 7.39 -24.31 1.76
CA VAL A 266 6.79 -23.48 0.72
C VAL A 266 7.31 -22.04 0.71
N LEU A 267 7.63 -21.55 -0.47
CA LEU A 267 7.98 -20.16 -0.69
C LEU A 267 6.91 -19.40 -1.48
N ASN A 268 6.49 -19.95 -2.63
CA ASN A 268 5.46 -19.33 -3.45
C ASN A 268 4.75 -20.37 -4.30
N PRO A 269 3.51 -20.74 -3.92
CA PRO A 269 2.76 -21.79 -4.61
C PRO A 269 2.10 -21.30 -5.91
N VAL A 270 2.25 -20.02 -6.23
CA VAL A 270 1.69 -19.48 -7.46
C VAL A 270 2.39 -20.12 -8.65
N GLY A 271 1.60 -20.55 -9.62
CA GLY A 271 2.12 -21.25 -10.80
C GLY A 271 2.34 -22.73 -10.58
N SER A 272 1.87 -23.24 -9.44
CA SER A 272 2.02 -24.66 -9.12
C SER A 272 1.06 -25.51 -9.93
N GLY A 273 -0.12 -24.95 -10.19
CA GLY A 273 -1.09 -25.58 -11.09
C GLY A 273 -0.62 -25.59 -12.53
N ASP A 274 -0.01 -24.50 -12.98
CA ASP A 274 0.63 -24.47 -14.30
C ASP A 274 1.73 -25.54 -14.40
N SER A 275 2.46 -25.71 -13.30
CA SER A 275 3.55 -26.69 -13.22
C SER A 275 2.99 -28.09 -13.24
N THR A 276 1.88 -28.29 -12.54
CA THR A 276 1.09 -29.52 -12.60
C THR A 276 0.67 -29.85 -14.05
N VAL A 277 0.05 -28.87 -14.72
CA VAL A 277 -0.40 -28.98 -16.12
C VAL A 277 0.73 -29.38 -17.08
N ALA A 278 1.93 -28.81 -16.87
CA ALA A 278 3.14 -29.22 -17.59
C ALA A 278 3.43 -30.70 -17.35
N GLY A 279 3.33 -31.14 -16.08
CA GLY A 279 3.56 -32.54 -15.71
C GLY A 279 2.58 -33.48 -16.36
N ILE A 280 1.30 -33.11 -16.32
CA ILE A 280 0.25 -33.87 -17.00
C ILE A 280 0.53 -33.96 -18.49
N THR A 281 0.92 -32.84 -19.09
CA THR A 281 1.12 -32.80 -20.55
C THR A 281 2.32 -33.66 -20.97
N SER A 282 3.42 -33.56 -20.23
CA SER A 282 4.59 -34.40 -20.43
C SER A 282 4.22 -35.88 -20.35
N ALA A 283 3.34 -36.21 -19.41
CA ALA A 283 2.95 -37.59 -19.17
C ALA A 283 2.02 -38.14 -20.26
N ILE A 284 1.10 -37.29 -20.72
CA ILE A 284 0.25 -37.62 -21.88
C ILE A 284 1.06 -37.80 -23.17
N LEU A 285 1.98 -36.87 -23.45
CA LEU A 285 2.86 -37.00 -24.60
C LEU A 285 3.57 -38.37 -24.63
N ASN A 286 4.02 -38.83 -23.47
CA ASN A 286 4.80 -40.06 -23.34
C ASN A 286 4.00 -41.32 -23.04
N HIS A 287 2.68 -41.18 -22.98
CA HIS A 287 1.77 -42.31 -22.71
C HIS A 287 2.06 -43.04 -21.39
N GLU A 288 2.39 -42.25 -20.37
CA GLU A 288 2.67 -42.77 -19.04
C GLU A 288 1.42 -43.35 -18.37
N ASN A 289 1.63 -44.29 -17.45
CA ASN A 289 0.50 -44.89 -16.72
C ASN A 289 -0.07 -43.91 -15.68
N ASP A 290 -1.25 -44.22 -15.15
CA ASP A 290 -1.99 -43.32 -14.26
C ASP A 290 -1.18 -42.86 -13.05
N HIS A 291 -0.54 -43.81 -12.37
CA HIS A 291 0.29 -43.52 -11.20
C HIS A 291 1.45 -42.59 -11.53
N ASP A 292 2.19 -42.90 -12.59
CA ASP A 292 3.33 -42.08 -13.00
C ASP A 292 2.92 -40.67 -13.41
N LEU A 293 1.78 -40.57 -14.11
CA LEU A 293 1.23 -39.27 -14.55
C LEU A 293 0.90 -38.37 -13.33
N LEU A 294 0.10 -38.92 -12.41
CA LEU A 294 -0.32 -38.20 -11.20
C LEU A 294 0.87 -37.83 -10.31
N LYS A 295 1.89 -38.69 -10.26
CA LYS A 295 3.09 -38.41 -9.47
C LYS A 295 3.97 -37.33 -10.09
N LYS A 296 4.12 -37.35 -11.42
CA LYS A 296 4.90 -36.31 -12.11
C LYS A 296 4.24 -34.94 -11.94
N ALA A 297 2.92 -34.93 -12.12
CA ALA A 297 2.12 -33.71 -12.05
C ALA A 297 2.29 -33.06 -10.70
N ASN A 298 2.10 -33.85 -9.63
CA ASN A 298 2.24 -33.35 -8.28
C ASN A 298 3.65 -32.99 -7.86
N THR A 299 4.65 -33.74 -8.35
CA THR A 299 6.06 -33.46 -8.07
C THR A 299 6.46 -32.10 -8.63
N LEU A 300 6.02 -31.80 -9.85
CA LEU A 300 6.30 -30.51 -10.47
C LEU A 300 5.58 -29.35 -9.75
N GLY A 301 4.34 -29.59 -9.33
CA GLY A 301 3.60 -28.63 -8.54
C GLY A 301 4.30 -28.30 -7.24
N MSE A 302 4.70 -29.35 -6.50
CA MSE A 302 5.42 -29.20 -5.24
C MSE A 302 6.74 -28.48 -5.41
O MSE A 302 7.06 -27.58 -4.63
CB MSE A 302 5.70 -30.56 -4.60
CG MSE A 302 4.47 -31.31 -4.17
SE MSE A 302 5.01 -32.97 -3.31
CE MSE A 302 6.02 -32.22 -1.86
N LEU A 303 7.51 -28.87 -6.43
CA LEU A 303 8.81 -28.26 -6.71
C LEU A 303 8.72 -26.76 -6.98
N ASN A 304 7.64 -26.34 -7.65
CA ASN A 304 7.38 -24.93 -7.91
C ASN A 304 7.02 -24.15 -6.63
N ALA A 305 6.23 -24.77 -5.76
CA ALA A 305 5.84 -24.17 -4.49
C ALA A 305 7.03 -23.94 -3.56
N GLN A 306 8.10 -24.73 -3.77
CA GLN A 306 9.35 -24.60 -3.03
C GLN A 306 10.23 -23.48 -3.55
N GLU A 307 9.84 -22.88 -4.67
CA GLU A 307 10.64 -21.84 -5.31
C GLU A 307 10.01 -20.46 -5.11
N ALA A 308 10.84 -19.43 -5.08
CA ALA A 308 10.37 -18.05 -5.02
C ALA A 308 9.87 -17.60 -6.39
N GLN A 309 10.45 -18.17 -7.45
CA GLN A 309 10.02 -17.89 -8.82
C GLN A 309 8.70 -18.57 -9.17
N THR A 310 8.02 -18.02 -10.17
CA THR A 310 6.72 -18.55 -10.60
C THR A 310 6.85 -19.37 -11.89
N GLY A 311 6.45 -20.64 -11.80
CA GLY A 311 6.59 -21.58 -12.91
C GLY A 311 8.03 -21.98 -13.09
N TYR A 312 8.62 -22.53 -12.04
CA TYR A 312 10.04 -22.88 -12.00
C TYR A 312 10.27 -24.08 -11.08
N VAL A 313 11.07 -25.05 -11.55
CA VAL A 313 11.33 -26.26 -10.78
C VAL A 313 12.83 -26.55 -10.70
N ASN A 314 13.28 -27.05 -9.55
CA ASN A 314 14.64 -27.58 -9.42
C ASN A 314 14.55 -29.10 -9.45
N LEU A 315 14.96 -29.67 -10.58
CA LEU A 315 14.80 -31.10 -10.83
C LEU A 315 15.79 -31.99 -10.06
N ASN A 316 16.86 -31.37 -9.53
CA ASN A 316 17.76 -32.04 -8.59
C ASN A 316 17.03 -32.61 -7.37
N ASN A 317 15.83 -32.10 -7.12
CA ASN A 317 15.02 -32.54 -5.99
C ASN A 317 13.81 -33.38 -6.41
N TYR A 318 13.72 -33.68 -7.71
CA TYR A 318 12.56 -34.34 -8.29
C TYR A 318 12.32 -35.75 -7.72
N ASP A 319 13.33 -36.61 -7.85
CA ASP A 319 13.22 -38.02 -7.45
C ASP A 319 12.86 -38.18 -5.98
N ASP A 320 13.44 -37.33 -5.14
CA ASP A 320 13.21 -37.34 -3.70
C ASP A 320 11.74 -37.17 -3.35
N LEU A 321 11.07 -36.22 -4.01
CA LEU A 321 9.65 -35.96 -3.77
C LEU A 321 8.76 -37.00 -4.42
N PHE A 322 9.09 -37.35 -5.66
CA PHE A 322 8.34 -38.32 -6.46
C PHE A 322 8.11 -39.63 -5.71
N ASN A 323 9.17 -40.10 -5.05
CA ASN A 323 9.16 -41.39 -4.35
C ASN A 323 8.34 -41.40 -3.04
N GLN A 324 7.95 -40.21 -2.58
CA GLN A 324 7.17 -40.06 -1.35
C GLN A 324 5.67 -40.03 -1.60
N ILE A 325 5.29 -39.80 -2.86
CA ILE A 325 3.89 -39.67 -3.23
C ILE A 325 3.15 -41.01 -3.20
N GLU A 326 2.01 -41.01 -2.51
CA GLU A 326 1.14 -42.17 -2.48
C GLU A 326 -0.08 -41.91 -3.38
N VAL A 327 -0.34 -42.86 -4.29
CA VAL A 327 -1.53 -42.84 -5.12
C VAL A 327 -2.31 -44.09 -4.79
N LEU A 328 -3.61 -43.92 -4.50
CA LEU A 328 -4.46 -45.05 -4.19
C LEU A 328 -5.84 -44.93 -4.81
N GLU A 329 -6.36 -46.04 -5.31
CA GLU A 329 -7.76 -46.13 -5.69
C GLU A 329 -8.63 -45.90 -4.46
N VAL A 330 -9.53 -44.93 -4.56
CA VAL A 330 -10.45 -44.64 -3.47
C VAL A 330 -11.90 -44.73 -3.94
N GLY B 13 32.93 12.05 8.08
CA GLY B 13 33.67 10.76 7.86
C GLY B 13 32.94 9.81 6.93
N LEU B 14 33.40 8.56 6.92
CA LEU B 14 32.79 7.50 6.10
C LEU B 14 31.72 6.72 6.86
N VAL B 15 30.77 6.17 6.10
CA VAL B 15 29.78 5.25 6.66
C VAL B 15 30.38 3.84 6.65
N PRO B 16 30.43 3.21 7.84
CA PRO B 16 31.01 1.87 8.01
C PRO B 16 30.39 0.79 7.12
N ARG B 17 31.19 -0.24 6.80
CA ARG B 17 30.76 -1.37 5.98
C ARG B 17 31.00 -2.71 6.65
N GLY B 18 31.38 -2.71 7.91
CA GLY B 18 31.67 -3.97 8.57
C GLY B 18 30.52 -4.51 9.41
N SER B 19 30.87 -5.09 10.55
CA SER B 19 29.90 -5.72 11.42
C SER B 19 29.67 -4.97 12.74
N HIS B 20 30.22 -3.77 12.89
CA HIS B 20 30.16 -3.08 14.18
C HIS B 20 28.78 -2.45 14.41
N MSE B 21 27.82 -3.29 14.80
CA MSE B 21 26.45 -2.85 14.98
CA MSE B 21 26.40 -2.91 14.85
C MSE B 21 25.66 -3.84 15.83
O MSE B 21 25.94 -5.02 15.87
CB MSE B 21 25.75 -2.64 13.64
CB MSE B 21 25.80 -3.03 13.44
CG MSE B 21 24.43 -1.90 13.78
CG MSE B 21 24.35 -2.54 13.27
SE MSE B 21 23.75 -1.40 12.09
SE MSE B 21 23.81 -2.34 11.39
CE MSE B 21 24.98 0.08 11.68
CE MSE B 21 23.52 -4.19 10.89
N ILE B 22 24.70 -3.27 16.56
CA ILE B 22 23.82 -4.03 17.42
C ILE B 22 22.52 -4.34 16.63
N LEU B 23 22.05 -5.58 16.73
CA LEU B 23 20.72 -5.94 16.25
C LEU B 23 19.77 -6.13 17.43
N THR B 24 18.64 -5.41 17.44
CA THR B 24 17.60 -5.65 18.44
C THR B 24 16.43 -6.41 17.81
N LEU B 25 15.83 -7.30 18.59
CA LEU B 25 14.65 -8.05 18.15
C LEU B 25 13.42 -7.68 18.98
N THR B 26 12.37 -7.28 18.26
CA THR B 26 11.06 -7.02 18.82
C THR B 26 10.09 -7.85 17.96
N LEU B 27 9.83 -9.07 18.39
CA LEU B 27 9.01 -9.99 17.62
C LEU B 27 7.50 -9.68 17.74
N ASN B 28 7.09 -8.97 18.79
CA ASN B 28 5.69 -8.53 18.92
C ASN B 28 5.63 -7.03 19.28
N PRO B 29 5.92 -6.14 18.30
CA PRO B 29 5.83 -4.70 18.59
C PRO B 29 4.37 -4.24 18.71
N SER B 30 4.14 -3.05 19.20
CA SER B 30 2.78 -2.53 19.30
C SER B 30 2.73 -1.05 18.98
N VAL B 31 1.58 -0.61 18.50
CA VAL B 31 1.29 0.81 18.43
C VAL B 31 0.65 1.19 19.76
N ASP B 32 1.41 1.86 20.60
CA ASP B 32 0.97 2.22 21.94
C ASP B 32 0.21 3.55 21.92
N ILE B 33 -1.03 3.51 22.38
CA ILE B 33 -1.85 4.70 22.48
C ILE B 33 -1.97 5.12 23.95
N SER B 34 -1.61 6.36 24.25
CA SER B 34 -1.71 6.87 25.63
C SER B 34 -2.80 7.92 25.72
N TYR B 35 -3.76 7.71 26.61
CA TYR B 35 -4.90 8.63 26.77
C TYR B 35 -4.87 9.34 28.13
N PRO B 36 -4.35 10.58 28.18
CA PRO B 36 -4.42 11.29 29.46
C PRO B 36 -5.81 11.91 29.65
N LEU B 37 -6.49 11.50 30.72
CA LEU B 37 -7.82 12.04 31.05
C LEU B 37 -7.81 12.72 32.40
N THR B 38 -8.60 13.79 32.54
CA THR B 38 -8.83 14.38 33.87
C THR B 38 -9.56 13.35 34.75
N ALA B 39 -10.64 12.79 34.24
CA ALA B 39 -11.25 11.64 34.89
C ALA B 39 -11.75 10.65 33.85
N LEU B 40 -11.77 9.38 34.23
CA LEU B 40 -12.35 8.33 33.40
C LEU B 40 -13.79 8.10 33.81
N LYS B 41 -14.72 8.51 32.95
CA LYS B 41 -16.15 8.32 33.18
C LYS B 41 -16.57 6.98 32.63
N LEU B 42 -16.91 6.07 33.53
CA LEU B 42 -17.37 4.75 33.11
C LEU B 42 -18.79 4.85 32.60
N ASP B 43 -19.11 4.05 31.59
CA ASP B 43 -20.43 4.06 30.94
C ASP B 43 -20.80 5.42 30.29
N ASP B 44 -19.77 6.14 29.85
CA ASP B 44 -19.97 7.39 29.14
C ASP B 44 -18.85 7.60 28.11
N VAL B 45 -19.01 8.67 27.34
CA VAL B 45 -18.03 9.12 26.35
C VAL B 45 -16.96 9.93 27.07
N ASN B 46 -15.69 9.71 26.72
CA ASN B 46 -14.58 10.50 27.27
C ASN B 46 -13.79 11.12 26.13
N ARG B 47 -13.79 12.45 26.08
CA ARG B 47 -13.11 13.13 24.98
C ARG B 47 -11.68 13.51 25.38
N VAL B 48 -10.70 12.87 24.74
CA VAL B 48 -9.28 13.21 24.96
C VAL B 48 -8.85 14.35 24.08
N GLN B 49 -7.96 15.18 24.60
CA GLN B 49 -7.40 16.30 23.84
C GLN B 49 -6.03 15.96 23.26
N GLU B 50 -5.15 15.40 24.10
CA GLU B 50 -3.77 15.18 23.73
C GLU B 50 -3.39 13.68 23.72
N VAL B 51 -3.88 12.93 22.74
CA VAL B 51 -3.47 11.53 22.56
C VAL B 51 -2.00 11.44 22.10
N SER B 52 -1.31 10.40 22.55
CA SER B 52 0.06 10.16 22.15
C SER B 52 0.19 8.72 21.67
N LYS B 53 0.72 8.55 20.47
CA LYS B 53 0.84 7.24 19.83
C LYS B 53 2.28 7.00 19.45
N THR B 54 2.84 5.88 19.93
CA THR B 54 4.26 5.63 19.81
C THR B 54 4.51 4.20 19.33
N ALA B 55 5.69 3.98 18.75
CA ALA B 55 6.15 2.63 18.42
C ALA B 55 6.60 1.91 19.70
N GLY B 56 5.87 0.88 20.11
CA GLY B 56 6.13 0.20 21.38
C GLY B 56 6.67 -1.22 21.33
N GLY B 57 7.16 -1.68 22.47
CA GLY B 57 7.75 -3.01 22.58
C GLY B 57 9.01 -2.88 23.40
N LYS B 58 9.38 -3.93 24.11
CA LYS B 58 10.53 -3.86 24.97
C LYS B 58 11.81 -3.73 24.14
N GLY B 59 11.87 -4.43 23.01
CA GLY B 59 13.02 -4.31 22.10
C GLY B 59 13.19 -2.94 21.47
N LEU B 60 12.08 -2.24 21.28
CA LEU B 60 12.10 -0.86 20.78
C LEU B 60 12.52 0.21 21.80
N ASN B 61 12.19 0.00 23.08
CA ASN B 61 12.78 0.78 24.19
C ASN B 61 14.29 0.60 24.25
N VAL B 62 14.76 -0.66 24.18
CA VAL B 62 16.20 -0.94 24.09
C VAL B 62 16.81 -0.16 22.92
N THR B 63 16.15 -0.23 21.76
CA THR B 63 16.59 0.43 20.52
C THR B 63 16.69 1.95 20.68
N ARG B 64 15.65 2.56 21.25
CA ARG B 64 15.63 4.01 21.46
C ARG B 64 16.78 4.46 22.37
N VAL B 65 16.97 3.76 23.49
CA VAL B 65 18.04 4.10 24.44
C VAL B 65 19.42 3.93 23.78
N LEU B 66 19.58 2.87 22.99
CA LEU B 66 20.82 2.67 22.21
C LEU B 66 21.09 3.82 21.26
N ALA B 67 20.04 4.31 20.60
CA ALA B 67 20.15 5.43 19.69
C ALA B 67 20.52 6.74 20.41
N GLN B 68 19.96 6.94 21.61
CA GLN B 68 20.29 8.11 22.43
C GLN B 68 21.77 8.07 22.85
N VAL B 69 22.21 6.89 23.31
CA VAL B 69 23.60 6.62 23.65
C VAL B 69 24.53 6.83 22.44
N GLY B 70 24.01 6.61 21.24
CA GLY B 70 24.79 6.78 20.00
C GLY B 70 25.46 5.53 19.46
N GLU B 71 25.00 4.36 19.86
CA GLU B 71 25.52 3.11 19.29
C GLU B 71 24.92 2.84 17.92
N PRO B 72 25.69 2.20 17.02
CA PRO B 72 25.10 1.76 15.76
C PRO B 72 24.11 0.64 16.04
N VAL B 73 22.87 0.82 15.58
CA VAL B 73 21.81 -0.13 15.88
C VAL B 73 20.87 -0.32 14.68
N LEU B 74 20.42 -1.56 14.51
CA LEU B 74 19.40 -1.92 13.53
C LEU B 74 18.26 -2.64 14.25
N ALA B 75 17.02 -2.21 14.01
CA ALA B 75 15.86 -2.87 14.63
C ALA B 75 15.24 -3.88 13.68
N SER B 76 14.97 -5.09 14.17
CA SER B 76 14.21 -6.08 13.38
C SER B 76 13.14 -6.75 14.25
N GLY B 77 12.43 -7.71 13.65
CA GLY B 77 11.31 -8.37 14.29
C GLY B 77 10.24 -8.54 13.23
N PHE B 78 8.99 -8.66 13.68
CA PHE B 78 7.83 -8.83 12.75
C PHE B 78 6.94 -7.61 12.78
N ILE B 79 6.54 -7.12 11.60
CA ILE B 79 5.51 -6.09 11.46
C ILE B 79 4.50 -6.46 10.36
N GLY B 80 3.27 -6.01 10.52
CA GLY B 80 2.21 -6.30 9.55
C GLY B 80 1.16 -5.22 9.49
N GLY B 81 0.61 -5.01 8.31
CA GLY B 81 -0.55 -4.16 8.15
C GLY B 81 -0.21 -2.71 8.32
N GLU B 82 -1.25 -1.88 8.41
CA GLU B 82 -1.10 -0.44 8.47
C GLU B 82 -0.44 0.03 9.76
N LEU B 83 -0.67 -0.69 10.85
CA LEU B 83 0.03 -0.42 12.12
C LEU B 83 1.53 -0.72 12.06
N GLY B 84 1.91 -1.77 11.33
CA GLY B 84 3.34 -2.02 11.02
C GLY B 84 3.96 -0.86 10.28
N GLN B 85 3.20 -0.30 9.33
CA GLN B 85 3.58 0.91 8.59
C GLN B 85 3.83 2.14 9.50
N PHE B 86 3.01 2.28 10.54
CA PHE B 86 3.16 3.35 11.53
C PHE B 86 4.48 3.19 12.29
N ILE B 87 4.78 1.97 12.72
CA ILE B 87 6.05 1.65 13.40
C ILE B 87 7.26 2.05 12.56
N ALA B 88 7.24 1.69 11.28
CA ALA B 88 8.32 2.04 10.35
C ALA B 88 8.47 3.56 10.24
N LYS B 89 7.34 4.25 10.13
CA LYS B 89 7.31 5.71 10.05
C LYS B 89 7.93 6.37 11.30
N LYS B 90 7.56 5.90 12.49
CA LYS B 90 8.12 6.45 13.73
C LYS B 90 9.63 6.34 13.84
N LEU B 91 10.14 5.17 13.46
CA LEU B 91 11.58 4.90 13.42
C LEU B 91 12.26 5.73 12.33
N ASP B 92 11.64 5.82 11.16
CA ASP B 92 12.13 6.68 10.08
C ASP B 92 12.31 8.15 10.55
N HIS B 93 11.35 8.64 11.33
CA HIS B 93 11.38 10.02 11.82
C HIS B 93 12.44 10.22 12.92
N ALA B 94 12.86 9.12 13.54
CA ALA B 94 13.90 9.15 14.59
C ALA B 94 15.28 8.80 14.06
N ASP B 95 15.37 8.63 12.73
CA ASP B 95 16.56 8.13 12.02
C ASP B 95 17.12 6.83 12.56
N ILE B 96 16.20 5.93 12.95
CA ILE B 96 16.57 4.62 13.43
C ILE B 96 16.41 3.65 12.27
N LYS B 97 17.49 2.94 11.94
CA LYS B 97 17.47 1.95 10.88
C LYS B 97 16.69 0.72 11.31
N HIS B 98 15.90 0.18 10.38
CA HIS B 98 15.13 -1.01 10.67
C HIS B 98 15.09 -1.96 9.47
N ALA B 99 14.90 -3.24 9.75
CA ALA B 99 14.76 -4.27 8.73
C ALA B 99 13.86 -5.38 9.29
N PHE B 100 12.60 -5.03 9.49
CA PHE B 100 11.58 -5.94 10.00
C PHE B 100 11.16 -6.90 8.92
N TYR B 101 10.64 -8.06 9.33
CA TYR B 101 10.04 -9.01 8.43
C TYR B 101 8.53 -8.77 8.34
N ASN B 102 8.02 -8.59 7.13
CA ASN B 102 6.59 -8.31 6.93
C ASN B 102 5.74 -9.57 7.01
N ILE B 103 4.66 -9.51 7.78
CA ILE B 103 3.75 -10.64 7.93
C ILE B 103 2.38 -10.36 7.31
N LYS B 104 1.56 -11.40 7.21
CA LYS B 104 0.20 -11.25 6.71
CA LYS B 104 0.16 -11.35 6.74
C LYS B 104 -0.77 -10.80 7.82
N GLY B 105 -0.42 -11.08 9.08
CA GLY B 105 -1.20 -10.60 10.23
C GLY B 105 -1.06 -9.11 10.42
N GLU B 106 -1.72 -8.55 11.43
CA GLU B 106 -1.61 -7.11 11.72
C GLU B 106 -0.92 -6.85 13.06
N THR B 107 0.03 -5.91 13.06
CA THR B 107 0.65 -5.42 14.29
C THR B 107 -0.47 -4.94 15.24
N ARG B 108 -0.34 -5.23 16.53
CA ARG B 108 -1.32 -4.94 17.58
C ARG B 108 -1.24 -3.49 18.07
N ASN B 109 -2.31 -3.03 18.71
CA ASN B 109 -2.29 -1.84 19.59
C ASN B 109 -2.13 -2.27 21.04
N CYS B 110 -1.66 -1.35 21.88
CA CYS B 110 -1.86 -1.45 23.33
C CYS B 110 -2.35 -0.09 23.81
N ILE B 111 -3.16 -0.09 24.87
CA ILE B 111 -3.79 1.14 25.39
C ILE B 111 -3.32 1.40 26.84
N ALA B 112 -2.96 2.64 27.12
CA ALA B 112 -2.70 3.12 28.47
C ALA B 112 -3.60 4.33 28.72
N ILE B 113 -4.52 4.19 29.67
CA ILE B 113 -5.39 5.28 30.10
C ILE B 113 -4.84 5.83 31.40
N LEU B 114 -4.47 7.10 31.38
CA LEU B 114 -3.92 7.80 32.54
C LEU B 114 -4.98 8.72 33.13
N HIS B 115 -5.46 8.36 34.30
CA HIS B 115 -6.60 9.01 34.92
C HIS B 115 -6.44 9.03 36.44
N GLU B 116 -6.55 10.21 37.03
CA GLU B 116 -6.55 10.34 38.49
C GLU B 116 -5.34 9.64 39.16
N GLY B 117 -4.18 9.76 38.54
CA GLY B 117 -2.94 9.14 39.06
C GLY B 117 -2.87 7.63 38.88
N GLN B 118 -3.89 7.03 38.24
CA GLN B 118 -3.93 5.61 37.92
C GLN B 118 -3.45 5.36 36.48
N GLN B 119 -3.07 4.12 36.21
CA GLN B 119 -2.69 3.70 34.87
C GLN B 119 -3.45 2.43 34.53
N THR B 120 -4.46 2.57 33.67
CA THR B 120 -5.29 1.45 33.27
C THR B 120 -4.89 1.05 31.85
N GLU B 121 -4.43 -0.19 31.70
CA GLU B 121 -3.91 -0.70 30.43
C GLU B 121 -4.76 -1.81 29.80
N ILE B 122 -4.80 -1.79 28.46
CA ILE B 122 -5.43 -2.87 27.67
C ILE B 122 -4.37 -3.35 26.68
N LEU B 123 -4.01 -4.61 26.80
CA LEU B 123 -2.93 -5.20 26.01
C LEU B 123 -3.48 -6.29 25.10
N GLU B 124 -3.26 -6.13 23.80
CA GLU B 124 -3.75 -7.10 22.82
C GLU B 124 -2.73 -8.23 22.66
N GLN B 125 -3.25 -9.43 22.43
CA GLN B 125 -2.42 -10.60 22.17
C GLN B 125 -1.53 -10.40 20.93
N GLY B 126 -2.11 -9.83 19.89
CA GLY B 126 -1.39 -9.61 18.64
C GLY B 126 -1.57 -10.72 17.60
N PRO B 127 -0.83 -10.62 16.48
CA PRO B 127 -1.05 -11.50 15.33
C PRO B 127 -0.50 -12.91 15.54
N GLU B 128 -0.91 -13.82 14.67
CA GLU B 128 -0.39 -15.17 14.64
C GLU B 128 0.66 -15.21 13.55
N ILE B 129 1.79 -15.84 13.82
CA ILE B 129 2.83 -15.98 12.80
C ILE B 129 2.69 -17.39 12.25
N ASP B 130 2.56 -17.51 10.92
CA ASP B 130 2.47 -18.83 10.30
C ASP B 130 3.86 -19.46 10.04
N ASN B 131 3.87 -20.71 9.58
CA ASN B 131 5.12 -21.45 9.37
C ASN B 131 6.07 -20.85 8.34
N GLN B 132 5.52 -20.29 7.27
CA GLN B 132 6.27 -19.61 6.22
C GLN B 132 6.94 -18.32 6.69
N GLU B 133 6.21 -17.55 7.50
CA GLU B 133 6.73 -16.31 8.06
C GLU B 133 7.86 -16.62 9.05
N ALA B 134 7.64 -17.63 9.88
CA ALA B 134 8.64 -18.09 10.84
C ALA B 134 9.94 -18.52 10.16
N ALA B 135 9.81 -19.27 9.06
CA ALA B 135 10.97 -19.76 8.32
C ALA B 135 11.65 -18.62 7.58
N GLY B 136 10.84 -17.73 7.02
CA GLY B 136 11.35 -16.54 6.36
C GLY B 136 12.15 -15.61 7.26
N PHE B 137 11.69 -15.41 8.50
CA PHE B 137 12.43 -14.54 9.42
C PHE B 137 13.78 -15.15 9.77
N ILE B 138 13.80 -16.46 9.95
CA ILE B 138 15.03 -17.18 10.30
C ILE B 138 16.11 -17.04 9.21
N LYS B 139 15.68 -17.11 7.96
CA LYS B 139 16.57 -16.89 6.81
C LYS B 139 17.06 -15.45 6.74
N HIS B 140 16.16 -14.53 7.05
CA HIS B 140 16.45 -13.10 7.11
C HIS B 140 17.49 -12.82 8.20
N PHE B 141 17.27 -13.40 9.37
CA PHE B 141 18.16 -13.26 10.52
C PHE B 141 19.58 -13.80 10.22
N GLU B 142 19.64 -15.03 9.72
CA GLU B 142 20.88 -15.65 9.23
C GLU B 142 21.69 -14.70 8.33
N GLN B 143 21.04 -14.07 7.37
CA GLN B 143 21.68 -13.12 6.46
C GLN B 143 22.19 -11.83 7.13
N MSE B 144 21.67 -11.52 8.32
CA MSE B 144 22.12 -10.34 9.05
C MSE B 144 23.36 -10.62 9.92
O MSE B 144 24.04 -9.69 10.37
CB MSE B 144 20.98 -9.75 9.89
CG MSE B 144 19.85 -9.19 9.04
SE MSE B 144 18.55 -8.11 10.04
CE MSE B 144 17.53 -9.53 10.87
N MSE B 145 23.66 -11.90 10.14
CA MSE B 145 24.76 -12.29 11.02
C MSE B 145 26.15 -11.77 10.60
O MSE B 145 27.03 -11.62 11.45
CB MSE B 145 24.81 -13.82 11.24
CG MSE B 145 23.66 -14.40 12.06
SE MSE B 145 23.47 -13.63 13.82
CE MSE B 145 22.38 -12.06 13.47
N GLU B 146 26.33 -11.49 9.31
CA GLU B 146 27.60 -10.95 8.82
C GLU B 146 27.77 -9.45 9.12
N LYS B 147 26.67 -8.79 9.44
CA LYS B 147 26.66 -7.35 9.62
C LYS B 147 26.51 -6.88 11.06
N VAL B 148 26.51 -7.80 12.03
CA VAL B 148 26.30 -7.41 13.43
C VAL B 148 27.26 -8.08 14.41
N GLU B 149 27.42 -7.49 15.58
CA GLU B 149 28.35 -8.02 16.58
C GLU B 149 27.70 -8.30 17.92
N ALA B 150 26.40 -7.98 18.04
CA ALA B 150 25.60 -8.23 19.24
C ALA B 150 24.11 -8.22 18.91
N VAL B 151 23.36 -9.11 19.56
CA VAL B 151 21.90 -9.20 19.39
C VAL B 151 21.23 -9.05 20.76
N ALA B 152 20.33 -8.07 20.86
CA ALA B 152 19.51 -7.90 22.05
C ALA B 152 18.08 -8.37 21.77
N ILE B 153 17.64 -9.33 22.55
CA ILE B 153 16.33 -9.96 22.43
C ILE B 153 15.49 -9.72 23.69
N SER B 154 14.34 -9.06 23.52
CA SER B 154 13.45 -8.71 24.64
C SER B 154 11.97 -9.05 24.35
N GLY B 155 11.23 -9.43 25.39
CA GLY B 155 9.78 -9.72 25.25
C GLY B 155 9.45 -11.18 24.98
N SER B 156 8.15 -11.48 24.96
CA SER B 156 7.66 -12.84 24.74
CA SER B 156 7.68 -12.84 24.75
C SER B 156 7.41 -13.10 23.26
N LEU B 157 7.22 -14.38 22.90
CA LEU B 157 6.97 -14.75 21.52
C LEU B 157 5.55 -14.39 21.13
N PRO B 158 5.35 -13.89 19.91
CA PRO B 158 3.98 -13.79 19.43
C PRO B 158 3.36 -15.16 19.21
N LYS B 159 2.03 -15.19 19.21
CA LYS B 159 1.26 -16.41 18.94
C LYS B 159 1.65 -17.05 17.60
N GLY B 160 1.65 -18.37 17.55
CA GLY B 160 1.85 -19.06 16.27
C GLY B 160 3.24 -19.63 16.12
N LEU B 161 4.21 -19.04 16.83
CA LEU B 161 5.60 -19.48 16.79
C LEU B 161 5.83 -20.69 17.66
N ASN B 162 6.58 -21.66 17.13
CA ASN B 162 7.07 -22.78 17.92
C ASN B 162 7.69 -22.22 19.19
N GLN B 163 7.45 -22.91 20.30
CA GLN B 163 8.00 -22.52 21.60
C GLN B 163 9.53 -22.48 21.61
N ASP B 164 10.16 -23.10 20.61
CA ASP B 164 11.62 -23.16 20.52
C ASP B 164 12.24 -22.00 19.72
N TYR B 165 11.45 -21.01 19.36
CA TYR B 165 11.90 -20.02 18.39
C TYR B 165 13.12 -19.22 18.82
N TYR B 166 13.15 -18.79 20.09
CA TYR B 166 14.32 -18.07 20.60
C TYR B 166 15.56 -18.98 20.65
N ALA B 167 15.35 -20.25 21.00
CA ALA B 167 16.42 -21.25 20.93
C ALA B 167 16.99 -21.36 19.50
N GLN B 168 16.09 -21.39 18.50
CA GLN B 168 16.51 -21.39 17.09
C GLN B 168 17.33 -20.14 16.70
N ILE B 169 16.88 -18.98 17.19
CA ILE B 169 17.58 -17.72 16.94
C ILE B 169 18.97 -17.69 17.60
N ILE B 170 19.04 -18.11 18.86
CA ILE B 170 20.32 -18.10 19.59
C ILE B 170 21.31 -19.10 18.95
N GLU B 171 20.75 -20.18 18.40
CA GLU B 171 21.55 -21.15 17.65
C GLU B 171 22.24 -20.46 16.47
N ARG B 172 21.52 -19.61 15.74
CA ARG B 172 22.12 -18.88 14.60
C ARG B 172 23.21 -17.90 15.03
N CYS B 173 23.01 -17.25 16.18
CA CYS B 173 24.04 -16.39 16.76
C CYS B 173 25.26 -17.19 17.18
N GLN B 174 25.02 -18.27 17.91
CA GLN B 174 26.09 -19.14 18.38
C GLN B 174 26.94 -19.66 17.22
N ASN B 175 26.30 -20.15 16.15
CA ASN B 175 27.02 -20.59 14.95
C ASN B 175 27.98 -19.54 14.37
N LYS B 176 27.66 -18.27 14.59
CA LYS B 176 28.44 -17.20 13.99
C LYS B 176 29.25 -16.40 14.99
N GLY B 177 29.23 -16.81 16.26
CA GLY B 177 29.99 -16.15 17.30
C GLY B 177 29.49 -14.77 17.70
N VAL B 178 28.17 -14.56 17.60
CA VAL B 178 27.53 -13.28 17.94
C VAL B 178 26.86 -13.38 19.32
N PRO B 179 27.37 -12.64 20.31
CA PRO B 179 26.80 -12.71 21.66
C PRO B 179 25.33 -12.25 21.73
N VAL B 180 24.54 -12.92 22.57
CA VAL B 180 23.13 -12.56 22.74
C VAL B 180 22.83 -12.04 24.15
N ILE B 181 22.19 -10.87 24.21
CA ILE B 181 21.67 -10.32 25.46
C ILE B 181 20.15 -10.60 25.50
N LEU B 182 19.73 -11.40 26.48
CA LEU B 182 18.36 -11.92 26.51
C LEU B 182 17.61 -11.41 27.72
N ASP B 183 16.44 -10.81 27.46
CA ASP B 183 15.60 -10.29 28.51
C ASP B 183 14.17 -10.79 28.31
N CYS B 184 13.92 -11.97 28.88
CA CYS B 184 12.57 -12.52 28.92
CA CYS B 184 12.62 -12.63 28.89
C CYS B 184 12.34 -13.19 30.27
N SER B 185 11.11 -13.67 30.50
CA SER B 185 10.73 -14.28 31.77
C SER B 185 9.87 -15.52 31.59
N GLY B 186 9.58 -16.20 32.71
CA GLY B 186 8.59 -17.28 32.74
C GLY B 186 9.01 -18.48 31.92
N ALA B 187 8.01 -19.13 31.32
CA ALA B 187 8.24 -20.32 30.48
C ALA B 187 9.09 -20.00 29.23
N THR B 188 8.99 -18.76 28.74
CA THR B 188 9.81 -18.26 27.63
C THR B 188 11.31 -18.39 27.96
N LEU B 189 11.70 -17.92 29.14
CA LEU B 189 13.08 -17.98 29.60
C LEU B 189 13.48 -19.41 29.94
N GLN B 190 12.61 -20.10 30.69
CA GLN B 190 12.77 -21.51 31.02
C GLN B 190 13.13 -22.39 29.80
N THR B 191 12.42 -22.19 28.70
CA THR B 191 12.66 -22.97 27.48
C THR B 191 14.05 -22.72 26.89
N VAL B 192 14.51 -21.48 26.93
CA VAL B 192 15.86 -21.15 26.51
C VAL B 192 16.91 -21.83 27.41
N LEU B 193 16.72 -21.72 28.73
CA LEU B 193 17.68 -22.26 29.69
C LEU B 193 17.82 -23.80 29.62
N GLU B 194 16.75 -24.47 29.22
CA GLU B 194 16.77 -25.92 29.02
C GLU B 194 17.48 -26.35 27.72
N ASN B 195 17.63 -25.42 26.77
CA ASN B 195 18.21 -25.74 25.47
C ASN B 195 19.73 -25.58 25.46
N PRO B 196 20.44 -26.24 24.51
CA PRO B 196 21.91 -26.15 24.49
C PRO B 196 22.53 -24.82 24.02
N TYR B 197 21.81 -24.05 23.19
CA TYR B 197 22.32 -22.75 22.68
C TYR B 197 22.01 -21.60 23.63
N LYS B 198 23.06 -21.12 24.30
CA LYS B 198 22.93 -20.24 25.46
C LYS B 198 23.04 -18.77 25.10
N PRO B 199 22.26 -17.91 25.78
CA PRO B 199 22.53 -16.47 25.69
C PRO B 199 23.84 -16.15 26.44
N THR B 200 24.48 -15.06 26.05
CA THR B 200 25.70 -14.58 26.71
C THR B 200 25.34 -13.83 28.00
N VAL B 201 24.21 -13.12 27.97
CA VAL B 201 23.71 -12.39 29.12
C VAL B 201 22.23 -12.66 29.30
N ILE B 202 21.83 -12.88 30.55
CA ILE B 202 20.40 -12.80 30.93
C ILE B 202 20.22 -11.73 32.00
N LYS B 203 19.10 -11.03 31.94
CA LYS B 203 18.80 -9.96 32.91
C LYS B 203 17.43 -10.12 33.59
N PRO B 204 17.30 -11.12 34.48
CA PRO B 204 16.08 -11.20 35.26
C PRO B 204 16.10 -10.11 36.34
N ASN B 205 14.93 -9.60 36.71
CA ASN B 205 14.84 -8.86 37.96
C ASN B 205 14.68 -9.90 39.06
N ILE B 206 14.77 -9.49 40.31
CA ILE B 206 14.77 -10.44 41.43
C ILE B 206 13.49 -11.31 41.46
N SER B 207 12.33 -10.67 41.23
CA SER B 207 11.04 -11.39 41.16
C SER B 207 11.11 -12.51 40.11
N GLU B 208 11.57 -12.15 38.90
CA GLU B 208 11.72 -13.08 37.78
C GLU B 208 12.65 -14.26 38.09
N LEU B 209 13.74 -13.99 38.82
CA LEU B 209 14.72 -15.02 39.13
C LEU B 209 14.12 -16.15 39.97
N TYR B 210 13.42 -15.78 41.03
CA TYR B 210 12.93 -16.77 42.00
C TYR B 210 11.68 -17.53 41.53
N GLN B 211 10.75 -16.82 40.89
CA GLN B 211 9.62 -17.44 40.21
C GLN B 211 10.10 -18.65 39.41
N LEU B 212 11.05 -18.37 38.52
CA LEU B 212 11.67 -19.35 37.62
C LEU B 212 12.23 -20.58 38.36
N LEU B 213 12.70 -20.37 39.58
CA LEU B 213 13.26 -21.42 40.41
C LEU B 213 12.22 -22.09 41.32
N ASN B 214 10.99 -21.57 41.29
CA ASN B 214 9.90 -22.01 42.16
C ASN B 214 10.32 -21.94 43.64
N GLN B 215 10.72 -20.73 44.04
CA GLN B 215 11.22 -20.48 45.39
C GLN B 215 10.74 -19.11 45.88
N PRO B 216 10.64 -18.93 47.22
CA PRO B 216 10.30 -17.61 47.75
C PRO B 216 11.44 -16.62 47.58
N LEU B 217 11.09 -15.36 47.31
CA LEU B 217 12.04 -14.27 47.12
C LEU B 217 12.97 -14.10 48.34
N ASP B 218 14.26 -13.96 48.07
CA ASP B 218 15.27 -13.81 49.12
C ASP B 218 16.37 -12.85 48.66
N GLU B 219 16.57 -11.79 49.44
CA GLU B 219 17.49 -10.71 49.07
C GLU B 219 18.91 -10.88 49.61
N SER B 220 19.14 -12.01 50.29
CA SER B 220 20.44 -12.29 50.91
C SER B 220 21.47 -12.75 49.89
N LEU B 221 22.66 -12.17 49.97
CA LEU B 221 23.76 -12.46 49.03
C LEU B 221 24.34 -13.87 49.17
N GLU B 222 23.61 -14.73 49.87
CA GLU B 222 23.97 -16.14 50.04
C GLU B 222 22.96 -16.99 49.27
N SER B 223 21.71 -16.52 49.27
CA SER B 223 20.65 -17.16 48.50
C SER B 223 20.83 -16.89 47.01
N LEU B 224 20.89 -15.59 46.67
CA LEU B 224 21.13 -15.13 45.30
C LEU B 224 22.30 -15.85 44.65
N LYS B 225 23.40 -16.01 45.39
CA LYS B 225 24.57 -16.77 44.93
C LYS B 225 24.23 -18.21 44.59
N GLN B 226 23.48 -18.87 45.47
CA GLN B 226 23.05 -20.26 45.28
C GLN B 226 22.05 -20.36 44.14
N ALA B 227 21.12 -19.41 44.08
CA ALA B 227 20.10 -19.35 43.04
C ALA B 227 20.72 -19.29 41.62
N VAL B 228 21.60 -18.33 41.39
CA VAL B 228 22.21 -18.12 40.06
C VAL B 228 23.26 -19.18 39.71
N SER B 229 23.71 -19.93 40.72
CA SER B 229 24.70 -20.99 40.52
C SER B 229 24.04 -22.34 40.24
N GLN B 230 22.72 -22.38 40.30
CA GLN B 230 21.94 -23.59 40.00
C GLN B 230 22.22 -24.09 38.59
N PRO B 231 22.14 -25.43 38.39
CA PRO B 231 22.44 -26.02 37.07
C PRO B 231 21.54 -25.53 35.94
N LEU B 232 20.37 -25.00 36.27
CA LEU B 232 19.46 -24.41 35.28
C LEU B 232 20.13 -23.29 34.50
N PHE B 233 21.09 -22.60 35.14
CA PHE B 233 21.77 -21.43 34.58
C PHE B 233 23.18 -21.69 34.01
N GLU B 234 23.56 -22.95 33.86
CA GLU B 234 24.89 -23.32 33.35
C GLU B 234 25.11 -22.84 31.91
N GLY B 235 26.34 -22.43 31.60
CA GLY B 235 26.73 -22.02 30.25
C GLY B 235 26.41 -20.57 29.90
N ILE B 236 25.88 -19.82 30.85
CA ILE B 236 25.59 -18.40 30.65
C ILE B 236 26.65 -17.54 31.32
N GLU B 237 27.39 -16.80 30.48
CA GLU B 237 28.51 -15.98 30.92
C GLU B 237 28.14 -14.94 31.97
N TRP B 238 27.10 -14.15 31.70
CA TRP B 238 26.66 -13.09 32.60
C TRP B 238 25.24 -13.36 33.08
N ILE B 239 25.05 -13.33 34.39
CA ILE B 239 23.69 -13.32 34.97
C ILE B 239 23.56 -12.04 35.78
N ILE B 240 22.74 -11.13 35.27
CA ILE B 240 22.60 -9.80 35.87
C ILE B 240 21.20 -9.66 36.43
N VAL B 241 21.11 -9.76 37.76
CA VAL B 241 19.86 -9.70 38.49
C VAL B 241 19.62 -8.28 38.96
N SER B 242 18.68 -7.59 38.33
CA SER B 242 18.38 -6.21 38.65
C SER B 242 17.43 -6.15 39.85
N LEU B 243 17.61 -5.12 40.68
CA LEU B 243 16.92 -5.08 41.98
C LEU B 243 16.16 -3.77 42.24
N GLY B 244 15.71 -3.11 41.17
CA GLY B 244 15.03 -1.83 41.30
C GLY B 244 15.92 -0.83 42.02
N ALA B 245 15.41 -0.29 43.13
CA ALA B 245 16.13 0.69 43.96
C ALA B 245 17.45 0.16 44.54
N GLN B 246 17.48 -1.14 44.85
CA GLN B 246 18.64 -1.74 45.52
C GLN B 246 19.88 -1.90 44.62
N GLY B 247 19.73 -1.67 43.31
CA GLY B 247 20.83 -1.79 42.37
C GLY B 247 20.81 -3.08 41.57
N ALA B 248 21.87 -3.88 41.72
CA ALA B 248 22.00 -5.14 40.99
C ALA B 248 22.90 -6.13 41.71
N PHE B 249 22.63 -7.41 41.49
CA PHE B 249 23.53 -8.49 41.85
C PHE B 249 23.88 -9.21 40.55
N ALA B 250 25.16 -9.46 40.32
CA ALA B 250 25.58 -10.08 39.07
C ALA B 250 26.56 -11.21 39.29
N LYS B 251 26.50 -12.21 38.42
CA LYS B 251 27.53 -13.23 38.31
C LYS B 251 28.14 -13.17 36.92
N HIS B 252 29.46 -13.03 36.85
CA HIS B 252 30.19 -13.19 35.60
C HIS B 252 31.17 -14.33 35.74
N ASN B 253 30.99 -15.35 34.91
CA ASN B 253 31.77 -16.59 34.99
C ASN B 253 31.76 -17.12 36.42
N HIS B 254 32.88 -17.07 37.13
CA HIS B 254 32.94 -17.58 38.50
C HIS B 254 32.83 -16.49 39.57
N THR B 255 32.90 -15.23 39.17
CA THR B 255 32.90 -14.11 40.13
C THR B 255 31.52 -13.45 40.29
N PHE B 256 31.21 -13.09 41.54
CA PHE B 256 29.97 -12.43 41.89
C PHE B 256 30.26 -10.96 42.18
N TYR B 257 29.29 -10.10 41.85
CA TYR B 257 29.40 -8.67 42.07
C TYR B 257 28.16 -8.13 42.74
N ARG B 258 28.35 -7.13 43.60
CA ARG B 258 27.24 -6.32 44.10
C ARG B 258 27.37 -4.90 43.57
N VAL B 259 26.28 -4.39 43.00
CA VAL B 259 26.25 -3.04 42.47
C VAL B 259 25.33 -2.20 43.33
N ASN B 260 25.94 -1.30 44.11
CA ASN B 260 25.21 -0.41 45.01
C ASN B 260 25.01 0.97 44.37
N ILE B 261 23.79 1.49 44.47
CA ILE B 261 23.42 2.75 43.83
C ILE B 261 22.79 3.76 44.82
N PRO B 262 22.89 5.07 44.54
CA PRO B 262 22.27 6.09 45.41
C PRO B 262 20.76 6.21 45.20
N THR B 263 20.07 6.76 46.20
CA THR B 263 18.62 7.01 46.11
C THR B 263 18.35 8.27 45.28
N ILE B 264 17.32 8.22 44.44
CA ILE B 264 16.99 9.33 43.53
C ILE B 264 15.48 9.62 43.44
N SER B 265 15.14 10.74 42.81
CA SER B 265 13.75 11.10 42.53
C SER B 265 13.18 10.19 41.44
N VAL B 266 12.19 9.38 41.80
CA VAL B 266 11.65 8.35 40.91
C VAL B 266 10.23 8.68 40.42
N LEU B 267 10.09 8.78 39.10
CA LEU B 267 8.79 8.81 38.44
C LEU B 267 8.74 7.80 37.30
N ASN B 268 8.07 6.68 37.56
CA ASN B 268 7.99 5.54 36.63
C ASN B 268 9.31 4.81 36.36
N PRO B 269 9.55 3.69 37.05
CA PRO B 269 10.71 2.83 36.79
C PRO B 269 10.47 1.80 35.68
N VAL B 270 9.30 1.88 35.03
CA VAL B 270 8.96 1.02 33.88
C VAL B 270 9.87 1.33 32.70
N GLY B 271 10.52 0.29 32.18
CA GLY B 271 11.48 0.43 31.10
C GLY B 271 12.93 0.61 31.56
N SER B 272 13.14 0.53 32.88
CA SER B 272 14.48 0.63 33.45
C SER B 272 15.28 -0.64 33.20
N GLY B 273 14.60 -1.78 33.17
CA GLY B 273 15.20 -3.04 32.74
C GLY B 273 15.62 -2.97 31.28
N ASP B 274 14.75 -2.43 30.43
CA ASP B 274 15.04 -2.25 29.00
C ASP B 274 16.22 -1.32 28.78
N SER B 275 16.30 -0.25 29.58
CA SER B 275 17.42 0.69 29.54
C SER B 275 18.71 0.04 30.03
N THR B 276 18.59 -0.82 31.05
CA THR B 276 19.72 -1.58 31.56
C THR B 276 20.24 -2.51 30.47
N VAL B 277 19.32 -3.16 29.76
CA VAL B 277 19.68 -4.04 28.63
C VAL B 277 20.40 -3.27 27.52
N ALA B 278 19.92 -2.06 27.19
CA ALA B 278 20.62 -1.17 26.27
C ALA B 278 22.06 -0.91 26.75
N GLY B 279 22.21 -0.57 28.03
CA GLY B 279 23.52 -0.38 28.65
C GLY B 279 24.43 -1.61 28.54
N ILE B 280 23.90 -2.77 28.91
CA ILE B 280 24.66 -4.01 28.82
C ILE B 280 25.11 -4.29 27.37
N THR B 281 24.20 -4.14 26.41
CA THR B 281 24.52 -4.43 24.99
C THR B 281 25.58 -3.45 24.44
N SER B 282 25.45 -2.17 24.80
CA SER B 282 26.46 -1.16 24.45
C SER B 282 27.82 -1.60 24.95
N ALA B 283 27.87 -2.03 26.21
CA ALA B 283 29.11 -2.46 26.83
C ALA B 283 29.71 -3.74 26.24
N ILE B 284 28.87 -4.72 25.88
CA ILE B 284 29.33 -5.93 25.19
C ILE B 284 29.85 -5.59 23.79
N LEU B 285 29.14 -4.74 23.04
CA LEU B 285 29.60 -4.30 21.71
C LEU B 285 31.03 -3.73 21.78
N ASN B 286 31.27 -2.91 22.80
CA ASN B 286 32.53 -2.19 22.98
C ASN B 286 33.59 -2.93 23.80
N HIS B 287 33.26 -4.14 24.26
CA HIS B 287 34.15 -4.95 25.10
C HIS B 287 34.61 -4.18 26.36
N GLU B 288 33.68 -3.50 27.02
CA GLU B 288 34.00 -2.79 28.26
C GLU B 288 34.26 -3.79 29.38
N ASN B 289 35.06 -3.38 30.36
CA ASN B 289 35.30 -4.24 31.53
C ASN B 289 34.07 -4.37 32.44
N ASP B 290 34.11 -5.35 33.33
CA ASP B 290 33.00 -5.71 34.23
C ASP B 290 32.43 -4.53 35.00
N HIS B 291 33.29 -3.68 35.55
CA HIS B 291 32.86 -2.51 36.31
C HIS B 291 32.18 -1.46 35.45
N ASP B 292 32.79 -1.13 34.30
CA ASP B 292 32.21 -0.14 33.40
C ASP B 292 30.85 -0.61 32.87
N LEU B 293 30.77 -1.89 32.54
CA LEU B 293 29.55 -2.50 32.01
C LEU B 293 28.41 -2.41 33.02
N LEU B 294 28.69 -2.83 34.26
CA LEU B 294 27.70 -2.80 35.33
C LEU B 294 27.25 -1.39 35.70
N LYS B 295 28.19 -0.45 35.67
CA LYS B 295 27.88 0.95 35.94
C LYS B 295 27.05 1.59 34.85
N LYS B 296 27.39 1.31 33.59
CA LYS B 296 26.60 1.85 32.45
C LYS B 296 25.18 1.27 32.48
N ALA B 297 25.09 -0.05 32.64
CA ALA B 297 23.81 -0.74 32.77
C ALA B 297 22.92 -0.06 33.81
N ASN B 298 23.42 0.07 35.04
CA ASN B 298 22.65 0.68 36.13
C ASN B 298 22.34 2.17 35.96
N THR B 299 23.29 2.94 35.43
CA THR B 299 23.08 4.37 35.17
C THR B 299 21.88 4.59 34.25
N LEU B 300 21.82 3.81 33.17
CA LEU B 300 20.74 3.94 32.20
C LEU B 300 19.39 3.53 32.79
N GLY B 301 19.39 2.50 33.63
CA GLY B 301 18.19 2.11 34.37
C GLY B 301 17.70 3.22 35.30
N MSE B 302 18.64 3.82 36.02
CA MSE B 302 18.35 4.93 36.93
C MSE B 302 17.82 6.16 36.21
O MSE B 302 16.83 6.75 36.63
CB MSE B 302 19.59 5.31 37.73
CG MSE B 302 19.91 4.36 38.85
SE MSE B 302 21.57 4.86 39.74
CE MSE B 302 21.04 6.57 40.47
N LEU B 303 18.49 6.55 35.12
CA LEU B 303 18.06 7.68 34.30
C LEU B 303 16.64 7.51 33.75
N ASN B 304 16.28 6.29 33.39
CA ASN B 304 14.92 6.00 32.94
C ASN B 304 13.88 6.17 34.04
N ALA B 305 14.24 5.75 35.25
CA ALA B 305 13.32 5.72 36.39
C ALA B 305 12.90 7.11 36.88
N GLN B 306 13.67 8.12 36.44
CA GLN B 306 13.46 9.52 36.82
C GLN B 306 12.89 10.34 35.66
N GLU B 307 12.41 9.66 34.62
CA GLU B 307 12.23 10.32 33.33
C GLU B 307 10.79 10.37 32.77
N ALA B 308 9.83 9.80 33.50
CA ALA B 308 8.39 9.88 33.16
C ALA B 308 7.96 9.03 31.95
N GLN B 309 8.59 9.28 30.80
CA GLN B 309 8.39 8.44 29.62
C GLN B 309 9.06 7.09 29.83
N THR B 310 8.54 6.06 29.16
CA THR B 310 9.11 4.72 29.22
C THR B 310 10.19 4.57 28.14
N GLY B 311 11.39 4.16 28.57
CA GLY B 311 12.51 3.95 27.65
C GLY B 311 13.16 5.22 27.14
N TYR B 312 13.33 6.20 28.03
CA TYR B 312 13.96 7.47 27.69
C TYR B 312 14.95 7.90 28.77
N VAL B 313 16.10 8.41 28.35
CA VAL B 313 17.17 8.83 29.27
C VAL B 313 17.70 10.25 29.01
N ASN B 314 18.15 10.88 30.08
CA ASN B 314 18.76 12.21 30.02
C ASN B 314 20.26 12.08 30.23
N LEU B 315 21.02 12.18 29.14
CA LEU B 315 22.47 11.93 29.18
C LEU B 315 23.27 13.09 29.80
N ASN B 316 22.59 14.21 30.04
CA ASN B 316 23.18 15.32 30.78
C ASN B 316 23.47 14.89 32.21
N ASN B 317 22.54 14.14 32.80
CA ASN B 317 22.68 13.65 34.17
C ASN B 317 23.43 12.31 34.29
N TYR B 318 24.04 11.87 33.19
CA TYR B 318 24.70 10.55 33.13
C TYR B 318 25.90 10.48 34.07
N ASP B 319 26.81 11.44 33.94
CA ASP B 319 28.02 11.49 34.76
C ASP B 319 27.72 11.62 36.26
N ASP B 320 26.73 12.45 36.60
CA ASP B 320 26.28 12.63 37.99
C ASP B 320 25.99 11.28 38.68
N LEU B 321 25.12 10.47 38.06
CA LEU B 321 24.73 9.17 38.61
C LEU B 321 25.83 8.11 38.49
N PHE B 322 26.52 8.10 37.35
CA PHE B 322 27.56 7.12 37.07
C PHE B 322 28.63 7.12 38.16
N ASN B 323 29.12 8.31 38.48
CA ASN B 323 30.19 8.51 39.47
C ASN B 323 29.83 8.08 40.90
N GLN B 324 28.54 7.90 41.16
CA GLN B 324 28.07 7.53 42.50
C GLN B 324 27.94 6.03 42.70
N ILE B 325 27.99 5.27 41.59
CA ILE B 325 27.77 3.82 41.63
C ILE B 325 28.97 3.05 42.19
N GLU B 326 28.68 2.05 43.02
CA GLU B 326 29.69 1.22 43.67
C GLU B 326 29.59 -0.24 43.21
N VAL B 327 30.68 -0.77 42.67
CA VAL B 327 30.77 -2.18 42.27
C VAL B 327 31.79 -2.90 43.15
N LEU B 328 31.36 -3.97 43.82
CA LEU B 328 32.21 -4.74 44.72
C LEU B 328 32.15 -6.22 44.41
N GLU B 329 33.29 -6.90 44.49
CA GLU B 329 33.30 -8.36 44.42
C GLU B 329 32.84 -8.94 45.76
N VAL B 330 31.90 -9.87 45.71
CA VAL B 330 31.28 -10.43 46.91
C VAL B 330 31.45 -11.95 47.01
N PRO C 16 -23.18 8.52 -10.88
CA PRO C 16 -23.53 8.06 -12.23
C PRO C 16 -24.94 8.52 -12.65
N ARG C 17 -25.09 8.78 -13.94
CA ARG C 17 -26.33 9.31 -14.50
C ARG C 17 -27.55 8.45 -14.15
N GLY C 18 -28.59 9.07 -13.61
CA GLY C 18 -29.82 8.37 -13.27
C GLY C 18 -29.84 7.69 -11.91
N SER C 19 -28.87 7.99 -11.04
CA SER C 19 -28.85 7.37 -9.71
C SER C 19 -29.82 7.97 -8.69
N HIS C 20 -30.14 7.14 -7.70
CA HIS C 20 -31.09 7.46 -6.64
CA HIS C 20 -31.13 7.41 -6.66
C HIS C 20 -30.42 6.98 -5.35
N MSE C 21 -29.54 7.85 -4.86
CA MSE C 21 -28.46 7.46 -3.97
C MSE C 21 -28.30 8.28 -2.70
O MSE C 21 -28.73 9.44 -2.63
CB MSE C 21 -27.17 7.52 -4.79
CG MSE C 21 -25.88 7.03 -4.14
SE MSE C 21 -24.50 7.02 -5.49
CE MSE C 21 -24.93 8.65 -6.48
N ILE C 22 -27.67 7.68 -1.70
CA ILE C 22 -27.35 8.36 -0.45
C ILE C 22 -25.87 8.75 -0.45
N LEU C 23 -25.59 9.99 -0.06
CA LEU C 23 -24.24 10.43 0.26
C LEU C 23 -24.10 10.44 1.78
N THR C 24 -23.12 9.71 2.31
CA THR C 24 -22.75 9.84 3.72
C THR C 24 -21.53 10.76 3.89
N LEU C 25 -21.60 11.64 4.89
CA LEU C 25 -20.43 12.44 5.30
C LEU C 25 -19.92 12.08 6.68
N THR C 26 -18.63 11.74 6.73
CA THR C 26 -17.94 11.46 7.97
C THR C 26 -16.69 12.35 7.95
N LEU C 27 -16.80 13.55 8.49
CA LEU C 27 -15.68 14.51 8.44
C LEU C 27 -14.55 14.12 9.41
N ASN C 28 -14.88 13.32 10.43
CA ASN C 28 -13.91 12.86 11.44
C ASN C 28 -13.98 11.32 11.55
N PRO C 29 -13.63 10.61 10.47
CA PRO C 29 -13.71 9.13 10.50
C PRO C 29 -12.70 8.51 11.46
N SER C 30 -12.93 7.26 11.84
CA SER C 30 -12.16 6.65 12.89
C SER C 30 -11.96 5.16 12.69
N VAL C 31 -10.78 4.68 13.02
CA VAL C 31 -10.60 3.25 13.21
C VAL C 31 -11.03 2.95 14.66
N ASP C 32 -12.21 2.35 14.78
CA ASP C 32 -12.84 2.11 16.07
C ASP C 32 -12.38 0.76 16.59
N ILE C 33 -12.05 0.70 17.87
CA ILE C 33 -11.63 -0.55 18.48
C ILE C 33 -12.60 -0.95 19.59
N SER C 34 -13.13 -2.17 19.51
CA SER C 34 -14.02 -2.71 20.52
C SER C 34 -13.28 -3.67 21.45
N TYR C 35 -13.34 -3.40 22.76
CA TYR C 35 -12.77 -4.30 23.76
C TYR C 35 -13.82 -4.87 24.72
N PRO C 36 -14.41 -6.04 24.39
CA PRO C 36 -15.27 -6.67 25.38
C PRO C 36 -14.44 -7.31 26.49
N LEU C 37 -14.74 -6.93 27.73
CA LEU C 37 -14.03 -7.48 28.87
C LEU C 37 -15.05 -8.05 29.83
N THR C 38 -14.65 -9.10 30.55
CA THR C 38 -15.47 -9.61 31.65
C THR C 38 -15.56 -8.54 32.74
N ALA C 39 -14.44 -7.87 33.01
CA ALA C 39 -14.41 -6.71 33.90
C ALA C 39 -13.21 -5.87 33.52
N LEU C 40 -13.34 -4.56 33.67
CA LEU C 40 -12.24 -3.63 33.48
C LEU C 40 -11.55 -3.40 34.82
N LYS C 41 -10.31 -3.87 34.94
CA LYS C 41 -9.54 -3.69 36.18
C LYS C 41 -8.81 -2.35 36.14
N LEU C 42 -9.25 -1.40 36.97
CA LEU C 42 -8.65 -0.08 36.96
C LEU C 42 -7.29 -0.10 37.62
N ASP C 43 -6.38 0.74 37.14
CA ASP C 43 -5.00 0.81 37.65
C ASP C 43 -4.29 -0.52 37.52
N ASP C 44 -4.66 -1.27 36.49
CA ASP C 44 -4.07 -2.58 36.25
C ASP C 44 -4.08 -2.92 34.77
N VAL C 45 -3.41 -4.02 34.45
CA VAL C 45 -3.30 -4.54 33.10
C VAL C 45 -4.51 -5.43 32.80
N ASN C 46 -5.09 -5.23 31.62
CA ASN C 46 -6.22 -6.03 31.15
C ASN C 46 -5.86 -6.68 29.83
N ARG C 47 -5.88 -8.00 29.77
CA ARG C 47 -5.51 -8.71 28.53
C ARG C 47 -6.70 -9.04 27.62
N VAL C 48 -6.52 -8.82 26.32
CA VAL C 48 -7.54 -9.18 25.32
C VAL C 48 -6.90 -9.99 24.17
N GLN C 49 -7.71 -10.84 23.54
CA GLN C 49 -7.18 -11.71 22.47
C GLN C 49 -7.45 -11.08 21.11
N GLU C 50 -8.27 -11.74 20.28
CA GLU C 50 -8.64 -11.20 18.95
C GLU C 50 -9.65 -10.08 19.12
N VAL C 51 -9.33 -8.95 18.51
CA VAL C 51 -10.05 -7.71 18.79
C VAL C 51 -10.69 -7.23 17.50
N SER C 52 -11.87 -6.63 17.61
CA SER C 52 -12.57 -6.08 16.45
C SER C 52 -12.23 -4.61 16.17
N LYS C 53 -11.62 -4.35 15.02
CA LYS C 53 -11.29 -3.00 14.57
C LYS C 53 -12.02 -2.70 13.25
N THR C 54 -12.74 -1.59 13.23
CA THR C 54 -13.71 -1.35 12.17
C THR C 54 -13.51 0.02 11.53
N ALA C 55 -13.93 0.13 10.26
CA ALA C 55 -14.00 1.40 9.57
C ALA C 55 -15.18 2.15 10.16
N GLY C 56 -14.86 3.15 10.97
CA GLY C 56 -15.84 3.78 11.82
C GLY C 56 -15.80 5.29 11.84
N GLY C 57 -16.15 5.84 12.99
CA GLY C 57 -16.65 7.20 13.05
C GLY C 57 -18.11 7.01 12.67
N LYS C 58 -18.97 7.93 13.08
CA LYS C 58 -20.40 7.65 13.03
C LYS C 58 -20.92 7.41 11.59
N GLY C 59 -20.49 8.23 10.64
CA GLY C 59 -21.02 8.13 9.26
C GLY C 59 -20.57 6.88 8.49
N LEU C 60 -19.50 6.26 8.93
CA LEU C 60 -19.05 5.00 8.31
C LEU C 60 -19.76 3.79 8.86
N ASN C 61 -20.20 3.86 10.11
CA ASN C 61 -21.12 2.86 10.66
C ASN C 61 -22.44 2.93 9.89
N VAL C 62 -22.91 4.15 9.63
CA VAL C 62 -24.09 4.38 8.79
C VAL C 62 -23.93 3.77 7.39
N THR C 63 -22.81 4.06 6.74
CA THR C 63 -22.48 3.55 5.40
C THR C 63 -22.46 2.02 5.34
N ARG C 64 -21.82 1.40 6.31
CA ARG C 64 -21.65 -0.05 6.24
C ARG C 64 -22.99 -0.77 6.41
N VAL C 65 -23.85 -0.25 7.30
CA VAL C 65 -25.20 -0.81 7.49
C VAL C 65 -26.09 -0.57 6.26
N LEU C 66 -26.03 0.65 5.69
CA LEU C 66 -26.71 0.94 4.44
C LEU C 66 -26.34 -0.05 3.33
N ALA C 67 -25.05 -0.31 3.17
CA ALA C 67 -24.55 -1.29 2.22
C ALA C 67 -25.11 -2.69 2.45
N GLN C 68 -25.24 -3.10 3.71
CA GLN C 68 -25.84 -4.38 4.07
C GLN C 68 -27.30 -4.40 3.71
N VAL C 69 -27.99 -3.29 4.03
CA VAL C 69 -29.41 -3.09 3.69
C VAL C 69 -29.62 -3.14 2.18
N GLY C 70 -28.63 -2.65 1.43
CA GLY C 70 -28.67 -2.75 -0.01
C GLY C 70 -28.98 -1.45 -0.71
N GLU C 71 -28.92 -0.34 0.02
CA GLU C 71 -29.13 0.99 -0.53
C GLU C 71 -27.88 1.47 -1.27
N PRO C 72 -28.06 2.20 -2.39
CA PRO C 72 -26.90 2.80 -3.07
C PRO C 72 -26.34 3.92 -2.20
N VAL C 73 -25.03 3.87 -1.97
CA VAL C 73 -24.39 4.79 -1.06
C VAL C 73 -23.01 5.15 -1.57
N LEU C 74 -22.61 6.41 -1.31
CA LEU C 74 -21.26 6.89 -1.58
C LEU C 74 -20.76 7.53 -0.28
N ALA C 75 -19.60 7.10 0.20
CA ALA C 75 -19.02 7.68 1.42
C ALA C 75 -17.99 8.74 1.11
N SER C 76 -18.11 9.89 1.78
CA SER C 76 -17.09 10.92 1.72
C SER C 76 -16.71 11.43 3.12
N GLY C 77 -15.71 12.29 3.18
CA GLY C 77 -15.18 12.81 4.42
C GLY C 77 -13.71 13.10 4.23
N PHE C 78 -13.01 13.32 5.33
CA PHE C 78 -11.58 13.59 5.30
C PHE C 78 -10.83 12.35 5.76
N ILE C 79 -9.79 11.96 5.04
CA ILE C 79 -9.02 10.76 5.35
C ILE C 79 -7.53 11.02 5.23
N GLY C 80 -6.73 10.37 6.09
CA GLY C 80 -5.27 10.54 6.02
C GLY C 80 -4.48 9.57 6.86
N GLY C 81 -3.23 9.33 6.48
CA GLY C 81 -2.35 8.47 7.28
C GLY C 81 -2.63 7.00 7.15
N GLU C 82 -1.93 6.19 7.96
CA GLU C 82 -2.08 4.72 7.99
C GLU C 82 -3.49 4.27 8.32
N LEU C 83 -4.15 4.99 9.23
CA LEU C 83 -5.53 4.64 9.63
C LEU C 83 -6.53 4.97 8.54
N GLY C 84 -6.24 6.02 7.78
CA GLY C 84 -6.91 6.30 6.54
C GLY C 84 -6.89 5.13 5.58
N GLN C 85 -5.70 4.54 5.39
CA GLN C 85 -5.50 3.37 4.53
CA GLN C 85 -5.54 3.38 4.51
C GLN C 85 -6.28 2.14 5.03
N PHE C 86 -6.27 1.95 6.35
CA PHE C 86 -7.02 0.85 6.97
C PHE C 86 -8.54 0.94 6.63
N ILE C 87 -9.09 2.14 6.79
CA ILE C 87 -10.51 2.39 6.48
C ILE C 87 -10.82 2.10 5.00
N ALA C 88 -10.06 2.71 4.09
CA ALA C 88 -10.23 2.51 2.65
C ALA C 88 -10.23 1.02 2.28
N LYS C 89 -9.33 0.26 2.91
CA LYS C 89 -9.22 -1.17 2.68
C LYS C 89 -10.47 -1.93 3.11
N LYS C 90 -10.96 -1.66 4.31
CA LYS C 90 -12.21 -2.27 4.77
C LYS C 90 -13.36 -2.00 3.83
N LEU C 91 -13.48 -0.75 3.36
CA LEU C 91 -14.56 -0.40 2.43
C LEU C 91 -14.38 -1.07 1.06
N ASP C 92 -13.13 -1.14 0.63
CA ASP C 92 -12.78 -1.74 -0.65
C ASP C 92 -13.06 -3.23 -0.66
N HIS C 93 -12.74 -3.92 0.44
CA HIS C 93 -13.00 -5.34 0.56
C HIS C 93 -14.50 -5.63 0.44
N ALA C 94 -15.31 -4.71 0.98
CA ALA C 94 -16.77 -4.85 1.01
C ALA C 94 -17.45 -4.27 -0.23
N ASP C 95 -16.65 -3.73 -1.15
CA ASP C 95 -17.14 -3.17 -2.40
C ASP C 95 -17.98 -1.93 -2.20
N ILE C 96 -17.70 -1.21 -1.11
CA ILE C 96 -18.35 0.06 -0.81
C ILE C 96 -17.62 1.21 -1.48
N LYS C 97 -18.39 2.04 -2.19
CA LYS C 97 -17.87 3.20 -2.91
C LYS C 97 -17.54 4.38 -2.01
N HIS C 98 -16.37 4.96 -2.22
CA HIS C 98 -15.96 6.11 -1.44
C HIS C 98 -15.24 7.15 -2.32
N ALA C 99 -15.36 8.41 -1.93
CA ALA C 99 -14.64 9.49 -2.58
C ALA C 99 -14.19 10.47 -1.49
N PHE C 100 -13.21 10.02 -0.71
CA PHE C 100 -12.71 10.81 0.41
C PHE C 100 -11.79 11.91 -0.09
N TYR C 101 -11.72 12.99 0.67
CA TYR C 101 -10.76 14.05 0.44
C TYR C 101 -9.55 13.75 1.28
N ASN C 102 -8.40 13.60 0.63
CA ASN C 102 -7.19 13.18 1.33
C ASN C 102 -6.49 14.36 1.98
N ILE C 103 -6.08 14.17 3.24
CA ILE C 103 -5.50 15.24 4.03
C ILE C 103 -4.07 14.94 4.47
N LYS C 104 -3.38 15.98 4.94
CA LYS C 104 -2.02 15.90 5.44
C LYS C 104 -1.96 15.29 6.85
N GLY C 105 -3.01 15.54 7.64
CA GLY C 105 -3.12 15.00 8.99
C GLY C 105 -3.48 13.52 8.99
N GLU C 106 -3.55 12.94 10.19
CA GLU C 106 -3.85 11.52 10.34
C GLU C 106 -5.26 11.26 10.86
N THR C 107 -5.92 10.26 10.26
CA THR C 107 -7.19 9.74 10.77
C THR C 107 -7.05 9.20 12.20
N ARG C 108 -8.09 9.41 13.01
CA ARG C 108 -8.08 9.04 14.43
C ARG C 108 -8.48 7.60 14.72
N ASN C 109 -8.23 7.21 15.97
CA ASN C 109 -8.86 6.04 16.60
C ASN C 109 -9.93 6.53 17.56
N CYS C 110 -10.88 5.65 17.84
CA CYS C 110 -11.73 5.76 19.04
C CYS C 110 -11.78 4.37 19.65
N ILE C 111 -11.98 4.29 20.96
CA ILE C 111 -12.14 2.97 21.57
C ILE C 111 -13.45 2.86 22.33
N ALA C 112 -13.91 1.63 22.49
CA ALA C 112 -15.06 1.31 23.33
C ALA C 112 -14.77 0.09 24.17
N ILE C 113 -14.91 0.22 25.49
CA ILE C 113 -14.74 -0.90 26.39
C ILE C 113 -16.11 -1.36 26.87
N LEU C 114 -16.40 -2.65 26.68
CA LEU C 114 -17.67 -3.23 27.11
C LEU C 114 -17.43 -4.13 28.31
N HIS C 115 -17.88 -3.69 29.48
CA HIS C 115 -17.54 -4.35 30.74
C HIS C 115 -18.68 -4.23 31.75
N GLU C 116 -19.17 -5.37 32.22
CA GLU C 116 -20.15 -5.42 33.31
C GLU C 116 -21.40 -4.53 33.04
N GLY C 117 -21.86 -4.56 31.79
CA GLY C 117 -23.03 -3.79 31.36
C GLY C 117 -22.71 -2.35 30.99
N GLN C 118 -21.45 -1.94 31.16
CA GLN C 118 -21.02 -0.56 30.90
C GLN C 118 -20.41 -0.41 29.52
N GLN C 119 -20.64 0.75 28.92
CA GLN C 119 -20.17 1.10 27.57
C GLN C 119 -19.27 2.33 27.75
N THR C 120 -17.98 2.08 27.93
CA THR C 120 -17.03 3.14 28.24
C THR C 120 -16.23 3.50 27.00
N GLU C 121 -16.37 4.74 26.53
CA GLU C 121 -15.77 5.13 25.26
C GLU C 121 -14.77 6.27 25.41
N ILE C 122 -13.69 6.19 24.63
CA ILE C 122 -12.70 7.24 24.55
C ILE C 122 -12.62 7.70 23.10
N LEU C 123 -12.88 8.99 22.91
CA LEU C 123 -12.98 9.58 21.57
C LEU C 123 -11.89 10.60 21.32
N GLU C 124 -11.08 10.37 20.29
CA GLU C 124 -10.00 11.28 19.95
C GLU C 124 -10.54 12.49 19.20
N GLN C 125 -9.84 13.62 19.34
CA GLN C 125 -10.20 14.87 18.69
C GLN C 125 -10.12 14.77 17.18
N GLY C 126 -9.09 14.09 16.69
CA GLY C 126 -8.86 13.95 15.26
C GLY C 126 -7.91 14.99 14.72
N PRO C 127 -7.71 14.98 13.39
CA PRO C 127 -6.70 15.81 12.72
C PRO C 127 -7.11 17.27 12.57
N GLU C 128 -6.13 18.14 12.40
CA GLU C 128 -6.35 19.51 11.97
C GLU C 128 -6.45 19.54 10.44
N ILE C 129 -7.50 20.19 9.95
CA ILE C 129 -7.75 20.35 8.52
C ILE C 129 -7.29 21.77 8.18
N ASP C 130 -6.40 21.92 7.19
CA ASP C 130 -5.93 23.26 6.84
C ASP C 130 -6.97 24.02 5.99
N ASN C 131 -6.73 25.33 5.79
CA ASN C 131 -7.66 26.20 5.09
C ASN C 131 -7.94 25.75 3.66
N GLN C 132 -6.91 25.24 2.98
CA GLN C 132 -7.01 24.76 1.62
C GLN C 132 -7.82 23.47 1.50
N GLU C 133 -7.61 22.58 2.46
CA GLU C 133 -8.34 21.31 2.51
C GLU C 133 -9.82 21.55 2.79
N ALA C 134 -10.10 22.49 3.70
CA ALA C 134 -11.48 22.83 4.08
C ALA C 134 -12.22 23.47 2.93
N ALA C 135 -11.53 24.34 2.19
CA ALA C 135 -12.10 24.99 1.01
C ALA C 135 -12.32 23.97 -0.10
N GLY C 136 -11.31 23.13 -0.31
CA GLY C 136 -11.37 22.08 -1.33
C GLY C 136 -12.49 21.08 -1.12
N PHE C 137 -12.74 20.70 0.13
CA PHE C 137 -13.82 19.77 0.41
C PHE C 137 -15.22 20.30 0.04
N ILE C 138 -15.48 21.57 0.34
CA ILE C 138 -16.76 22.21 0.00
C ILE C 138 -17.06 22.08 -1.49
N LYS C 139 -16.06 22.36 -2.33
CA LYS C 139 -16.15 22.22 -3.79
C LYS C 139 -16.35 20.77 -4.22
N HIS C 140 -15.61 19.86 -3.59
CA HIS C 140 -15.76 18.42 -3.82
C HIS C 140 -17.18 17.98 -3.44
N PHE C 141 -17.64 18.40 -2.26
CA PHE C 141 -18.97 18.10 -1.78
C PHE C 141 -20.07 18.58 -2.73
N GLU C 142 -19.96 19.83 -3.17
CA GLU C 142 -20.95 20.45 -4.06
C GLU C 142 -21.24 19.64 -5.33
N GLN C 143 -20.19 19.22 -6.02
CA GLN C 143 -20.36 18.41 -7.24
C GLN C 143 -20.94 17.02 -6.95
N MSE C 144 -20.62 16.47 -5.78
CA MSE C 144 -21.17 15.19 -5.36
C MSE C 144 -22.64 15.31 -4.98
O MSE C 144 -23.49 14.61 -5.55
CB MSE C 144 -20.40 14.61 -4.18
CG MSE C 144 -19.05 13.97 -4.52
SE MSE C 144 -18.38 13.03 -2.94
CE MSE C 144 -18.33 14.51 -1.65
N MSE C 145 -22.95 16.19 -4.03
CA MSE C 145 -24.30 16.34 -3.45
C MSE C 145 -25.36 16.72 -4.48
O MSE C 145 -26.49 16.25 -4.43
CB MSE C 145 -24.28 17.34 -2.29
CG MSE C 145 -25.65 17.67 -1.68
SE MSE C 145 -26.59 19.15 -2.61
CE MSE C 145 -25.26 20.56 -2.44
N GLU C 146 -24.96 17.59 -5.41
CA GLU C 146 -25.80 18.01 -6.52
C GLU C 146 -26.56 16.82 -7.13
N LYS C 147 -25.92 15.65 -7.13
CA LYS C 147 -26.43 14.47 -7.84
C LYS C 147 -27.03 13.36 -6.96
N VAL C 148 -27.20 13.62 -5.67
CA VAL C 148 -27.72 12.58 -4.76
C VAL C 148 -29.15 12.93 -4.32
N GLU C 149 -29.80 12.02 -3.60
CA GLU C 149 -31.17 12.24 -3.18
C GLU C 149 -31.32 12.46 -1.67
N ALA C 150 -30.29 12.06 -0.91
CA ALA C 150 -30.29 12.27 0.54
C ALA C 150 -28.86 12.31 1.06
N VAL C 151 -28.61 13.16 2.05
CA VAL C 151 -27.29 13.28 2.68
C VAL C 151 -27.40 12.97 4.17
N ALA C 152 -26.64 11.96 4.60
CA ALA C 152 -26.54 11.60 6.02
C ALA C 152 -25.23 12.13 6.58
N ILE C 153 -25.33 13.08 7.51
CA ILE C 153 -24.16 13.67 8.17
C ILE C 153 -24.06 13.19 9.63
N SER C 154 -23.01 12.45 9.96
CA SER C 154 -22.88 11.90 11.31
C SER C 154 -21.52 12.13 11.94
N GLY C 155 -21.54 12.55 13.21
CA GLY C 155 -20.35 12.57 14.03
C GLY C 155 -19.75 13.95 14.23
N SER C 156 -18.66 13.98 14.99
CA SER C 156 -17.98 15.21 15.30
C SER C 156 -17.24 15.78 14.09
N LEU C 157 -16.86 17.04 14.23
CA LEU C 157 -15.95 17.72 13.32
C LEU C 157 -14.52 17.44 13.76
N PRO C 158 -13.59 17.37 12.80
CA PRO C 158 -12.16 17.36 13.12
C PRO C 158 -11.74 18.79 13.48
N LYS C 159 -10.49 18.95 13.92
CA LYS C 159 -9.99 20.27 14.31
C LYS C 159 -9.74 21.19 13.12
N GLY C 160 -9.76 22.50 13.38
CA GLY C 160 -9.33 23.49 12.38
C GLY C 160 -10.41 24.01 11.45
N LEU C 161 -11.60 23.43 11.53
CA LEU C 161 -12.73 23.85 10.70
C LEU C 161 -13.52 24.94 11.41
N ASN C 162 -13.88 25.99 10.68
CA ASN C 162 -14.72 27.06 11.22
CA ASN C 162 -14.71 27.05 11.25
C ASN C 162 -16.02 26.48 11.77
N GLN C 163 -16.62 27.14 12.75
CA GLN C 163 -17.79 26.58 13.41
C GLN C 163 -19.06 26.37 12.56
N ASP C 164 -19.22 27.14 11.48
CA ASP C 164 -20.41 27.03 10.65
C ASP C 164 -20.28 25.98 9.55
N TYR C 165 -19.33 25.06 9.69
CA TYR C 165 -19.03 24.11 8.61
C TYR C 165 -20.22 23.23 8.24
N TYR C 166 -20.85 22.62 9.23
CA TYR C 166 -22.08 21.84 8.99
C TYR C 166 -23.22 22.74 8.52
N ALA C 167 -23.32 23.93 9.12
CA ALA C 167 -24.30 24.93 8.69
C ALA C 167 -24.13 25.24 7.20
N GLN C 168 -22.89 25.49 6.77
CA GLN C 168 -22.55 25.74 5.34
C GLN C 168 -22.99 24.62 4.41
N ILE C 169 -22.74 23.38 4.84
CA ILE C 169 -23.06 22.20 4.06
C ILE C 169 -24.57 22.03 3.95
N ILE C 170 -25.26 22.16 5.08
CA ILE C 170 -26.73 22.05 5.11
C ILE C 170 -27.40 23.15 4.28
N GLU C 171 -26.84 24.37 4.33
CA GLU C 171 -27.29 25.49 3.48
C GLU C 171 -27.27 25.13 1.99
N ARG C 172 -26.19 24.48 1.55
CA ARG C 172 -26.05 24.06 0.15
C ARG C 172 -27.04 22.96 -0.22
N CYS C 173 -27.32 22.06 0.73
CA CYS C 173 -28.33 21.02 0.54
C CYS C 173 -29.74 21.60 0.45
N GLN C 174 -30.05 22.55 1.34
CA GLN C 174 -31.35 23.24 1.33
C GLN C 174 -31.63 23.91 -0.02
N ASN C 175 -30.61 24.56 -0.57
CA ASN C 175 -30.67 25.24 -1.87
C ASN C 175 -30.89 24.31 -3.06
N LYS C 176 -30.53 23.03 -2.90
CA LYS C 176 -30.72 22.02 -3.94
C LYS C 176 -31.91 21.10 -3.64
N GLY C 177 -32.53 21.31 -2.48
CA GLY C 177 -33.66 20.50 -2.04
C GLY C 177 -33.31 19.05 -1.71
N VAL C 178 -32.07 18.81 -1.30
CA VAL C 178 -31.64 17.47 -0.86
C VAL C 178 -31.80 17.41 0.66
N PRO C 179 -32.65 16.50 1.16
CA PRO C 179 -32.87 16.43 2.62
C PRO C 179 -31.60 15.99 3.36
N VAL C 180 -31.43 16.49 4.59
CA VAL C 180 -30.27 16.18 5.42
C VAL C 180 -30.67 15.46 6.72
N ILE C 181 -30.05 14.30 6.94
CA ILE C 181 -30.20 13.56 8.19
C ILE C 181 -28.94 13.80 9.00
N LEU C 182 -29.08 14.46 10.15
CA LEU C 182 -27.95 14.90 10.96
C LEU C 182 -27.88 14.24 12.34
N ASP C 183 -26.70 13.74 12.70
CA ASP C 183 -26.45 13.09 13.99
C ASP C 183 -25.12 13.60 14.54
N CYS C 184 -25.20 14.71 15.26
CA CYS C 184 -24.05 15.24 16.03
C CYS C 184 -24.51 15.69 17.42
N SER C 185 -23.60 16.26 18.20
CA SER C 185 -23.89 16.57 19.60
C SER C 185 -23.16 17.80 20.09
N GLY C 186 -23.54 18.27 21.28
CA GLY C 186 -22.86 19.37 21.97
C GLY C 186 -22.95 20.69 21.24
N ALA C 187 -21.88 21.46 21.33
CA ALA C 187 -21.79 22.77 20.67
C ALA C 187 -21.98 22.67 19.15
N THR C 188 -21.54 21.55 18.60
CA THR C 188 -21.59 21.29 17.15
C THR C 188 -23.06 21.27 16.68
N LEU C 189 -23.87 20.50 17.41
CA LEU C 189 -25.30 20.43 17.17
C LEU C 189 -25.92 21.78 17.46
N GLN C 190 -25.54 22.38 18.60
CA GLN C 190 -26.04 23.68 19.03
C GLN C 190 -25.89 24.74 17.94
N THR C 191 -24.70 24.82 17.35
CA THR C 191 -24.41 25.73 16.24
C THR C 191 -25.38 25.55 15.06
N VAL C 192 -25.67 24.31 14.71
CA VAL C 192 -26.61 24.02 13.62
C VAL C 192 -28.04 24.50 13.94
N LEU C 193 -28.53 24.13 15.12
CA LEU C 193 -29.87 24.49 15.59
C LEU C 193 -30.12 26.00 15.73
N GLU C 194 -29.05 26.76 15.93
CA GLU C 194 -29.12 28.24 16.02
C GLU C 194 -29.05 28.88 14.64
N ASN C 195 -28.62 28.11 13.64
CA ASN C 195 -28.50 28.64 12.29
C ASN C 195 -29.83 28.48 11.55
N PRO C 196 -30.08 29.32 10.54
CA PRO C 196 -31.32 29.29 9.73
C PRO C 196 -31.55 28.05 8.87
N TYR C 197 -30.47 27.40 8.41
CA TYR C 197 -30.61 26.28 7.47
C TYR C 197 -30.70 24.93 8.16
N LYS C 198 -31.90 24.35 8.14
CA LYS C 198 -32.25 23.24 9.02
C LYS C 198 -32.07 21.85 8.39
N PRO C 199 -31.58 20.89 9.19
CA PRO C 199 -31.64 19.50 8.80
C PRO C 199 -33.09 18.98 8.79
N THR C 200 -33.34 17.95 7.99
CA THR C 200 -34.65 17.33 7.89
C THR C 200 -34.89 16.41 9.08
N VAL C 201 -33.81 15.78 9.55
CA VAL C 201 -33.86 14.85 10.69
C VAL C 201 -32.69 15.15 11.62
N ILE C 202 -32.95 15.15 12.93
CA ILE C 202 -31.89 15.06 13.93
C ILE C 202 -32.09 13.80 14.79
N LYS C 203 -31.00 13.11 15.12
CA LYS C 203 -31.11 11.85 15.86
C LYS C 203 -30.27 11.86 17.14
N PRO C 204 -30.66 12.68 18.14
CA PRO C 204 -29.88 12.59 19.37
C PRO C 204 -30.26 11.36 20.19
N ASN C 205 -29.34 10.86 21.01
CA ASN C 205 -29.74 9.91 22.04
C ASN C 205 -30.21 10.74 23.23
N ILE C 206 -30.78 10.10 24.25
CA ILE C 206 -31.37 10.85 25.36
C ILE C 206 -30.33 11.67 26.15
N SER C 207 -29.13 11.11 26.33
CA SER C 207 -28.01 11.83 26.95
C SER C 207 -27.68 13.12 26.19
N GLU C 208 -27.62 13.00 24.86
CA GLU C 208 -27.26 14.12 24.00
C GLU C 208 -28.33 15.22 23.98
N LEU C 209 -29.60 14.82 24.00
CA LEU C 209 -30.72 15.77 24.06
C LEU C 209 -30.66 16.66 25.30
N TYR C 210 -30.57 16.03 26.47
CA TYR C 210 -30.57 16.78 27.73
C TYR C 210 -29.27 17.55 28.00
N GLN C 211 -28.13 16.96 27.65
CA GLN C 211 -26.83 17.64 27.78
C GLN C 211 -26.80 18.95 27.00
N LEU C 212 -27.43 18.95 25.83
CA LEU C 212 -27.59 20.12 24.98
C LEU C 212 -28.47 21.20 25.64
N LEU C 213 -29.47 20.76 26.40
CA LEU C 213 -30.44 21.66 27.04
C LEU C 213 -30.02 22.17 28.42
N ASN C 214 -28.89 21.66 28.93
CA ASN C 214 -28.41 21.92 30.28
C ASN C 214 -29.38 21.45 31.37
N GLN C 215 -30.11 20.37 31.06
CA GLN C 215 -31.11 19.79 31.94
C GLN C 215 -30.72 18.39 32.38
N PRO C 216 -31.21 17.93 33.55
CA PRO C 216 -30.99 16.56 33.98
C PRO C 216 -31.85 15.57 33.17
N LEU C 217 -31.30 14.39 32.90
CA LEU C 217 -31.98 13.34 32.14
C LEU C 217 -33.35 13.01 32.76
N ASP C 218 -34.36 12.88 31.90
CA ASP C 218 -35.74 12.63 32.32
C ASP C 218 -36.49 11.83 31.25
N GLU C 219 -36.95 10.65 31.62
CA GLU C 219 -37.54 9.69 30.68
C GLU C 219 -39.06 9.82 30.45
N SER C 220 -39.73 10.65 31.25
CA SER C 220 -41.19 10.80 31.18
C SER C 220 -41.63 11.41 29.85
N LEU C 221 -42.80 11.00 29.36
CA LEU C 221 -43.36 11.50 28.10
C LEU C 221 -43.51 13.01 28.11
N GLU C 222 -43.90 13.54 29.27
CA GLU C 222 -44.16 14.97 29.45
C GLU C 222 -42.89 15.81 29.35
N SER C 223 -41.81 15.31 29.94
CA SER C 223 -40.51 15.99 29.89
C SER C 223 -39.88 15.93 28.50
N LEU C 224 -40.03 14.79 27.83
CA LEU C 224 -39.54 14.60 26.46
C LEU C 224 -40.30 15.48 25.47
N LYS C 225 -41.60 15.63 25.68
CA LYS C 225 -42.43 16.55 24.88
C LYS C 225 -41.98 18.01 24.99
N GLN C 226 -41.79 18.49 26.21
CA GLN C 226 -41.38 19.88 26.43
C GLN C 226 -40.00 20.18 25.86
N ALA C 227 -39.09 19.21 25.98
CA ALA C 227 -37.71 19.37 25.53
C ALA C 227 -37.63 19.51 24.00
N VAL C 228 -38.28 18.59 23.31
CA VAL C 228 -38.33 18.55 21.85
C VAL C 228 -39.15 19.70 21.23
N SER C 229 -40.09 20.25 21.99
CA SER C 229 -40.98 21.30 21.50
C SER C 229 -40.42 22.72 21.68
N GLN C 230 -39.23 22.82 22.28
CA GLN C 230 -38.55 24.09 22.56
C GLN C 230 -38.10 24.79 21.27
N PRO C 231 -38.17 26.14 21.23
CA PRO C 231 -37.70 26.95 20.10
C PRO C 231 -36.33 26.56 19.51
N LEU C 232 -35.46 25.96 20.33
CA LEU C 232 -34.16 25.50 19.85
C LEU C 232 -34.30 24.57 18.64
N PHE C 233 -35.38 23.78 18.64
CA PHE C 233 -35.59 22.72 17.66
C PHE C 233 -36.60 23.04 16.55
N GLU C 234 -37.04 24.31 16.48
CA GLU C 234 -38.05 24.70 15.48
C GLU C 234 -37.51 24.66 14.04
N GLY C 235 -38.38 24.26 13.12
CA GLY C 235 -38.02 24.17 11.71
C GLY C 235 -37.57 22.77 11.28
N ILE C 236 -37.38 21.89 12.25
CA ILE C 236 -36.90 20.51 12.00
C ILE C 236 -38.04 19.50 11.98
N GLU C 237 -38.23 18.87 10.81
CA GLU C 237 -39.32 17.94 10.57
C GLU C 237 -39.32 16.73 11.50
N TRP C 238 -38.20 16.03 11.58
CA TRP C 238 -38.07 14.84 12.41
C TRP C 238 -37.09 15.07 13.55
N ILE C 239 -37.54 14.86 14.77
CA ILE C 239 -36.66 14.81 15.93
C ILE C 239 -36.84 13.43 16.54
N ILE C 240 -35.83 12.58 16.38
CA ILE C 240 -35.91 11.19 16.83
C ILE C 240 -34.91 10.92 17.98
N VAL C 241 -35.45 10.80 19.19
CA VAL C 241 -34.65 10.60 20.40
C VAL C 241 -34.56 9.10 20.70
N SER C 242 -33.38 8.52 20.48
CA SER C 242 -33.20 7.11 20.77
C SER C 242 -33.04 6.93 22.27
N LEU C 243 -33.50 5.79 22.78
CA LEU C 243 -33.57 5.54 24.22
C LEU C 243 -32.91 4.24 24.62
N GLY C 244 -31.97 3.77 23.79
CA GLY C 244 -31.28 2.51 24.04
C GLY C 244 -32.24 1.35 24.15
N ALA C 245 -32.14 0.60 25.25
CA ALA C 245 -33.01 -0.57 25.47
C ALA C 245 -34.51 -0.23 25.63
N GLN C 246 -34.79 1.05 25.87
CA GLN C 246 -36.17 1.56 26.01
C GLN C 246 -36.83 1.96 24.68
N GLY C 247 -36.10 1.84 23.58
CA GLY C 247 -36.66 2.15 22.25
C GLY C 247 -36.37 3.57 21.80
N ALA C 248 -37.43 4.30 21.44
CA ALA C 248 -37.29 5.66 20.91
C ALA C 248 -38.51 6.54 21.19
N PHE C 249 -38.29 7.85 21.15
CA PHE C 249 -39.35 8.85 21.22
C PHE C 249 -39.14 9.79 20.03
N ALA C 250 -40.24 10.13 19.33
CA ALA C 250 -40.12 10.93 18.11
C ALA C 250 -41.17 12.02 17.96
N LYS C 251 -40.76 13.19 17.49
CA LYS C 251 -41.66 14.25 17.02
C LYS C 251 -41.51 14.45 15.52
N HIS C 252 -42.57 14.13 14.78
CA HIS C 252 -42.65 14.44 13.35
C HIS C 252 -43.65 15.58 13.17
N ASN C 253 -43.13 16.76 12.86
CA ASN C 253 -43.91 18.01 12.81
C ASN C 253 -44.55 18.38 14.15
N HIS C 254 -45.82 18.04 14.36
CA HIS C 254 -46.50 18.29 15.64
C HIS C 254 -47.02 16.99 16.29
N THR C 255 -46.75 15.86 15.62
CA THR C 255 -47.16 14.53 16.07
C THR C 255 -46.05 13.86 16.88
N PHE C 256 -46.41 13.28 18.03
CA PHE C 256 -45.48 12.59 18.93
C PHE C 256 -45.66 11.07 18.88
N TYR C 257 -44.55 10.34 18.75
CA TYR C 257 -44.58 8.87 18.78
C TYR C 257 -43.70 8.32 19.89
N ARG C 258 -44.17 7.24 20.51
CA ARG C 258 -43.34 6.43 21.39
C ARG C 258 -43.14 5.08 20.70
N VAL C 259 -41.89 4.65 20.63
CA VAL C 259 -41.53 3.39 19.98
C VAL C 259 -41.13 2.38 21.05
N ASN C 260 -41.95 1.36 21.23
CA ASN C 260 -41.71 0.32 22.23
C ASN C 260 -41.11 -0.94 21.63
N ILE C 261 -40.12 -1.50 22.33
CA ILE C 261 -39.33 -2.61 21.82
C ILE C 261 -39.14 -3.72 22.87
N PRO C 262 -38.97 -4.98 22.42
CA PRO C 262 -38.68 -6.10 23.33
C PRO C 262 -37.27 -6.09 23.96
N THR C 263 -37.10 -6.91 25.00
CA THR C 263 -35.80 -7.15 25.60
C THR C 263 -35.06 -8.20 24.79
N ILE C 264 -33.79 -7.94 24.49
CA ILE C 264 -32.95 -8.84 23.74
C ILE C 264 -31.60 -9.06 24.42
N SER C 265 -30.98 -10.21 24.12
CA SER C 265 -29.59 -10.45 24.48
C SER C 265 -28.73 -9.47 23.70
N VAL C 266 -27.76 -8.87 24.37
CA VAL C 266 -26.94 -7.81 23.78
C VAL C 266 -25.45 -8.16 23.85
N LEU C 267 -24.71 -7.84 22.80
CA LEU C 267 -23.27 -8.06 22.79
C LEU C 267 -22.48 -6.76 22.64
N ASN C 268 -22.96 -5.86 21.78
CA ASN C 268 -22.28 -4.57 21.53
C ASN C 268 -23.18 -3.46 20.94
N PRO C 269 -23.78 -2.61 21.81
CA PRO C 269 -24.67 -1.56 21.34
C PRO C 269 -23.96 -0.31 20.77
N VAL C 270 -22.63 -0.31 20.74
CA VAL C 270 -21.90 0.81 20.12
C VAL C 270 -22.27 0.81 18.63
N GLY C 271 -22.57 1.98 18.09
CA GLY C 271 -23.02 2.12 16.71
C GLY C 271 -24.49 1.81 16.45
N SER C 272 -25.25 1.52 17.50
CA SER C 272 -26.69 1.27 17.34
C SER C 272 -27.41 2.52 16.82
N GLY C 273 -27.03 3.69 17.33
CA GLY C 273 -27.55 4.97 16.86
C GLY C 273 -27.26 5.20 15.38
N ASP C 274 -26.03 4.91 14.96
CA ASP C 274 -25.65 4.95 13.54
C ASP C 274 -26.46 3.96 12.68
N SER C 275 -26.68 2.76 13.19
CA SER C 275 -27.54 1.77 12.52
C SER C 275 -28.98 2.30 12.38
N THR C 276 -29.45 2.98 13.42
CA THR C 276 -30.74 3.68 13.42
C THR C 276 -30.79 4.75 12.33
N VAL C 277 -29.71 5.52 12.19
CA VAL C 277 -29.59 6.57 11.18
C VAL C 277 -29.59 6.02 9.75
N ALA C 278 -28.99 4.85 9.55
CA ALA C 278 -29.07 4.16 8.26
C ALA C 278 -30.52 3.78 7.96
N GLY C 279 -31.20 3.23 8.96
CA GLY C 279 -32.64 2.97 8.91
C GLY C 279 -33.47 4.18 8.51
N ILE C 280 -33.33 5.28 9.24
CA ILE C 280 -34.02 6.53 8.93
C ILE C 280 -33.76 6.98 7.50
N THR C 281 -32.48 7.01 7.09
CA THR C 281 -32.08 7.55 5.78
C THR C 281 -32.63 6.70 4.63
N SER C 282 -32.57 5.39 4.80
CA SER C 282 -33.22 4.45 3.89
C SER C 282 -34.72 4.75 3.77
N ALA C 283 -35.40 4.89 4.92
CA ALA C 283 -36.82 5.21 4.94
C ALA C 283 -37.13 6.54 4.23
N ILE C 284 -36.32 7.56 4.47
CA ILE C 284 -36.44 8.87 3.78
C ILE C 284 -36.27 8.74 2.26
N LEU C 285 -35.21 8.05 1.84
CA LEU C 285 -34.91 7.84 0.43
C LEU C 285 -36.09 7.18 -0.31
N ASN C 286 -36.79 6.29 0.39
CA ASN C 286 -37.83 5.49 -0.20
C ASN C 286 -39.24 5.90 0.24
N HIS C 287 -39.35 7.10 0.78
CA HIS C 287 -40.63 7.73 1.14
C HIS C 287 -41.54 6.83 1.99
N GLU C 288 -40.96 6.20 3.00
CA GLU C 288 -41.75 5.32 3.87
C GLU C 288 -42.58 6.13 4.84
N ASN C 289 -43.71 5.56 5.25
CA ASN C 289 -44.60 6.23 6.21
C ASN C 289 -43.95 6.30 7.60
N ASP C 290 -44.58 7.05 8.51
CA ASP C 290 -44.02 7.32 9.84
C ASP C 290 -43.74 6.05 10.65
N HIS C 291 -44.70 5.12 10.62
CA HIS C 291 -44.61 3.85 11.34
C HIS C 291 -43.51 2.91 10.81
N ASP C 292 -43.47 2.74 9.50
CA ASP C 292 -42.44 1.91 8.84
C ASP C 292 -41.02 2.49 9.03
N LEU C 293 -40.90 3.82 8.96
CA LEU C 293 -39.63 4.52 9.21
C LEU C 293 -39.07 4.20 10.61
N LEU C 294 -39.90 4.42 11.63
CA LEU C 294 -39.50 4.22 13.02
C LEU C 294 -39.20 2.75 13.36
N LYS C 295 -39.96 1.84 12.74
CA LYS C 295 -39.75 0.41 12.92
C LYS C 295 -38.45 -0.06 12.27
N LYS C 296 -38.17 0.39 11.05
CA LYS C 296 -36.91 0.10 10.35
C LYS C 296 -35.70 0.61 11.14
N ALA C 297 -35.79 1.86 11.61
CA ALA C 297 -34.72 2.51 12.37
C ALA C 297 -34.39 1.76 13.67
N ASN C 298 -35.44 1.37 14.40
CA ASN C 298 -35.24 0.66 15.65
C ASN C 298 -34.82 -0.79 15.44
N THR C 299 -35.33 -1.43 14.38
CA THR C 299 -34.92 -2.80 14.05
C THR C 299 -33.41 -2.88 13.80
N LEU C 300 -32.89 -1.97 12.98
CA LEU C 300 -31.46 -1.94 12.68
C LEU C 300 -30.63 -1.60 13.93
N GLY C 301 -31.08 -0.65 14.73
CA GLY C 301 -30.46 -0.35 16.02
C GLY C 301 -30.36 -1.55 16.93
N MSE C 302 -31.44 -2.33 17.04
CA MSE C 302 -31.48 -3.52 17.89
C MSE C 302 -30.58 -4.63 17.37
O MSE C 302 -29.88 -5.29 18.16
CB MSE C 302 -32.91 -4.07 18.00
CG MSE C 302 -33.90 -3.15 18.71
SE MSE C 302 -35.71 -3.93 18.62
CE MSE C 302 -35.38 -5.54 19.62
N LEU C 303 -30.61 -4.87 16.06
CA LEU C 303 -29.79 -5.89 15.40
C LEU C 303 -28.30 -5.63 15.61
N ASN C 304 -27.91 -4.36 15.52
CA ASN C 304 -26.54 -3.97 15.85
C ASN C 304 -26.16 -4.38 17.27
N ALA C 305 -27.06 -4.12 18.22
CA ALA C 305 -26.82 -4.38 19.64
C ALA C 305 -26.52 -5.84 19.91
N GLN C 306 -27.12 -6.71 19.09
CA GLN C 306 -26.96 -8.15 19.21
C GLN C 306 -25.63 -8.67 18.67
N GLU C 307 -24.97 -7.84 17.85
CA GLU C 307 -23.72 -8.23 17.20
C GLU C 307 -22.51 -7.77 17.99
N ALA C 308 -21.48 -8.62 18.06
CA ALA C 308 -20.19 -8.21 18.63
C ALA C 308 -19.52 -7.07 17.83
N GLN C 309 -19.82 -7.00 16.53
CA GLN C 309 -19.23 -5.98 15.65
C GLN C 309 -19.99 -4.64 15.76
N THR C 310 -19.22 -3.55 15.72
CA THR C 310 -19.79 -2.19 15.71
C THR C 310 -20.24 -1.85 14.29
N GLY C 311 -21.51 -1.44 14.18
CA GLY C 311 -22.12 -1.09 12.88
C GLY C 311 -22.28 -2.28 11.96
N TYR C 312 -22.95 -3.32 12.45
CA TYR C 312 -23.13 -4.56 11.71
C TYR C 312 -24.45 -5.20 12.11
N VAL C 313 -25.21 -5.70 11.14
CA VAL C 313 -26.53 -6.31 11.41
C VAL C 313 -26.72 -7.70 10.78
N ASN C 314 -27.49 -8.55 11.46
CA ASN C 314 -27.91 -9.84 10.89
C ASN C 314 -29.32 -9.71 10.36
N LEU C 315 -29.42 -9.53 9.05
CA LEU C 315 -30.68 -9.26 8.39
C LEU C 315 -31.63 -10.47 8.38
N ASN C 316 -31.10 -11.66 8.68
CA ASN C 316 -31.92 -12.85 8.85
C ASN C 316 -32.89 -12.72 10.01
N ASN C 317 -32.57 -11.84 10.96
CA ASN C 317 -33.42 -11.64 12.15
C ASN C 317 -34.23 -10.36 12.10
N TYR C 318 -34.25 -9.72 10.93
CA TYR C 318 -34.89 -8.43 10.75
C TYR C 318 -36.39 -8.51 10.99
N ASP C 319 -37.09 -9.36 10.22
CA ASP C 319 -38.55 -9.46 10.33
C ASP C 319 -39.02 -9.86 11.74
N ASP C 320 -38.31 -10.77 12.39
CA ASP C 320 -38.68 -11.23 13.73
C ASP C 320 -38.75 -10.09 14.75
N LEU C 321 -37.76 -9.20 14.71
CA LEU C 321 -37.73 -8.04 15.61
C LEU C 321 -38.65 -6.92 15.14
N PHE C 322 -38.71 -6.72 13.83
CA PHE C 322 -39.58 -5.72 13.21
C PHE C 322 -41.04 -5.91 13.66
N ASN C 323 -41.51 -7.16 13.62
CA ASN C 323 -42.89 -7.51 13.99
C ASN C 323 -43.24 -7.36 15.48
N GLN C 324 -42.22 -7.18 16.33
CA GLN C 324 -42.41 -7.05 17.77
C GLN C 324 -42.42 -5.58 18.25
N ILE C 325 -42.11 -4.66 17.34
CA ILE C 325 -42.04 -3.25 17.67
C ILE C 325 -43.43 -2.61 17.64
N GLU C 326 -43.69 -1.79 18.65
CA GLU C 326 -44.95 -1.07 18.77
C GLU C 326 -44.67 0.43 18.59
N VAL C 327 -45.36 1.03 17.63
CA VAL C 327 -45.34 2.49 17.45
C VAL C 327 -46.70 3.07 17.85
N LEU C 328 -46.71 3.88 18.91
CA LEU C 328 -47.94 4.50 19.41
C LEU C 328 -47.87 6.02 19.33
N GLU C 329 -48.96 6.64 18.90
CA GLU C 329 -49.06 8.10 18.93
C GLU C 329 -49.35 8.58 20.34
N VAL C 330 -48.60 9.60 20.77
CA VAL C 330 -48.55 10.01 22.17
C VAL C 330 -48.99 11.46 22.39
N GLY D 18 17.84 24.51 -46.43
CA GLY D 18 18.93 24.86 -45.49
C GLY D 18 18.59 24.56 -44.04
N SER D 19 19.54 24.85 -43.16
CA SER D 19 19.56 24.45 -41.74
C SER D 19 18.48 25.03 -40.81
N HIS D 20 17.40 25.56 -41.39
CA HIS D 20 16.32 26.15 -40.61
C HIS D 20 15.50 25.05 -39.91
N MSE D 21 15.97 24.65 -38.72
CA MSE D 21 15.42 23.52 -37.97
C MSE D 21 15.89 23.52 -36.52
O MSE D 21 17.01 23.94 -36.22
CB MSE D 21 15.84 22.19 -38.61
CG MSE D 21 15.14 20.93 -38.06
SE MSE D 21 15.57 19.39 -39.16
CE MSE D 21 14.43 19.80 -40.70
N ILE D 22 15.02 23.06 -35.63
CA ILE D 22 15.32 22.92 -34.20
C ILE D 22 15.66 21.46 -33.87
N LEU D 23 16.67 21.27 -33.01
CA LEU D 23 16.93 19.94 -32.43
C LEU D 23 16.48 19.90 -30.96
N THR D 24 15.67 18.90 -30.60
CA THR D 24 15.35 18.68 -29.19
C THR D 24 16.13 17.47 -28.65
N LEU D 25 16.51 17.55 -27.38
CA LEU D 25 17.23 16.44 -26.73
C LEU D 25 16.44 15.89 -25.56
N THR D 26 16.25 14.59 -25.58
CA THR D 26 15.65 13.84 -24.49
C THR D 26 16.58 12.67 -24.20
N LEU D 27 17.52 12.87 -23.28
CA LEU D 27 18.49 11.81 -22.97
C LEU D 27 17.85 10.75 -22.10
N ASN D 28 16.75 11.11 -21.44
CA ASN D 28 16.07 10.24 -20.48
C ASN D 28 14.57 10.06 -20.81
N PRO D 29 14.23 9.45 -21.98
CA PRO D 29 12.81 9.29 -22.27
C PRO D 29 12.16 8.15 -21.47
N SER D 30 10.85 8.01 -21.57
CA SER D 30 10.17 6.90 -20.92
C SER D 30 8.91 6.54 -21.70
N VAL D 31 8.45 5.30 -21.51
CA VAL D 31 7.13 4.88 -21.99
C VAL D 31 6.18 5.03 -20.79
N ASP D 32 5.36 6.07 -20.85
CA ASP D 32 4.57 6.47 -19.68
C ASP D 32 3.24 5.75 -19.72
N ILE D 33 2.89 5.08 -18.63
CA ILE D 33 1.58 4.41 -18.57
C ILE D 33 0.68 5.14 -17.56
N SER D 34 -0.54 5.47 -17.97
CA SER D 34 -1.51 6.13 -17.11
C SER D 34 -2.71 5.23 -16.84
N TYR D 35 -2.98 5.00 -15.56
CA TYR D 35 -4.10 4.19 -15.09
C TYR D 35 -5.11 5.01 -14.28
N PRO D 36 -6.22 5.42 -14.90
CA PRO D 36 -7.27 6.01 -14.07
C PRO D 36 -8.14 4.91 -13.43
N LEU D 37 -8.23 4.92 -12.10
CA LEU D 37 -9.03 3.95 -11.36
C LEU D 37 -10.05 4.68 -10.50
N THR D 38 -11.22 4.09 -10.27
CA THR D 38 -12.17 4.66 -9.28
C THR D 38 -11.56 4.59 -7.87
N ALA D 39 -11.01 3.43 -7.55
CA ALA D 39 -10.34 3.22 -6.28
C ALA D 39 -9.07 2.45 -6.56
N LEU D 40 -7.98 2.83 -5.91
CA LEU D 40 -6.80 1.98 -5.88
C LEU D 40 -6.89 1.07 -4.66
N LYS D 41 -7.16 -0.20 -4.92
CA LYS D 41 -7.40 -1.18 -3.87
C LYS D 41 -6.08 -1.84 -3.54
N LEU D 42 -5.58 -1.58 -2.33
CA LEU D 42 -4.25 -2.03 -1.95
C LEU D 42 -4.27 -3.51 -1.61
N ASP D 43 -3.20 -4.21 -1.99
CA ASP D 43 -3.09 -5.66 -1.73
C ASP D 43 -4.22 -6.45 -2.38
N ASP D 44 -4.65 -5.99 -3.55
CA ASP D 44 -5.77 -6.60 -4.26
C ASP D 44 -5.54 -6.37 -5.75
N VAL D 45 -6.40 -6.96 -6.57
CA VAL D 45 -6.31 -6.85 -8.03
C VAL D 45 -7.17 -5.67 -8.49
N ASN D 46 -6.60 -4.80 -9.33
CA ASN D 46 -7.31 -3.68 -9.91
C ASN D 46 -7.36 -3.86 -11.43
N ARG D 47 -8.56 -4.01 -11.98
CA ARG D 47 -8.72 -4.22 -13.44
C ARG D 47 -8.95 -2.90 -14.18
N VAL D 48 -8.18 -2.69 -15.25
CA VAL D 48 -8.32 -1.52 -16.11
C VAL D 48 -8.63 -1.91 -17.55
N GLN D 49 -9.41 -1.07 -18.23
CA GLN D 49 -9.72 -1.25 -19.64
C GLN D 49 -9.21 -0.04 -20.45
N GLU D 50 -9.24 1.15 -19.83
CA GLU D 50 -8.88 2.37 -20.54
C GLU D 50 -7.47 2.85 -20.18
N VAL D 51 -6.47 2.26 -20.83
CA VAL D 51 -5.07 2.63 -20.54
C VAL D 51 -4.46 3.49 -21.65
N SER D 52 -3.75 4.54 -21.26
CA SER D 52 -3.05 5.38 -22.18
C SER D 52 -1.54 5.17 -22.02
N LYS D 53 -0.85 4.84 -23.09
CA LYS D 53 0.61 4.69 -23.06
C LYS D 53 1.26 5.62 -24.08
N THR D 54 2.18 6.46 -23.60
CA THR D 54 2.69 7.57 -24.42
C THR D 54 4.23 7.59 -24.46
N ALA D 55 4.78 8.20 -25.50
CA ALA D 55 6.23 8.45 -25.59
C ALA D 55 6.54 9.65 -24.70
N GLY D 56 7.11 9.38 -23.53
CA GLY D 56 7.25 10.40 -22.48
C GLY D 56 8.62 11.01 -22.38
N GLY D 57 8.71 12.15 -21.70
CA GLY D 57 9.95 12.87 -21.51
C GLY D 57 9.69 14.33 -21.81
N LYS D 58 10.29 15.21 -21.02
CA LYS D 58 10.09 16.65 -21.17
C LYS D 58 10.46 17.12 -22.57
N GLY D 59 11.57 16.62 -23.08
CA GLY D 59 12.05 16.99 -24.41
C GLY D 59 11.11 16.56 -25.51
N LEU D 60 10.36 15.48 -25.28
CA LEU D 60 9.38 15.00 -26.26
C LEU D 60 8.09 15.81 -26.21
N ASN D 61 7.75 16.33 -25.03
CA ASN D 61 6.70 17.35 -24.89
C ASN D 61 7.05 18.58 -25.73
N VAL D 62 8.28 19.08 -25.60
CA VAL D 62 8.76 20.22 -26.40
C VAL D 62 8.59 19.92 -27.87
N THR D 63 8.98 18.71 -28.26
CA THR D 63 8.93 18.26 -29.66
C THR D 63 7.52 18.26 -30.27
N ARG D 64 6.57 17.67 -29.54
CA ARG D 64 5.19 17.59 -29.99
C ARG D 64 4.57 18.97 -30.22
N VAL D 65 4.80 19.88 -29.26
CA VAL D 65 4.29 21.25 -29.37
C VAL D 65 4.92 22.01 -30.54
N LEU D 66 6.24 21.91 -30.72
CA LEU D 66 6.91 22.47 -31.91
C LEU D 66 6.31 21.92 -33.21
N ALA D 67 6.17 20.60 -33.31
CA ALA D 67 5.51 20.00 -34.46
C ALA D 67 4.11 20.60 -34.69
N GLN D 68 3.35 20.77 -33.60
CA GLN D 68 2.00 21.33 -33.68
C GLN D 68 1.96 22.74 -34.24
N VAL D 69 2.96 23.54 -33.87
CA VAL D 69 3.08 24.93 -34.29
C VAL D 69 3.64 25.04 -35.72
N GLY D 70 4.10 23.92 -36.26
CA GLY D 70 4.60 23.88 -37.63
C GLY D 70 6.07 24.21 -37.79
N GLU D 71 6.82 24.24 -36.69
CA GLU D 71 8.27 24.44 -36.76
C GLU D 71 8.99 23.16 -37.21
N PRO D 72 10.05 23.31 -38.05
CA PRO D 72 10.79 22.12 -38.46
C PRO D 72 11.60 21.65 -37.26
N VAL D 73 11.42 20.39 -36.89
CA VAL D 73 11.97 19.86 -35.63
C VAL D 73 12.46 18.44 -35.81
N LEU D 74 13.54 18.11 -35.10
CA LEU D 74 14.13 16.79 -35.12
C LEU D 74 14.42 16.41 -33.68
N ALA D 75 13.88 15.27 -33.25
CA ALA D 75 14.09 14.78 -31.89
C ALA D 75 15.30 13.83 -31.81
N SER D 76 16.17 14.07 -30.84
CA SER D 76 17.27 13.15 -30.54
C SER D 76 17.37 12.85 -29.03
N GLY D 77 18.36 12.04 -28.68
CA GLY D 77 18.48 11.49 -27.32
C GLY D 77 18.81 10.02 -27.43
N PHE D 78 18.70 9.31 -26.33
CA PHE D 78 18.99 7.87 -26.25
C PHE D 78 17.71 7.05 -26.22
N ILE D 79 17.67 5.97 -27.00
CA ILE D 79 16.60 4.97 -26.84
C ILE D 79 17.22 3.57 -26.84
N GLY D 80 16.53 2.61 -26.26
CA GLY D 80 17.03 1.23 -26.27
C GLY D 80 15.97 0.17 -26.27
N GLY D 81 16.22 -0.92 -27.00
CA GLY D 81 15.35 -2.10 -26.99
C GLY D 81 13.96 -1.86 -27.57
N GLU D 82 13.02 -2.72 -27.19
CA GLU D 82 11.63 -2.66 -27.70
C GLU D 82 10.87 -1.41 -27.24
N LEU D 83 11.12 -0.96 -26.03
CA LEU D 83 10.47 0.29 -25.56
C LEU D 83 11.01 1.51 -26.30
N GLY D 84 12.28 1.47 -26.68
CA GLY D 84 12.85 2.51 -27.55
C GLY D 84 12.11 2.60 -28.87
N GLN D 85 11.82 1.45 -29.46
CA GLN D 85 11.09 1.36 -30.73
C GLN D 85 9.63 1.83 -30.62
N PHE D 86 8.99 1.59 -29.48
CA PHE D 86 7.66 2.18 -29.20
C PHE D 86 7.71 3.71 -29.33
N ILE D 87 8.75 4.33 -28.78
CA ILE D 87 8.92 5.78 -28.88
C ILE D 87 9.08 6.22 -30.34
N ALA D 88 9.96 5.56 -31.08
CA ALA D 88 10.19 5.88 -32.49
C ALA D 88 8.90 5.76 -33.29
N LYS D 89 8.16 4.68 -33.05
CA LYS D 89 6.89 4.44 -33.73
C LYS D 89 5.83 5.51 -33.45
N LYS D 90 5.72 5.95 -32.20
CA LYS D 90 4.78 7.02 -31.83
C LYS D 90 5.09 8.34 -32.57
N LEU D 91 6.36 8.71 -32.60
CA LEU D 91 6.78 9.87 -33.39
C LEU D 91 6.50 9.70 -34.88
N ASP D 92 6.80 8.52 -35.43
CA ASP D 92 6.51 8.23 -36.84
C ASP D 92 5.03 8.48 -37.17
N HIS D 93 4.15 8.01 -36.28
CA HIS D 93 2.70 8.18 -36.44
C HIS D 93 2.28 9.64 -36.42
N ALA D 94 3.00 10.47 -35.66
CA ALA D 94 2.75 11.92 -35.59
C ALA D 94 3.50 12.68 -36.70
N ASP D 95 4.17 11.93 -37.58
CA ASP D 95 5.03 12.48 -38.64
C ASP D 95 6.14 13.38 -38.13
N ILE D 96 6.65 13.06 -36.95
CA ILE D 96 7.74 13.82 -36.33
C ILE D 96 9.09 13.12 -36.61
N LYS D 97 10.04 13.88 -37.12
CA LYS D 97 11.36 13.34 -37.45
C LYS D 97 12.18 13.11 -36.20
N HIS D 98 12.96 12.03 -36.20
CA HIS D 98 13.87 11.74 -35.09
C HIS D 98 15.19 11.12 -35.55
N ALA D 99 16.22 11.35 -34.75
CA ALA D 99 17.55 10.79 -34.99
C ALA D 99 18.17 10.47 -33.64
N PHE D 100 17.58 9.48 -32.96
CA PHE D 100 18.04 9.01 -31.67
C PHE D 100 19.32 8.21 -31.82
N TYR D 101 19.98 7.95 -30.70
CA TYR D 101 21.13 7.07 -30.64
C TYR D 101 20.76 5.83 -29.81
N ASN D 102 20.95 4.64 -30.38
CA ASN D 102 20.53 3.43 -29.69
C ASN D 102 21.53 2.94 -28.64
N ILE D 103 21.00 2.45 -27.53
CA ILE D 103 21.84 1.90 -26.46
C ILE D 103 21.58 0.42 -26.23
N LYS D 104 22.50 -0.24 -25.51
CA LYS D 104 22.37 -1.65 -25.14
C LYS D 104 21.21 -1.86 -24.16
N GLY D 105 20.98 -0.88 -23.29
CA GLY D 105 19.95 -0.95 -22.27
C GLY D 105 18.57 -0.70 -22.85
N GLU D 106 17.56 -0.89 -22.01
CA GLU D 106 16.18 -0.79 -22.43
C GLU D 106 15.64 0.55 -21.93
N THR D 107 14.95 1.26 -22.81
CA THR D 107 14.20 2.44 -22.42
C THR D 107 13.24 2.07 -21.28
N ARG D 108 13.11 2.97 -20.31
CA ARG D 108 12.32 2.73 -19.09
C ARG D 108 10.79 2.92 -19.28
N ASN D 109 10.03 2.39 -18.32
CA ASN D 109 8.61 2.75 -18.16
C ASN D 109 8.48 3.74 -17.01
N CYS D 110 7.44 4.56 -17.03
CA CYS D 110 7.00 5.22 -15.80
C CYS D 110 5.49 5.04 -15.67
N ILE D 111 5.00 4.95 -14.43
CA ILE D 111 3.60 4.68 -14.12
C ILE D 111 2.99 5.85 -13.36
N ALA D 112 1.78 6.25 -13.76
CA ALA D 112 0.96 7.21 -13.00
C ALA D 112 -0.40 6.56 -12.76
N ILE D 113 -0.82 6.51 -11.50
CA ILE D 113 -2.10 5.94 -11.12
C ILE D 113 -2.98 7.08 -10.64
N LEU D 114 -4.11 7.29 -11.30
CA LEU D 114 -5.03 8.37 -10.95
C LEU D 114 -6.23 7.82 -10.21
N HIS D 115 -6.29 8.09 -8.90
CA HIS D 115 -7.33 7.50 -8.05
C HIS D 115 -7.79 8.43 -6.93
N GLU D 116 -9.11 8.57 -6.81
CA GLU D 116 -9.74 9.29 -5.71
C GLU D 116 -9.05 10.65 -5.47
N GLY D 117 -8.89 11.40 -6.55
CA GLY D 117 -8.27 12.74 -6.51
C GLY D 117 -6.77 12.79 -6.30
N GLN D 118 -6.11 11.63 -6.31
CA GLN D 118 -4.68 11.55 -6.06
C GLN D 118 -3.96 11.12 -7.31
N GLN D 119 -2.64 11.32 -7.32
CA GLN D 119 -1.79 10.88 -8.42
C GLN D 119 -0.57 10.20 -7.83
N THR D 120 -0.53 8.88 -7.96
CA THR D 120 0.52 8.08 -7.37
C THR D 120 1.43 7.60 -8.52
N GLU D 121 2.74 7.90 -8.41
CA GLU D 121 3.66 7.62 -9.52
C GLU D 121 4.78 6.68 -9.14
N ILE D 122 5.18 5.84 -10.09
CA ILE D 122 6.35 4.99 -9.96
C ILE D 122 7.30 5.33 -11.11
N LEU D 123 8.49 5.79 -10.74
CA LEU D 123 9.45 6.27 -11.71
C LEU D 123 10.65 5.35 -11.70
N GLU D 124 10.90 4.70 -12.83
CA GLU D 124 12.05 3.80 -12.98
C GLU D 124 13.30 4.62 -13.22
N GLN D 125 14.41 4.21 -12.62
CA GLN D 125 15.69 4.88 -12.81
C GLN D 125 16.17 4.77 -14.26
N GLY D 126 15.93 3.62 -14.88
CA GLY D 126 16.20 3.43 -16.28
C GLY D 126 17.57 2.86 -16.58
N PRO D 127 17.95 2.85 -17.87
CA PRO D 127 19.19 2.19 -18.27
C PRO D 127 20.44 2.97 -17.89
N GLU D 128 21.54 2.26 -17.75
CA GLU D 128 22.85 2.85 -17.61
C GLU D 128 23.46 3.04 -19.00
N ILE D 129 23.93 4.26 -19.28
CA ILE D 129 24.63 4.57 -20.53
C ILE D 129 26.12 4.33 -20.28
N ASP D 130 26.74 3.44 -21.06
CA ASP D 130 28.17 3.15 -20.84
C ASP D 130 29.10 4.14 -21.55
N ASN D 131 30.40 3.99 -21.30
CA ASN D 131 31.40 4.93 -21.82
CA ASN D 131 31.42 4.91 -21.82
C ASN D 131 31.39 5.05 -23.34
N GLN D 132 31.28 3.90 -24.03
CA GLN D 132 31.25 3.82 -25.49
C GLN D 132 30.07 4.63 -26.07
N GLU D 133 28.88 4.41 -25.52
CA GLU D 133 27.64 5.03 -25.98
C GLU D 133 27.63 6.53 -25.76
N ALA D 134 28.06 6.96 -24.57
CA ALA D 134 28.24 8.37 -24.22
C ALA D 134 29.15 9.09 -25.22
N ALA D 135 30.30 8.49 -25.51
CA ALA D 135 31.25 9.05 -26.48
C ALA D 135 30.67 8.97 -27.90
N GLY D 136 30.01 7.86 -28.20
CA GLY D 136 29.39 7.69 -29.51
C GLY D 136 28.34 8.76 -29.75
N PHE D 137 27.50 9.00 -28.75
CA PHE D 137 26.47 10.04 -28.88
C PHE D 137 27.04 11.43 -29.18
N ILE D 138 28.09 11.81 -28.46
CA ILE D 138 28.75 13.09 -28.70
C ILE D 138 29.18 13.26 -30.17
N LYS D 139 29.70 12.19 -30.78
CA LYS D 139 30.13 12.26 -32.18
C LYS D 139 28.93 12.48 -33.11
N HIS D 140 27.87 11.72 -32.86
CA HIS D 140 26.60 11.79 -33.59
C HIS D 140 26.00 13.19 -33.45
N PHE D 141 26.04 13.75 -32.24
CA PHE D 141 25.55 15.11 -31.98
C PHE D 141 26.30 16.16 -32.81
N GLU D 142 27.64 16.08 -32.81
CA GLU D 142 28.48 16.95 -33.64
C GLU D 142 28.04 16.92 -35.11
N GLN D 143 27.77 15.72 -35.61
CA GLN D 143 27.36 15.53 -37.02
C GLN D 143 26.04 16.23 -37.37
N MSE D 144 25.29 16.67 -36.35
CA MSE D 144 23.97 17.32 -36.53
CA MSE D 144 24.00 17.34 -36.58
C MSE D 144 24.04 18.85 -36.48
O MSE D 144 23.07 19.54 -36.82
CB MSE D 144 22.96 16.84 -35.48
CB MSE D 144 22.92 16.78 -35.65
CG MSE D 144 23.02 15.35 -35.11
CG MSE D 144 22.55 15.36 -35.96
SE MSE D 144 21.39 14.70 -34.21
SE MSE D 144 21.00 14.84 -34.95
CE MSE D 144 20.27 14.77 -35.78
CE MSE D 144 21.79 14.76 -33.16
N MSE D 145 25.17 19.39 -36.03
CA MSE D 145 25.31 20.85 -35.83
C MSE D 145 25.20 21.72 -37.08
O MSE D 145 24.84 22.91 -36.99
CB MSE D 145 26.58 21.19 -35.05
CG MSE D 145 26.57 20.71 -33.60
SE MSE D 145 25.14 21.52 -32.57
CE MSE D 145 23.71 20.19 -32.79
N GLU D 146 25.50 21.15 -38.24
CA GLU D 146 25.37 21.88 -39.50
C GLU D 146 23.93 21.88 -40.01
N LYS D 147 23.14 20.94 -39.48
CA LYS D 147 21.75 20.72 -39.91
C LYS D 147 20.70 21.55 -39.12
N VAL D 148 21.11 22.20 -38.02
CA VAL D 148 20.16 22.89 -37.13
C VAL D 148 20.61 24.28 -36.72
N GLU D 149 19.65 25.10 -36.27
CA GLU D 149 19.94 26.47 -35.88
C GLU D 149 19.51 26.80 -34.45
N ALA D 150 18.97 25.81 -33.75
CA ALA D 150 18.71 25.95 -32.31
C ALA D 150 18.54 24.56 -31.66
N VAL D 151 18.89 24.47 -30.38
CA VAL D 151 18.78 23.21 -29.64
C VAL D 151 18.05 23.46 -28.32
N ALA D 152 17.02 22.66 -28.08
CA ALA D 152 16.27 22.67 -26.81
C ALA D 152 16.61 21.40 -26.02
N ILE D 153 17.10 21.60 -24.79
CA ILE D 153 17.55 20.51 -23.92
C ILE D 153 16.69 20.50 -22.66
N SER D 154 16.03 19.37 -22.41
CA SER D 154 15.11 19.26 -21.27
C SER D 154 15.39 18.00 -20.46
N GLY D 155 15.23 18.10 -19.14
CA GLY D 155 15.23 16.90 -18.28
C GLY D 155 16.59 16.56 -17.69
N SER D 156 16.62 15.53 -16.85
CA SER D 156 17.84 15.17 -16.17
C SER D 156 18.62 14.15 -16.99
N LEU D 157 19.86 13.87 -16.55
CA LEU D 157 20.72 12.90 -17.21
C LEU D 157 20.33 11.47 -16.82
N PRO D 158 20.36 10.54 -17.80
CA PRO D 158 20.21 9.13 -17.44
C PRO D 158 21.38 8.63 -16.61
N LYS D 159 21.16 7.50 -15.93
CA LYS D 159 22.19 6.81 -15.15
C LYS D 159 23.45 6.57 -15.98
N GLY D 160 24.61 6.80 -15.38
CA GLY D 160 25.90 6.40 -15.99
C GLY D 160 26.69 7.48 -16.71
N LEU D 161 26.03 8.58 -17.03
CA LEU D 161 26.68 9.69 -17.71
C LEU D 161 27.49 10.53 -16.73
N ASN D 162 28.65 11.01 -17.18
CA ASN D 162 29.45 11.94 -16.40
C ASN D 162 28.60 13.16 -16.08
N GLN D 163 28.76 13.70 -14.88
CA GLN D 163 28.05 14.91 -14.47
C GLN D 163 28.23 16.10 -15.44
N ASP D 164 29.33 16.08 -16.20
CA ASP D 164 29.61 17.18 -17.14
C ASP D 164 28.96 17.02 -18.54
N TYR D 165 28.11 16.02 -18.70
CA TYR D 165 27.61 15.68 -20.03
C TYR D 165 26.88 16.80 -20.77
N TYR D 166 26.04 17.57 -20.08
CA TYR D 166 25.38 18.69 -20.75
C TYR D 166 26.38 19.80 -21.09
N ALA D 167 27.36 20.00 -20.21
CA ALA D 167 28.48 20.92 -20.48
C ALA D 167 29.17 20.56 -21.80
N GLN D 168 29.51 19.27 -21.97
CA GLN D 168 30.06 18.75 -23.23
C GLN D 168 29.17 19.05 -24.45
N ILE D 169 27.86 18.84 -24.31
CA ILE D 169 26.88 19.09 -25.39
C ILE D 169 26.81 20.56 -25.78
N ILE D 170 26.68 21.43 -24.77
CA ILE D 170 26.59 22.88 -24.97
C ILE D 170 27.89 23.43 -25.58
N GLU D 171 29.02 22.83 -25.20
CA GLU D 171 30.30 23.18 -25.82
C GLU D 171 30.23 23.02 -27.34
N ARG D 172 29.75 21.87 -27.82
CA ARG D 172 29.58 21.60 -29.26
C ARG D 172 28.64 22.57 -29.97
N CYS D 173 27.61 23.03 -29.26
CA CYS D 173 26.68 24.02 -29.79
C CYS D 173 27.36 25.38 -29.92
N GLN D 174 28.08 25.78 -28.88
CA GLN D 174 28.83 27.05 -28.87
C GLN D 174 29.90 27.06 -29.96
N ASN D 175 30.56 25.91 -30.17
CA ASN D 175 31.57 25.75 -31.23
C ASN D 175 31.03 26.08 -32.62
N LYS D 176 29.71 25.91 -32.80
CA LYS D 176 29.09 26.12 -34.10
C LYS D 176 28.08 27.28 -34.10
N GLY D 177 28.05 28.06 -33.03
CA GLY D 177 27.13 29.19 -32.90
C GLY D 177 25.67 28.81 -32.96
N VAL D 178 25.33 27.68 -32.35
CA VAL D 178 23.95 27.19 -32.29
C VAL D 178 23.43 27.46 -30.87
N PRO D 179 22.44 28.37 -30.73
CA PRO D 179 21.94 28.72 -29.39
C PRO D 179 21.18 27.59 -28.70
N VAL D 180 21.29 27.55 -27.37
CA VAL D 180 20.72 26.50 -26.55
C VAL D 180 19.70 27.05 -25.58
N ILE D 181 18.51 26.45 -25.61
CA ILE D 181 17.46 26.73 -24.64
C ILE D 181 17.45 25.54 -23.69
N LEU D 182 17.73 25.81 -22.43
CA LEU D 182 17.95 24.74 -21.45
C LEU D 182 16.92 24.77 -20.32
N ASP D 183 16.34 23.60 -20.06
CA ASP D 183 15.32 23.45 -19.02
C ASP D 183 15.64 22.22 -18.20
N CYS D 184 16.49 22.42 -17.20
CA CYS D 184 16.77 21.38 -16.22
C CYS D 184 16.83 22.06 -14.85
N SER D 185 17.08 21.28 -13.81
CA SER D 185 17.01 21.82 -12.45
C SER D 185 18.01 21.12 -11.53
N GLY D 186 18.15 21.65 -10.32
CA GLY D 186 18.96 21.00 -9.29
C GLY D 186 20.44 21.01 -9.61
N ALA D 187 21.12 19.95 -9.19
CA ALA D 187 22.58 19.83 -9.38
C ALA D 187 22.96 19.79 -10.85
N THR D 188 22.01 19.36 -11.68
CA THR D 188 22.19 19.33 -13.13
C THR D 188 22.36 20.74 -13.70
N LEU D 189 21.42 21.64 -13.37
CA LEU D 189 21.49 23.04 -13.79
C LEU D 189 22.70 23.74 -13.19
N GLN D 190 22.95 23.45 -11.92
CA GLN D 190 24.12 23.98 -11.19
C GLN D 190 25.43 23.70 -11.93
N THR D 191 25.62 22.45 -12.37
CA THR D 191 26.85 22.02 -13.07
C THR D 191 27.07 22.79 -14.39
N VAL D 192 25.99 22.98 -15.16
CA VAL D 192 26.04 23.78 -16.38
C VAL D 192 26.40 25.24 -16.08
N LEU D 193 25.72 25.83 -15.10
CA LEU D 193 25.96 27.23 -14.73
C LEU D 193 27.40 27.50 -14.28
N GLU D 194 28.06 26.48 -13.73
CA GLU D 194 29.44 26.59 -13.26
C GLU D 194 30.50 26.45 -14.37
N ASN D 195 30.08 25.92 -15.51
CA ASN D 195 31.00 25.70 -16.64
C ASN D 195 31.04 26.91 -17.59
N PRO D 196 32.11 27.03 -18.39
CA PRO D 196 32.27 28.16 -19.30
C PRO D 196 31.32 28.19 -20.51
N TYR D 197 30.81 27.04 -20.93
CA TYR D 197 29.95 27.00 -22.12
C TYR D 197 28.50 27.15 -21.72
N LYS D 198 27.94 28.31 -22.05
CA LYS D 198 26.66 28.75 -21.50
C LYS D 198 25.51 28.50 -22.45
N PRO D 199 24.32 28.17 -21.89
CA PRO D 199 23.10 28.15 -22.69
C PRO D 199 22.67 29.59 -22.97
N THR D 200 21.91 29.79 -24.04
CA THR D 200 21.40 31.11 -24.42
C THR D 200 20.15 31.51 -23.60
N VAL D 201 19.34 30.51 -23.23
CA VAL D 201 18.15 30.71 -22.40
C VAL D 201 18.13 29.61 -21.36
N ILE D 202 17.74 29.97 -20.13
CA ILE D 202 17.29 28.97 -19.15
C ILE D 202 15.84 29.28 -18.75
N LYS D 203 15.06 28.23 -18.46
CA LYS D 203 13.65 28.42 -18.12
C LYS D 203 13.26 27.66 -16.86
N PRO D 204 13.79 28.09 -15.70
CA PRO D 204 13.32 27.52 -14.43
C PRO D 204 11.93 28.08 -14.11
N ASN D 205 11.10 27.30 -13.42
CA ASN D 205 9.95 27.91 -12.74
C ASN D 205 10.45 28.58 -11.44
N ILE D 206 9.60 29.36 -10.79
CA ILE D 206 10.00 30.10 -9.59
C ILE D 206 10.57 29.17 -8.48
N SER D 207 9.88 28.06 -8.24
CA SER D 207 10.31 27.04 -7.29
C SER D 207 11.72 26.52 -7.59
N GLU D 208 11.98 26.19 -8.86
CA GLU D 208 13.29 25.69 -9.30
C GLU D 208 14.39 26.72 -9.12
N LEU D 209 14.09 27.99 -9.42
CA LEU D 209 15.06 29.07 -9.28
C LEU D 209 15.58 29.13 -7.84
N TYR D 210 14.67 29.20 -6.88
CA TYR D 210 15.02 29.34 -5.47
C TYR D 210 15.61 28.06 -4.86
N GLN D 211 15.12 26.89 -5.28
CA GLN D 211 15.70 25.60 -4.86
C GLN D 211 17.19 25.50 -5.22
N LEU D 212 17.52 25.92 -6.44
CA LEU D 212 18.90 26.00 -6.93
C LEU D 212 19.77 26.88 -6.03
N LEU D 213 19.21 28.02 -5.60
CA LEU D 213 19.87 29.01 -4.77
C LEU D 213 19.85 28.71 -3.26
N ASN D 214 19.14 27.63 -2.89
CA ASN D 214 18.93 27.25 -1.49
CA ASN D 214 18.95 27.26 -1.48
C ASN D 214 18.30 28.37 -0.65
N GLN D 215 17.54 29.24 -1.32
CA GLN D 215 16.86 30.37 -0.69
C GLN D 215 15.35 30.13 -0.57
N PRO D 216 14.68 30.80 0.40
CA PRO D 216 13.22 30.78 0.49
C PRO D 216 12.52 31.38 -0.74
N LEU D 217 11.44 30.73 -1.16
CA LEU D 217 10.65 31.21 -2.30
C LEU D 217 10.01 32.59 -2.02
N ASP D 218 10.32 33.54 -2.90
CA ASP D 218 9.83 34.91 -2.76
C ASP D 218 9.39 35.46 -4.11
N GLU D 219 8.12 35.84 -4.19
CA GLU D 219 7.47 36.28 -5.43
C GLU D 219 7.59 37.77 -5.76
N SER D 220 8.22 38.54 -4.87
CA SER D 220 8.36 39.99 -5.08
C SER D 220 9.32 40.31 -6.21
N LEU D 221 9.08 41.41 -6.91
CA LEU D 221 9.95 41.84 -8.02
C LEU D 221 11.40 42.02 -7.59
N GLU D 222 11.60 42.66 -6.43
CA GLU D 222 12.93 42.93 -5.89
CA GLU D 222 12.95 42.93 -5.92
C GLU D 222 13.73 41.67 -5.59
N SER D 223 13.08 40.66 -5.03
CA SER D 223 13.74 39.38 -4.74
C SER D 223 14.12 38.62 -6.02
N LEU D 224 13.18 38.55 -6.98
CA LEU D 224 13.41 37.91 -8.27
C LEU D 224 14.55 38.57 -9.06
N LYS D 225 14.61 39.91 -9.00
CA LYS D 225 15.68 40.67 -9.64
C LYS D 225 17.05 40.37 -9.01
N GLN D 226 17.06 40.13 -7.70
CA GLN D 226 18.29 39.82 -6.97
C GLN D 226 18.73 38.39 -7.24
N ALA D 227 17.75 37.48 -7.31
CA ALA D 227 18.00 36.07 -7.54
C ALA D 227 18.68 35.85 -8.90
N VAL D 228 18.07 36.38 -9.96
CA VAL D 228 18.53 36.13 -11.33
C VAL D 228 19.81 36.88 -11.67
N SER D 229 20.17 37.87 -10.85
CA SER D 229 21.36 38.69 -11.06
C SER D 229 22.58 38.21 -10.28
N GLN D 230 22.46 37.06 -9.63
CA GLN D 230 23.59 36.45 -8.93
C GLN D 230 24.68 35.97 -9.91
N PRO D 231 25.95 35.93 -9.44
CA PRO D 231 27.09 35.49 -10.26
C PRO D 231 26.92 34.14 -10.95
N LEU D 232 26.17 33.23 -10.32
CA LEU D 232 25.88 31.93 -10.90
C LEU D 232 25.24 32.02 -12.30
N PHE D 233 24.48 33.07 -12.53
CA PHE D 233 23.73 33.21 -13.78
C PHE D 233 24.47 34.05 -14.80
N GLU D 234 25.75 34.28 -14.54
CA GLU D 234 26.61 35.12 -15.37
C GLU D 234 26.75 34.60 -16.80
N GLY D 235 26.58 35.50 -17.76
CA GLY D 235 26.79 35.14 -19.16
C GLY D 235 25.65 34.37 -19.80
N ILE D 236 24.48 34.38 -19.18
CA ILE D 236 23.27 33.81 -19.78
C ILE D 236 22.40 34.94 -20.35
N GLU D 237 22.14 34.90 -21.65
CA GLU D 237 21.39 35.96 -22.34
C GLU D 237 19.96 36.11 -21.80
N TRP D 238 19.22 35.02 -21.76
CA TRP D 238 17.83 35.01 -21.27
C TRP D 238 17.65 34.13 -20.04
N ILE D 239 17.19 34.72 -18.94
CA ILE D 239 16.69 33.94 -17.79
C ILE D 239 15.17 34.16 -17.69
N ILE D 240 14.41 33.15 -18.07
CA ILE D 240 12.97 33.26 -18.11
C ILE D 240 12.35 32.41 -16.99
N VAL D 241 11.83 33.09 -15.98
CA VAL D 241 11.26 32.46 -14.80
C VAL D 241 9.74 32.37 -14.95
N SER D 242 9.21 31.16 -15.10
CA SER D 242 7.78 30.99 -15.32
C SER D 242 7.08 30.89 -13.98
N LEU D 243 5.86 31.41 -13.92
CA LEU D 243 5.21 31.62 -12.64
C LEU D 243 3.82 31.00 -12.63
N GLY D 244 3.62 29.98 -13.47
CA GLY D 244 2.31 29.31 -13.56
C GLY D 244 1.24 30.30 -13.97
N ALA D 245 0.12 30.31 -13.23
CA ALA D 245 -1.03 31.16 -13.56
C ALA D 245 -0.71 32.66 -13.53
N GLN D 246 0.38 33.01 -12.84
CA GLN D 246 0.83 34.40 -12.69
C GLN D 246 1.69 34.91 -13.86
N GLY D 247 1.97 34.05 -14.84
CA GLY D 247 2.70 34.47 -16.04
C GLY D 247 4.19 34.20 -15.94
N ALA D 248 4.99 35.25 -16.14
CA ALA D 248 6.45 35.10 -16.19
C ALA D 248 7.23 36.33 -15.74
N PHE D 249 8.49 36.09 -15.36
CA PHE D 249 9.44 37.16 -15.07
C PHE D 249 10.72 36.80 -15.81
N ALA D 250 11.35 37.78 -16.45
CA ALA D 250 12.53 37.51 -17.27
C ALA D 250 13.62 38.56 -17.13
N LYS D 251 14.87 38.12 -17.31
CA LYS D 251 15.98 39.04 -17.57
C LYS D 251 16.51 38.75 -18.97
N HIS D 252 16.54 39.78 -19.79
CA HIS D 252 17.24 39.72 -21.07
C HIS D 252 18.38 40.72 -21.03
N ASN D 253 19.60 40.21 -20.97
CA ASN D 253 20.79 41.03 -20.76
C ASN D 253 20.66 41.91 -19.50
N HIS D 254 20.43 43.20 -19.68
CA HIS D 254 20.25 44.12 -18.55
C HIS D 254 18.79 44.49 -18.32
N THR D 255 17.91 44.09 -19.23
CA THR D 255 16.49 44.43 -19.18
C THR D 255 15.64 43.41 -18.40
N PHE D 256 14.85 43.89 -17.44
CA PHE D 256 13.92 43.05 -16.70
C PHE D 256 12.51 43.18 -17.27
N TYR D 257 11.82 42.05 -17.37
CA TYR D 257 10.45 42.00 -17.90
C TYR D 257 9.46 41.33 -16.95
N ARG D 258 8.26 41.89 -16.85
CA ARG D 258 7.14 41.22 -16.19
C ARG D 258 6.09 40.89 -17.25
N VAL D 259 5.64 39.65 -17.26
CA VAL D 259 4.66 39.19 -18.25
C VAL D 259 3.37 38.83 -17.52
N ASN D 260 2.34 39.66 -17.71
CA ASN D 260 1.07 39.44 -17.06
C ASN D 260 0.09 38.79 -18.00
N ILE D 261 -0.65 37.83 -17.48
CA ILE D 261 -1.56 37.05 -18.30
C ILE D 261 -2.98 37.02 -17.69
N PRO D 262 -4.01 36.84 -18.54
CA PRO D 262 -5.39 36.66 -18.04
C PRO D 262 -5.64 35.34 -17.31
N THR D 263 -6.74 35.30 -16.54
CA THR D 263 -7.19 34.08 -15.85
C THR D 263 -8.05 33.26 -16.80
N ILE D 264 -7.66 32.01 -17.02
CA ILE D 264 -8.29 31.16 -18.02
C ILE D 264 -8.78 29.83 -17.46
N SER D 265 -9.59 29.12 -18.26
CA SER D 265 -10.09 27.81 -17.86
C SER D 265 -8.99 26.75 -17.93
N VAL D 266 -8.59 26.25 -16.77
CA VAL D 266 -7.47 25.31 -16.66
C VAL D 266 -7.96 23.88 -16.45
N LEU D 267 -7.44 22.96 -17.27
CA LEU D 267 -7.65 21.52 -17.08
C LEU D 267 -6.41 20.83 -16.51
N ASN D 268 -5.27 20.94 -17.20
CA ASN D 268 -4.03 20.32 -16.71
C ASN D 268 -2.79 21.10 -17.16
N PRO D 269 -2.12 21.77 -16.22
CA PRO D 269 -0.97 22.63 -16.53
C PRO D 269 0.36 21.88 -16.67
N VAL D 270 0.38 20.58 -16.37
CA VAL D 270 1.61 19.80 -16.50
C VAL D 270 2.05 19.88 -17.95
N GLY D 271 3.34 20.14 -18.17
CA GLY D 271 3.86 20.31 -19.52
C GLY D 271 3.72 21.72 -20.07
N SER D 272 3.17 22.63 -19.26
CA SER D 272 3.06 24.04 -19.68
C SER D 272 4.43 24.72 -19.78
N GLY D 273 5.36 24.32 -18.90
CA GLY D 273 6.75 24.79 -18.98
C GLY D 273 7.43 24.28 -20.23
N ASP D 274 7.15 23.03 -20.60
CA ASP D 274 7.70 22.45 -21.84
C ASP D 274 7.12 23.16 -23.08
N SER D 275 5.83 23.49 -23.01
CA SER D 275 5.19 24.28 -24.07
C SER D 275 5.80 25.69 -24.21
N THR D 276 6.08 26.31 -23.07
CA THR D 276 6.78 27.60 -23.02
C THR D 276 8.16 27.49 -23.69
N VAL D 277 8.88 26.42 -23.37
CA VAL D 277 10.19 26.14 -23.97
C VAL D 277 10.11 25.98 -25.49
N ALA D 278 9.07 25.30 -25.97
CA ALA D 278 8.82 25.22 -27.42
C ALA D 278 8.60 26.61 -28.03
N GLY D 279 7.83 27.46 -27.33
CA GLY D 279 7.60 28.87 -27.75
C GLY D 279 8.89 29.69 -27.81
N ILE D 280 9.68 29.63 -26.75
CA ILE D 280 10.99 30.30 -26.70
C ILE D 280 11.89 29.89 -27.88
N THR D 281 12.02 28.57 -28.09
CA THR D 281 12.88 28.03 -29.12
C THR D 281 12.40 28.46 -30.52
N SER D 282 11.08 28.44 -30.74
CA SER D 282 10.49 28.95 -31.98
C SER D 282 10.87 30.42 -32.19
N ALA D 283 10.73 31.22 -31.12
CA ALA D 283 11.07 32.64 -31.18
C ALA D 283 12.56 32.89 -31.47
N ILE D 284 13.42 32.07 -30.89
CA ILE D 284 14.87 32.18 -31.10
C ILE D 284 15.22 31.83 -32.56
N LEU D 285 14.69 30.71 -33.05
CA LEU D 285 14.87 30.27 -34.44
C LEU D 285 14.47 31.36 -35.46
N ASN D 286 13.41 32.09 -35.14
CA ASN D 286 12.86 33.08 -36.05
C ASN D 286 13.32 34.49 -35.76
N HIS D 287 14.28 34.63 -34.84
CA HIS D 287 14.83 35.92 -34.40
C HIS D 287 13.73 36.96 -34.09
N GLU D 288 12.75 36.54 -33.30
CA GLU D 288 11.65 37.42 -32.88
C GLU D 288 12.11 38.39 -31.81
N ASN D 289 11.46 39.54 -31.72
CA ASN D 289 11.81 40.53 -30.69
C ASN D 289 11.40 40.06 -29.29
N ASP D 290 11.85 40.79 -28.27
CA ASP D 290 11.71 40.38 -26.88
C ASP D 290 10.25 40.18 -26.46
N HIS D 291 9.40 41.13 -26.85
CA HIS D 291 7.98 41.08 -26.54
C HIS D 291 7.28 39.89 -27.20
N ASP D 292 7.55 39.70 -28.49
CA ASP D 292 6.96 38.59 -29.25
C ASP D 292 7.41 37.22 -28.75
N LEU D 293 8.68 37.12 -28.33
CA LEU D 293 9.23 35.89 -27.77
C LEU D 293 8.54 35.54 -26.45
N LEU D 294 8.37 36.53 -25.58
CA LEU D 294 7.72 36.31 -24.29
C LEU D 294 6.22 36.02 -24.43
N LYS D 295 5.55 36.71 -25.36
CA LYS D 295 4.13 36.48 -25.58
C LYS D 295 3.87 35.09 -26.17
N LYS D 296 4.68 34.70 -27.15
CA LYS D 296 4.55 33.36 -27.74
C LYS D 296 4.80 32.25 -26.71
N ALA D 297 5.86 32.41 -25.92
CA ALA D 297 6.20 31.47 -24.86
C ALA D 297 5.03 31.25 -23.89
N ASN D 298 4.43 32.35 -23.42
CA ASN D 298 3.31 32.24 -22.47
C ASN D 298 1.98 31.78 -23.09
N THR D 299 1.70 32.24 -24.31
CA THR D 299 0.53 31.77 -25.05
C THR D 299 0.50 30.24 -25.14
N LEU D 300 1.64 29.65 -25.52
CA LEU D 300 1.74 28.17 -25.66
C LEU D 300 1.61 27.47 -24.31
N GLY D 301 2.22 28.02 -23.27
CA GLY D 301 2.06 27.54 -21.91
C GLY D 301 0.60 27.55 -21.47
N MSE D 302 -0.08 28.66 -21.77
CA MSE D 302 -1.49 28.86 -21.45
C MSE D 302 -2.40 27.89 -22.22
O MSE D 302 -3.27 27.26 -21.64
CB MSE D 302 -1.93 30.30 -21.76
CG MSE D 302 -1.18 31.36 -20.95
SE MSE D 302 -1.75 33.17 -21.50
CE MSE D 302 -3.40 33.08 -20.64
N LEU D 303 -2.18 27.79 -23.54
CA LEU D 303 -2.93 26.86 -24.37
C LEU D 303 -2.80 25.42 -23.85
N ASN D 304 -1.59 25.04 -23.45
CA ASN D 304 -1.42 23.73 -22.82
C ASN D 304 -2.23 23.52 -21.53
N ALA D 305 -2.27 24.54 -20.68
CA ALA D 305 -2.99 24.47 -19.41
C ALA D 305 -4.49 24.25 -19.60
N GLN D 306 -4.99 24.67 -20.76
CA GLN D 306 -6.41 24.57 -21.12
C GLN D 306 -6.82 23.18 -21.62
N GLU D 307 -5.82 22.30 -21.82
CA GLU D 307 -6.01 20.97 -22.39
C GLU D 307 -5.75 19.87 -21.37
N ALA D 308 -6.55 18.81 -21.44
CA ALA D 308 -6.37 17.66 -20.56
C ALA D 308 -5.06 16.91 -20.88
N GLN D 309 -4.71 16.90 -22.17
CA GLN D 309 -3.47 16.29 -22.66
C GLN D 309 -2.23 17.11 -22.27
N THR D 310 -1.10 16.42 -22.13
CA THR D 310 0.13 17.02 -21.64
C THR D 310 1.07 17.30 -22.83
N GLY D 311 1.35 18.59 -23.05
CA GLY D 311 2.17 19.02 -24.18
C GLY D 311 1.34 19.07 -25.44
N TYR D 312 0.23 19.79 -25.37
CA TYR D 312 -0.77 19.87 -26.45
C TYR D 312 -1.39 21.27 -26.50
N VAL D 313 -1.52 21.84 -27.70
CA VAL D 313 -2.03 23.20 -27.87
C VAL D 313 -3.02 23.28 -29.02
N ASN D 314 -4.06 24.11 -28.85
CA ASN D 314 -5.01 24.37 -29.94
C ASN D 314 -4.73 25.75 -30.51
N LEU D 315 -4.15 25.79 -31.69
CA LEU D 315 -3.70 27.04 -32.29
C LEU D 315 -4.84 27.91 -32.79
N ASN D 316 -6.05 27.35 -32.86
CA ASN D 316 -7.23 28.14 -33.20
C ASN D 316 -7.53 29.19 -32.14
N ASN D 317 -7.04 28.95 -30.92
CA ASN D 317 -7.20 29.89 -29.80
C ASN D 317 -5.94 30.72 -29.49
N TYR D 318 -4.92 30.60 -30.33
CA TYR D 318 -3.64 31.31 -30.14
C TYR D 318 -3.76 32.85 -30.14
N ASP D 319 -4.26 33.42 -31.25
CA ASP D 319 -4.34 34.89 -31.38
C ASP D 319 -5.06 35.56 -30.20
N ASP D 320 -6.22 35.02 -29.82
CA ASP D 320 -7.05 35.59 -28.75
C ASP D 320 -6.33 35.72 -27.40
N LEU D 321 -5.49 34.73 -27.08
CA LEU D 321 -4.74 34.74 -25.84
C LEU D 321 -3.48 35.59 -25.94
N PHE D 322 -2.80 35.48 -27.08
CA PHE D 322 -1.58 36.26 -27.36
C PHE D 322 -1.91 37.76 -27.24
N ASN D 323 -3.08 38.15 -27.76
CA ASN D 323 -3.55 39.55 -27.75
C ASN D 323 -3.86 40.10 -26.37
N GLN D 324 -3.99 39.23 -25.38
CA GLN D 324 -4.31 39.65 -24.00
C GLN D 324 -3.09 39.74 -23.08
N ILE D 325 -1.93 39.33 -23.58
CA ILE D 325 -0.72 39.31 -22.76
C ILE D 325 -0.09 40.70 -22.69
N GLU D 326 0.26 41.11 -21.46
CA GLU D 326 0.93 42.37 -21.24
C GLU D 326 2.38 42.12 -20.86
N VAL D 327 3.31 42.73 -21.61
CA VAL D 327 4.73 42.67 -21.30
C VAL D 327 5.22 44.06 -20.88
N LEU D 328 5.73 44.16 -19.66
CA LEU D 328 6.18 45.42 -19.07
C LEU D 328 7.66 45.36 -18.76
N GLU D 329 8.40 46.41 -19.14
CA GLU D 329 9.77 46.60 -18.65
C GLU D 329 9.69 47.08 -17.22
N VAL D 330 10.35 46.36 -16.31
CA VAL D 330 10.36 46.69 -14.90
C VAL D 330 11.79 46.85 -14.38
MG MG E . -4.66 -22.67 -11.52
PG ANP F . -1.88 -21.64 -10.28
O1G ANP F . -3.23 -21.53 -10.93
O2G ANP F . -0.91 -22.47 -11.09
O3G ANP F . -1.26 -20.36 -9.79
PB ANP F . -3.45 -23.70 -8.58
O1B ANP F . -4.30 -23.24 -7.43
O2B ANP F . -4.16 -24.01 -9.89
N3B ANP F . -2.18 -22.51 -8.80
PA ANP F . -2.55 -25.68 -6.65
O1A ANP F . -3.74 -26.55 -6.36
O2A ANP F . -2.16 -24.55 -5.74
O3A ANP F . -2.74 -25.10 -8.16
O5' ANP F . -1.23 -26.58 -6.79
C5' ANP F . -1.13 -27.64 -7.73
C4' ANP F . -0.25 -28.73 -7.13
O4' ANP F . 1.00 -28.18 -6.71
C3' ANP F . -0.85 -29.35 -5.88
O3' ANP F . -1.81 -30.36 -6.13
C2' ANP F . 0.39 -29.84 -5.15
O2' ANP F . 0.87 -31.07 -5.69
C1' ANP F . 1.38 -28.73 -5.45
N9 ANP F . 1.28 -27.72 -4.36
C8 ANP F . 0.63 -26.53 -4.41
N7 ANP F . 0.71 -25.84 -3.25
C5 ANP F . 1.44 -26.61 -2.41
C6 ANP F . 1.92 -26.48 -1.01
N6 ANP F . 1.62 -25.38 -0.28
N1 ANP F . 2.67 -27.50 -0.50
C2 ANP F . 2.97 -28.60 -1.23
N3 ANP F . 2.56 -28.78 -2.50
C4 ANP F . 1.81 -27.83 -3.13
MG MG G . 12.25 -6.51 32.88
PG ANP H . 11.20 -3.35 32.96
O1G ANP H . 11.08 -4.84 32.78
O2G ANP H . 12.17 -2.70 31.99
O3G ANP H . 9.91 -2.58 33.02
PB ANP H . 12.79 -4.42 35.38
O1B ANP H . 12.02 -4.93 36.56
O2B ANP H . 13.26 -5.45 34.40
N3B ANP H . 11.89 -3.14 34.56
PA ANP H . 14.34 -3.04 37.38
O1A ANP H . 15.09 -4.01 38.24
O2A ANP H . 13.03 -2.43 37.83
O3A ANP H . 14.15 -3.72 35.93
O5' ANP H . 15.30 -1.81 37.01
C5' ANP H . 16.57 -2.09 36.44
C4' ANP H . 17.56 -1.05 36.95
O4' ANP H . 16.96 0.25 36.88
C3' ANP H . 17.92 -1.24 38.40
O3' ANP H . 18.95 -2.22 38.60
C2' ANP H . 18.33 0.17 38.79
O2' ANP H . 19.67 0.40 38.34
C1' ANP H . 17.37 1.04 38.00
N9 ANP H . 16.18 1.34 38.85
C8 ANP H . 15.00 0.69 38.81
N7 ANP H . 14.12 1.18 39.71
C5 ANP H . 14.74 2.19 40.36
C6 ANP H . 14.38 3.15 41.43
N6 ANP H . 13.15 3.12 42.00
N1 ANP H . 15.32 4.04 41.82
C2 ANP H . 16.55 4.08 41.25
N3 ANP H . 16.95 3.24 40.27
C4 ANP H . 16.11 2.29 39.79
MG MG I . -26.20 4.36 23.19
MG MG J . -25.30 8.23 18.74
O1 TA6 K . -21.58 5.87 17.25
C1 TA6 K . -20.45 5.25 17.88
C2 TA6 K . -19.15 5.78 17.25
O2 TA6 K . -19.17 5.50 15.84
C3 TA6 K . -17.92 5.15 17.90
O3 TA6 K . -17.63 3.93 17.24
C4 TA6 K . -16.85 6.23 17.71
O4 TA6 K . -16.38 6.35 16.34
C5 TA6 K . -17.67 7.46 18.07
O5 TA6 K . -19.02 7.20 17.51
C6 TA6 K . -17.20 8.76 17.46
O6 TA6 K . -18.00 9.79 18.03
P TA6 K . -17.86 11.30 17.63
O1P TA6 K . -16.36 11.77 18.00
O2P TA6 K . -17.96 11.43 16.02
O3P TA6 K . -18.90 12.15 18.28
PG ANP L . -23.98 5.08 18.91
O1G ANP L . -22.99 4.12 19.55
O2G ANP L . -23.74 6.50 19.35
O3G ANP L . -24.10 4.97 17.41
PB ANP L . -26.59 5.73 20.30
O1B ANP L . -26.17 5.93 21.73
O2B ANP L . -26.62 6.97 19.43
N3B ANP L . -25.52 4.56 19.57
PA ANP L . -28.89 4.25 21.32
O1A ANP L . -30.05 5.08 21.84
O2A ANP L . -27.95 3.57 22.30
O3A ANP L . -28.10 5.16 20.25
O5' ANP L . -29.47 3.11 20.36
C5' ANP L . -30.22 3.42 19.19
C4' ANP L . -31.28 2.34 18.98
O4' ANP L . -30.68 1.03 18.98
C3' ANP L . -32.32 2.27 20.10
O3' ANP L . -33.36 3.22 19.89
C2' ANP L . -32.77 0.82 20.02
O2' ANP L . -33.72 0.66 18.97
C1' ANP L . -31.48 0.08 19.68
N9 ANP L . -30.80 -0.36 20.93
C8 ANP L . -29.75 0.25 21.52
N7 ANP L . -29.37 -0.38 22.66
C5 ANP L . -30.20 -1.43 22.83
C6 ANP L . -30.36 -2.52 23.83
N6 ANP L . -29.53 -2.63 24.91
N1 ANP L . -31.34 -3.43 23.62
C2 ANP L . -32.17 -3.33 22.55
N3 ANP L . -32.08 -2.38 21.61
C4 ANP L . -31.13 -1.42 21.68
MG MG M . 9.16 22.69 -16.01
PG ANP N . 6.25 21.60 -16.63
O1G ANP N . 7.60 21.43 -15.98
O2G ANP N . 6.28 21.93 -18.10
O3G ANP N . 5.22 20.52 -16.34
PB ANP N . 6.56 24.34 -15.25
O1B ANP N . 6.51 24.47 -13.76
O2B ANP N . 7.95 24.36 -15.85
N3B ANP N . 5.61 22.98 -15.77
PA ANP N . 4.79 26.66 -15.33
O1A ANP N . 5.51 27.83 -14.72
O2A ANP N . 3.76 25.92 -14.52
O3A ANP N . 5.83 25.60 -15.98
O5' ANP N . 4.00 27.15 -16.64
C5' ANP N . 4.67 27.81 -17.71
C4' ANP N . 3.72 28.81 -18.36
O4' ANP N . 2.49 28.20 -18.76
C3' ANP N . 3.32 29.93 -17.43
O3' ANP N . 4.31 30.95 -17.44
C2' ANP N . 2.00 30.36 -18.03
O2' ANP N . 2.25 31.21 -19.14
C1' ANP N . 1.37 29.05 -18.51
N9 ANP N . 0.54 28.48 -17.41
C8 ANP N . 0.90 27.51 -16.54
N7 ANP N . -0.07 27.27 -15.65
C5 ANP N . -1.10 28.08 -15.94
C6 ANP N . -2.47 28.35 -15.39
N6 ANP N . -2.93 27.66 -14.32
N1 ANP N . -3.22 29.31 -16.00
C2 ANP N . -2.76 30.02 -17.06
N3 ANP N . -1.55 29.83 -17.60
C4 ANP N . -0.69 28.89 -17.10
#